data_1UG1
#
_entry.id   1UG1
#
_cell.length_a   1.000
_cell.length_b   1.000
_cell.length_c   1.000
_cell.angle_alpha   90.00
_cell.angle_beta   90.00
_cell.angle_gamma   90.00
#
_symmetry.space_group_name_H-M   'P 1'
#
_entity_poly.entity_id   1
_entity_poly.type   'polypeptide(L)'
_entity_poly.pdbx_seq_one_letter_code
;GSSGSSGASLLARYPPEKLFQAERNFNAAQDLDVSLLEGDLVGVIKKKDPMGSQNRWLIDNGVTKGFVYSSFLKPYNPRR
SHSDASSGPSSG
;
_entity_poly.pdbx_strand_id   A
#
# COMPACT_ATOMS: atom_id res chain seq x y z
N GLY A 1 5.02 6.13 -13.56
CA GLY A 1 6.41 6.01 -13.96
C GLY A 1 7.31 5.75 -12.75
N SER A 2 8.38 5.01 -12.99
CA SER A 2 9.32 4.69 -11.95
C SER A 2 8.60 4.02 -10.77
N SER A 3 8.61 2.71 -10.77
CA SER A 3 7.96 1.94 -9.72
C SER A 3 8.75 2.07 -8.42
N GLY A 4 10.04 1.75 -8.50
CA GLY A 4 10.91 1.82 -7.34
C GLY A 4 10.69 3.12 -6.58
N SER A 5 11.05 4.22 -7.23
CA SER A 5 10.90 5.53 -6.61
C SER A 5 9.57 5.60 -5.86
N SER A 6 8.48 5.47 -6.62
CA SER A 6 7.15 5.52 -6.04
C SER A 6 7.13 4.77 -4.71
N GLY A 7 7.48 3.48 -4.78
CA GLY A 7 7.50 2.64 -3.60
C GLY A 7 8.27 3.32 -2.46
N ALA A 8 9.36 3.98 -2.84
CA ALA A 8 10.19 4.67 -1.86
C ALA A 8 9.50 5.97 -1.45
N SER A 9 8.75 6.53 -2.39
CA SER A 9 8.04 7.77 -2.13
C SER A 9 6.81 7.51 -1.26
N LEU A 10 6.22 6.34 -1.47
CA LEU A 10 5.04 5.95 -0.71
C LEU A 10 5.28 6.24 0.77
N LEU A 11 6.53 6.10 1.17
CA LEU A 11 6.91 6.33 2.56
C LEU A 11 6.63 7.80 2.92
N ALA A 12 6.96 8.67 1.99
CA ALA A 12 6.75 10.09 2.19
C ALA A 12 5.30 10.45 1.83
N ARG A 13 4.85 9.88 0.73
CA ARG A 13 3.49 10.11 0.26
C ARG A 13 2.48 9.76 1.36
N TYR A 14 2.64 8.55 1.89
CA TYR A 14 1.76 8.08 2.94
C TYR A 14 2.51 7.89 4.26
N PRO A 15 1.74 7.88 5.37
CA PRO A 15 2.33 7.70 6.69
C PRO A 15 2.75 6.25 6.92
N PRO A 16 3.45 6.03 8.06
CA PRO A 16 3.92 4.69 8.41
C PRO A 16 2.75 3.83 8.92
N GLU A 17 1.81 4.50 9.55
CA GLU A 17 0.64 3.81 10.10
C GLU A 17 -0.30 3.39 8.96
N LYS A 18 0.06 3.80 7.75
CA LYS A 18 -0.75 3.47 6.59
C LYS A 18 0.16 2.89 5.50
N LEU A 19 1.35 2.49 5.92
CA LEU A 19 2.31 1.91 4.99
C LEU A 19 2.20 0.39 5.03
N PHE A 20 1.72 -0.17 3.93
CA PHE A 20 1.55 -1.61 3.84
C PHE A 20 2.20 -2.14 2.55
N GLN A 21 2.81 -3.31 2.68
CA GLN A 21 3.47 -3.93 1.54
C GLN A 21 2.63 -5.11 1.03
N ALA A 22 2.96 -5.54 -0.18
CA ALA A 22 2.26 -6.66 -0.80
C ALA A 22 2.85 -7.98 -0.28
N GLU A 23 1.99 -8.78 0.33
CA GLU A 23 2.41 -10.06 0.86
C GLU A 23 2.81 -11.00 -0.28
N ARG A 24 1.93 -11.08 -1.27
CA ARG A 24 2.19 -11.94 -2.42
C ARG A 24 1.71 -11.25 -3.70
N ASN A 25 2.06 -11.85 -4.83
CA ASN A 25 1.67 -11.31 -6.12
C ASN A 25 0.15 -11.30 -6.23
N PHE A 26 -0.41 -10.10 -6.15
CA PHE A 26 -1.85 -9.94 -6.24
C PHE A 26 -2.30 -9.86 -7.70
N ASN A 27 -3.33 -10.62 -8.02
CA ASN A 27 -3.88 -10.64 -9.36
C ASN A 27 -5.26 -9.99 -9.37
N ALA A 28 -5.38 -8.93 -10.15
CA ALA A 28 -6.65 -8.21 -10.25
C ALA A 28 -7.77 -9.21 -10.51
N ALA A 29 -8.80 -9.12 -9.66
CA ALA A 29 -9.94 -10.00 -9.78
C ALA A 29 -11.11 -9.24 -10.38
N GLN A 30 -11.30 -8.02 -9.88
CA GLN A 30 -12.38 -7.17 -10.36
C GLN A 30 -11.82 -5.95 -11.08
N ASP A 31 -12.72 -5.07 -11.48
CA ASP A 31 -12.32 -3.85 -12.18
C ASP A 31 -11.78 -2.84 -11.16
N LEU A 32 -12.19 -3.02 -9.92
CA LEU A 32 -11.75 -2.14 -8.85
C LEU A 32 -10.38 -2.60 -8.35
N ASP A 33 -10.02 -3.81 -8.74
CA ASP A 33 -8.74 -4.37 -8.33
C ASP A 33 -7.68 -3.99 -9.35
N VAL A 34 -6.42 -4.16 -8.95
CA VAL A 34 -5.31 -3.83 -9.82
C VAL A 34 -4.13 -4.74 -9.48
N SER A 35 -3.45 -5.19 -10.54
CA SER A 35 -2.31 -6.07 -10.38
C SER A 35 -1.22 -5.37 -9.56
N LEU A 36 -0.62 -6.13 -8.65
CA LEU A 36 0.44 -5.60 -7.81
C LEU A 36 1.59 -6.60 -7.75
N LEU A 37 2.64 -6.21 -7.04
CA LEU A 37 3.81 -7.05 -6.90
C LEU A 37 4.11 -7.26 -5.41
N GLU A 38 4.39 -8.50 -5.07
CA GLU A 38 4.70 -8.84 -3.69
C GLU A 38 5.84 -7.96 -3.17
N GLY A 39 6.60 -7.41 -4.11
CA GLY A 39 7.72 -6.55 -3.76
C GLY A 39 7.30 -5.08 -3.79
N ASP A 40 6.14 -4.83 -4.36
CA ASP A 40 5.62 -3.48 -4.46
C ASP A 40 4.97 -3.09 -3.12
N LEU A 41 5.07 -1.81 -2.81
CA LEU A 41 4.50 -1.30 -1.57
C LEU A 41 3.32 -0.37 -1.91
N VAL A 42 2.39 -0.29 -0.97
CA VAL A 42 1.21 0.55 -1.16
C VAL A 42 0.91 1.28 0.16
N GLY A 43 0.12 2.34 0.04
CA GLY A 43 -0.25 3.13 1.20
C GLY A 43 -1.77 3.17 1.38
N VAL A 44 -2.24 2.44 2.38
CA VAL A 44 -3.66 2.38 2.67
C VAL A 44 -4.27 3.78 2.48
N ILE A 45 -5.39 3.80 1.76
CA ILE A 45 -6.08 5.05 1.51
C ILE A 45 -7.37 5.11 2.33
N LYS A 46 -8.20 4.08 2.14
CA LYS A 46 -9.46 4.01 2.87
C LYS A 46 -9.64 2.59 3.41
N LYS A 47 -10.11 2.52 4.65
CA LYS A 47 -10.33 1.25 5.30
C LYS A 47 -11.79 0.85 5.16
N LYS A 48 -12.35 1.15 3.99
CA LYS A 48 -13.74 0.84 3.72
C LYS A 48 -13.94 0.68 2.20
N ASP A 49 -15.20 0.57 1.81
CA ASP A 49 -15.52 0.43 0.41
C ASP A 49 -17.01 0.76 0.20
N PRO A 50 -17.34 1.12 -1.06
CA PRO A 50 -18.71 1.46 -1.40
C PRO A 50 -19.59 0.20 -1.50
N MET A 51 -19.68 -0.49 -0.37
CA MET A 51 -20.48 -1.70 -0.31
C MET A 51 -20.76 -2.10 1.15
N GLY A 52 -19.73 -1.99 1.97
CA GLY A 52 -19.84 -2.33 3.37
C GLY A 52 -19.02 -3.58 3.71
N SER A 53 -17.70 -3.41 3.66
CA SER A 53 -16.79 -4.50 3.95
C SER A 53 -15.40 -3.95 4.28
N GLN A 54 -14.93 -4.33 5.47
CA GLN A 54 -13.63 -3.88 5.93
C GLN A 54 -12.53 -4.82 5.40
N ASN A 55 -12.97 -5.91 4.80
CA ASN A 55 -12.05 -6.88 4.25
C ASN A 55 -11.26 -6.25 3.09
N ARG A 56 -11.99 -5.51 2.27
CA ARG A 56 -11.38 -4.85 1.13
C ARG A 56 -11.12 -3.38 1.45
N TRP A 57 -9.87 -2.98 1.27
CA TRP A 57 -9.47 -1.61 1.54
C TRP A 57 -8.95 -1.00 0.24
N LEU A 58 -8.94 0.32 0.19
CA LEU A 58 -8.48 1.03 -0.99
C LEU A 58 -7.03 1.49 -0.77
N ILE A 59 -6.17 1.07 -1.68
CA ILE A 59 -4.77 1.42 -1.60
C ILE A 59 -4.33 2.05 -2.92
N ASP A 60 -3.16 2.67 -2.89
CA ASP A 60 -2.61 3.32 -4.07
C ASP A 60 -1.29 2.64 -4.45
N ASN A 61 -1.24 2.17 -5.68
CA ASN A 61 -0.05 1.51 -6.19
C ASN A 61 0.85 2.53 -6.88
N GLY A 62 0.85 3.74 -6.34
CA GLY A 62 1.65 4.82 -6.88
C GLY A 62 1.39 4.97 -8.38
N VAL A 63 0.23 4.51 -8.81
CA VAL A 63 -0.15 4.60 -10.21
C VAL A 63 -1.65 4.89 -10.31
N THR A 64 -2.43 4.08 -9.60
CA THR A 64 -3.87 4.25 -9.60
C THR A 64 -4.46 3.81 -8.27
N LYS A 65 -5.79 3.70 -8.24
CA LYS A 65 -6.49 3.30 -7.04
C LYS A 65 -7.11 1.92 -7.26
N GLY A 66 -6.71 0.97 -6.42
CA GLY A 66 -7.23 -0.37 -6.52
C GLY A 66 -7.73 -0.87 -5.16
N PHE A 67 -8.50 -1.94 -5.20
CA PHE A 67 -9.05 -2.52 -3.98
C PHE A 67 -8.50 -3.93 -3.76
N VAL A 68 -7.92 -4.12 -2.58
CA VAL A 68 -7.36 -5.42 -2.23
C VAL A 68 -7.66 -5.71 -0.75
N TYR A 69 -7.56 -6.98 -0.41
CA TYR A 69 -7.81 -7.41 0.96
C TYR A 69 -6.55 -7.31 1.81
N SER A 70 -6.67 -6.62 2.93
CA SER A 70 -5.55 -6.45 3.84
C SER A 70 -4.76 -7.75 3.94
N SER A 71 -5.47 -8.86 3.76
CA SER A 71 -4.84 -10.17 3.82
C SER A 71 -3.65 -10.24 2.87
N PHE A 72 -3.88 -9.75 1.66
CA PHE A 72 -2.84 -9.75 0.64
C PHE A 72 -1.77 -8.71 0.96
N LEU A 73 -2.13 -7.77 1.82
CA LEU A 73 -1.21 -6.72 2.22
C LEU A 73 -0.64 -7.05 3.61
N LYS A 74 0.35 -6.26 4.00
CA LYS A 74 0.99 -6.45 5.29
C LYS A 74 1.42 -5.10 5.85
N PRO A 75 1.38 -4.99 7.20
CA PRO A 75 1.76 -3.75 7.88
C PRO A 75 3.28 -3.58 7.87
N TYR A 76 3.74 -2.71 6.98
CA TYR A 76 5.17 -2.45 6.87
C TYR A 76 5.73 -1.90 8.17
N ASN A 77 7.03 -1.63 8.17
CA ASN A 77 7.70 -1.10 9.34
C ASN A 77 9.00 -0.43 8.91
N PRO A 78 8.89 0.88 8.57
CA PRO A 78 10.05 1.64 8.14
C PRO A 78 10.93 2.01 9.33
N ARG A 79 10.52 1.54 10.50
CA ARG A 79 11.26 1.81 11.72
C ARG A 79 12.65 1.18 11.64
N ARG A 80 13.62 1.91 12.17
CA ARG A 80 15.00 1.43 12.17
C ARG A 80 15.62 1.61 10.78
N SER A 81 16.03 2.84 10.51
CA SER A 81 16.64 3.16 9.23
C SER A 81 15.88 2.46 8.10
N HIS A 82 14.90 3.16 7.56
CA HIS A 82 14.09 2.62 6.48
C HIS A 82 13.13 3.69 5.97
N SER A 83 13.71 4.77 5.44
CA SER A 83 12.92 5.85 4.92
C SER A 83 13.70 6.60 3.83
N ASP A 84 12.96 7.12 2.87
CA ASP A 84 13.56 7.85 1.76
C ASP A 84 12.53 8.79 1.15
N ALA A 85 13.02 9.92 0.65
CA ALA A 85 12.15 10.91 0.04
C ALA A 85 12.78 11.40 -1.26
N SER A 86 12.03 12.23 -1.97
CA SER A 86 12.51 12.77 -3.24
C SER A 86 11.64 13.96 -3.65
N SER A 87 12.12 14.68 -4.65
CA SER A 87 11.40 15.84 -5.16
C SER A 87 11.63 15.99 -6.67
N GLY A 88 10.86 16.89 -7.26
CA GLY A 88 10.97 17.13 -8.69
C GLY A 88 10.59 18.57 -9.03
N PRO A 89 11.57 19.29 -9.64
CA PRO A 89 11.35 20.68 -10.02
C PRO A 89 10.46 20.78 -11.26
N SER A 90 10.18 22.00 -11.66
CA SER A 90 9.35 22.25 -12.82
C SER A 90 10.22 22.69 -14.00
N SER A 91 9.66 22.54 -15.20
CA SER A 91 10.36 22.91 -16.41
C SER A 91 9.36 23.31 -17.50
N GLY A 92 9.90 23.86 -18.58
CA GLY A 92 9.07 24.28 -19.69
C GLY A 92 9.51 23.61 -20.99
N GLY A 1 4.61 6.13 -15.45
CA GLY A 1 5.55 7.10 -14.90
C GLY A 1 6.60 6.43 -14.02
N SER A 2 6.50 6.70 -12.72
CA SER A 2 7.43 6.14 -11.76
C SER A 2 6.81 4.90 -11.10
N SER A 3 7.44 3.76 -11.36
CA SER A 3 6.96 2.51 -10.81
C SER A 3 7.70 2.20 -9.49
N GLY A 4 9.01 2.05 -9.62
CA GLY A 4 9.85 1.75 -8.46
C GLY A 4 9.96 2.97 -7.55
N SER A 5 10.54 4.03 -8.10
CA SER A 5 10.72 5.26 -7.34
C SER A 5 9.49 5.52 -6.48
N SER A 6 8.32 5.39 -7.10
CA SER A 6 7.07 5.61 -6.42
C SER A 6 7.01 4.74 -5.16
N GLY A 7 7.18 3.45 -5.36
CA GLY A 7 7.14 2.50 -4.25
C GLY A 7 7.96 3.02 -3.06
N ALA A 8 9.05 3.69 -3.39
CA ALA A 8 9.93 4.25 -2.36
C ALA A 8 9.31 5.53 -1.82
N SER A 9 8.65 6.26 -2.71
CA SER A 9 8.02 7.51 -2.33
C SER A 9 6.83 7.25 -1.41
N LEU A 10 6.19 6.10 -1.64
CA LEU A 10 5.04 5.71 -0.84
C LEU A 10 5.41 5.77 0.65
N LEU A 11 6.71 5.64 0.90
CA LEU A 11 7.21 5.69 2.27
C LEU A 11 7.08 7.11 2.82
N ALA A 12 7.10 8.06 1.90
CA ALA A 12 6.98 9.46 2.27
C ALA A 12 5.56 9.95 1.98
N ARG A 13 5.03 9.49 0.86
CA ARG A 13 3.69 9.87 0.45
C ARG A 13 2.70 9.59 1.58
N TYR A 14 2.68 8.33 2.01
CA TYR A 14 1.78 7.93 3.07
C TYR A 14 2.55 7.66 4.37
N PRO A 15 1.79 7.63 5.50
CA PRO A 15 2.39 7.39 6.79
C PRO A 15 2.76 5.92 6.97
N PRO A 16 3.47 5.63 8.08
CA PRO A 16 3.89 4.26 8.38
C PRO A 16 2.71 3.42 8.88
N GLU A 17 1.73 4.12 9.45
CA GLU A 17 0.55 3.46 9.98
C GLU A 17 -0.43 3.14 8.84
N LYS A 18 -0.06 3.57 7.65
CA LYS A 18 -0.88 3.34 6.48
C LYS A 18 -0.01 2.79 5.34
N LEU A 19 1.21 2.43 5.70
CA LEU A 19 2.14 1.89 4.73
C LEU A 19 2.12 0.37 4.80
N PHE A 20 1.61 -0.24 3.74
CA PHE A 20 1.52 -1.69 3.67
C PHE A 20 2.12 -2.21 2.36
N GLN A 21 2.79 -3.34 2.47
CA GLN A 21 3.42 -3.96 1.32
C GLN A 21 2.60 -5.15 0.84
N ALA A 22 2.92 -5.60 -0.37
CA ALA A 22 2.21 -6.72 -0.96
C ALA A 22 2.83 -8.03 -0.45
N GLU A 23 2.02 -8.80 0.25
CA GLU A 23 2.47 -10.07 0.80
C GLU A 23 2.84 -11.03 -0.34
N ARG A 24 2.02 -11.02 -1.38
CA ARG A 24 2.25 -11.88 -2.52
C ARG A 24 1.83 -11.17 -3.81
N ASN A 25 2.17 -11.79 -4.93
CA ASN A 25 1.83 -11.23 -6.23
C ASN A 25 0.32 -11.25 -6.41
N PHE A 26 -0.29 -10.12 -6.09
CA PHE A 26 -1.73 -9.99 -6.22
C PHE A 26 -2.15 -9.82 -7.68
N ASN A 27 -3.25 -10.48 -8.03
CA ASN A 27 -3.75 -10.42 -9.39
C ASN A 27 -5.15 -9.78 -9.37
N ALA A 28 -5.31 -8.79 -10.25
CA ALA A 28 -6.58 -8.10 -10.35
C ALA A 28 -7.68 -9.08 -10.76
N ALA A 29 -8.75 -9.08 -9.98
CA ALA A 29 -9.87 -9.97 -10.24
C ALA A 29 -11.03 -9.15 -10.80
N GLN A 30 -11.29 -8.02 -10.14
CA GLN A 30 -12.38 -7.16 -10.56
C GLN A 30 -11.82 -5.96 -11.33
N ASP A 31 -12.74 -5.07 -11.71
CA ASP A 31 -12.36 -3.88 -12.46
C ASP A 31 -11.80 -2.84 -11.48
N LEU A 32 -12.04 -3.08 -10.20
CA LEU A 32 -11.57 -2.17 -9.17
C LEU A 32 -10.20 -2.64 -8.67
N ASP A 33 -9.99 -3.94 -8.73
CA ASP A 33 -8.73 -4.52 -8.30
C ASP A 33 -7.62 -4.08 -9.26
N VAL A 34 -6.38 -4.27 -8.80
CA VAL A 34 -5.23 -3.92 -9.60
C VAL A 34 -4.05 -4.81 -9.23
N SER A 35 -3.44 -5.38 -10.25
CA SER A 35 -2.31 -6.27 -10.05
C SER A 35 -1.24 -5.56 -9.21
N LEU A 36 -0.51 -6.36 -8.45
CA LEU A 36 0.54 -5.82 -7.59
C LEU A 36 1.63 -6.88 -7.42
N LEU A 37 2.85 -6.40 -7.22
CA LEU A 37 3.99 -7.28 -7.04
C LEU A 37 4.26 -7.46 -5.55
N GLU A 38 4.60 -8.69 -5.18
CA GLU A 38 4.88 -9.01 -3.80
C GLU A 38 5.88 -8.01 -3.21
N GLY A 39 6.62 -7.38 -4.12
CA GLY A 39 7.62 -6.39 -3.71
C GLY A 39 7.04 -4.98 -3.75
N ASP A 40 6.01 -4.81 -4.57
CA ASP A 40 5.37 -3.52 -4.71
C ASP A 40 4.81 -3.09 -3.35
N LEU A 41 4.83 -1.78 -3.12
CA LEU A 41 4.33 -1.23 -1.88
C LEU A 41 3.17 -0.29 -2.17
N VAL A 42 2.27 -0.17 -1.21
CA VAL A 42 1.11 0.69 -1.35
C VAL A 42 0.82 1.37 0.00
N GLY A 43 -0.01 2.41 -0.08
CA GLY A 43 -0.38 3.15 1.12
C GLY A 43 -1.89 3.14 1.32
N VAL A 44 -2.31 2.51 2.41
CA VAL A 44 -3.73 2.42 2.72
C VAL A 44 -4.37 3.80 2.56
N ILE A 45 -5.50 3.82 1.86
CA ILE A 45 -6.22 5.06 1.63
C ILE A 45 -7.49 5.07 2.46
N LYS A 46 -8.28 4.02 2.32
CA LYS A 46 -9.52 3.90 3.05
C LYS A 46 -9.63 2.50 3.66
N LYS A 47 -10.15 2.44 4.87
CA LYS A 47 -10.30 1.18 5.56
C LYS A 47 -11.73 0.67 5.38
N LYS A 48 -12.33 1.09 4.28
CA LYS A 48 -13.70 0.69 3.97
C LYS A 48 -13.98 0.96 2.49
N ASP A 49 -15.13 0.46 2.04
CA ASP A 49 -15.53 0.65 0.66
C ASP A 49 -16.95 1.21 0.61
N PRO A 50 -17.29 1.85 -0.53
CA PRO A 50 -18.60 2.44 -0.72
C PRO A 50 -19.66 1.35 -0.98
N MET A 51 -19.19 0.11 -1.00
CA MET A 51 -20.06 -1.02 -1.23
C MET A 51 -20.40 -1.74 0.07
N GLY A 52 -19.40 -1.80 0.95
CA GLY A 52 -19.58 -2.45 2.24
C GLY A 52 -18.66 -3.67 2.36
N SER A 53 -17.37 -3.40 2.39
CA SER A 53 -16.38 -4.46 2.52
C SER A 53 -15.20 -3.98 3.36
N GLN A 54 -15.34 -4.15 4.67
CA GLN A 54 -14.30 -3.75 5.60
C GLN A 54 -12.99 -4.47 5.27
N ASN A 55 -13.06 -5.79 5.28
CA ASN A 55 -11.90 -6.60 4.99
C ASN A 55 -11.15 -6.00 3.80
N ARG A 56 -11.93 -5.44 2.88
CA ARG A 56 -11.36 -4.85 1.68
C ARG A 56 -11.01 -3.37 1.95
N TRP A 57 -9.75 -3.05 1.70
CA TRP A 57 -9.28 -1.69 1.90
C TRP A 57 -8.81 -1.14 0.55
N LEU A 58 -8.87 0.18 0.43
CA LEU A 58 -8.45 0.83 -0.80
C LEU A 58 -7.02 1.35 -0.63
N ILE A 59 -6.15 0.90 -1.52
CA ILE A 59 -4.76 1.31 -1.49
C ILE A 59 -4.39 1.96 -2.82
N ASP A 60 -3.26 2.66 -2.81
CA ASP A 60 -2.79 3.33 -4.01
C ASP A 60 -1.48 2.67 -4.47
N ASN A 61 -1.50 2.22 -5.72
CA ASN A 61 -0.32 1.58 -6.30
C ASN A 61 0.50 2.61 -7.06
N GLY A 62 0.64 3.78 -6.45
CA GLY A 62 1.40 4.87 -7.06
C GLY A 62 1.05 5.01 -8.54
N VAL A 63 -0.20 4.74 -8.85
CA VAL A 63 -0.68 4.83 -10.22
C VAL A 63 -2.19 5.05 -10.21
N THR A 64 -2.88 4.23 -9.43
CA THR A 64 -4.33 4.33 -9.34
C THR A 64 -4.79 3.86 -7.96
N LYS A 65 -6.02 3.37 -7.93
CA LYS A 65 -6.61 2.88 -6.68
C LYS A 65 -7.14 1.47 -6.90
N GLY A 66 -6.69 0.57 -6.04
CA GLY A 66 -7.12 -0.82 -6.12
C GLY A 66 -7.59 -1.34 -4.76
N PHE A 67 -8.60 -2.19 -4.80
CA PHE A 67 -9.16 -2.75 -3.59
C PHE A 67 -8.62 -4.16 -3.34
N VAL A 68 -7.92 -4.32 -2.23
CA VAL A 68 -7.35 -5.61 -1.88
C VAL A 68 -7.52 -5.84 -0.38
N TYR A 69 -7.67 -7.11 -0.01
CA TYR A 69 -7.85 -7.48 1.38
C TYR A 69 -6.53 -7.36 2.14
N SER A 70 -6.60 -6.66 3.26
CA SER A 70 -5.43 -6.46 4.09
C SER A 70 -4.62 -7.76 4.19
N SER A 71 -5.34 -8.86 4.06
CA SER A 71 -4.71 -10.17 4.12
C SER A 71 -3.53 -10.23 3.15
N PHE A 72 -3.81 -9.85 1.91
CA PHE A 72 -2.79 -9.86 0.88
C PHE A 72 -1.74 -8.77 1.13
N LEU A 73 -2.08 -7.88 2.05
CA LEU A 73 -1.19 -6.79 2.39
C LEU A 73 -0.56 -7.06 3.76
N LYS A 74 0.50 -6.31 4.04
CA LYS A 74 1.20 -6.46 5.30
C LYS A 74 1.69 -5.09 5.78
N PRO A 75 1.71 -4.92 7.13
CA PRO A 75 2.16 -3.67 7.72
C PRO A 75 3.68 -3.53 7.64
N TYR A 76 4.12 -2.64 6.76
CA TYR A 76 5.54 -2.41 6.58
C TYR A 76 6.22 -2.12 7.92
N ASN A 77 7.53 -1.90 7.85
CA ASN A 77 8.31 -1.62 9.04
C ASN A 77 9.67 -1.03 8.64
N PRO A 78 9.76 0.32 8.69
CA PRO A 78 10.99 1.00 8.33
C PRO A 78 12.04 0.85 9.43
N ARG A 79 11.67 0.11 10.46
CA ARG A 79 12.57 -0.12 11.58
C ARG A 79 13.02 1.20 12.18
N ARG A 80 12.20 1.72 13.09
CA ARG A 80 12.51 2.97 13.75
C ARG A 80 13.19 2.72 15.09
N SER A 81 14.49 2.50 15.03
CA SER A 81 15.26 2.23 16.24
C SER A 81 14.47 1.34 17.18
N HIS A 82 14.34 0.07 16.78
CA HIS A 82 13.61 -0.89 17.58
C HIS A 82 13.92 -2.31 17.10
N SER A 83 15.22 -2.55 16.94
CA SER A 83 15.68 -3.86 16.49
C SER A 83 17.19 -3.97 16.65
N ASP A 84 17.69 -5.18 16.42
CA ASP A 84 19.12 -5.43 16.55
C ASP A 84 19.59 -6.26 15.35
N ALA A 85 20.04 -5.56 14.32
CA ALA A 85 20.51 -6.21 13.12
C ALA A 85 22.01 -6.46 13.23
N SER A 86 22.52 -7.31 12.36
CA SER A 86 23.93 -7.64 12.35
C SER A 86 24.28 -8.43 11.08
N SER A 87 25.01 -7.77 10.19
CA SER A 87 25.42 -8.40 8.95
C SER A 87 25.81 -9.86 9.20
N GLY A 88 26.80 -10.04 10.06
CA GLY A 88 27.28 -11.37 10.39
C GLY A 88 27.46 -12.22 9.13
N PRO A 89 28.65 -12.08 8.52
CA PRO A 89 28.97 -12.82 7.30
C PRO A 89 29.26 -14.29 7.63
N SER A 90 29.41 -15.07 6.57
CA SER A 90 29.70 -16.49 6.73
C SER A 90 30.89 -16.88 5.85
N SER A 91 30.74 -16.66 4.56
CA SER A 91 31.79 -16.99 3.62
C SER A 91 31.44 -16.42 2.23
N GLY A 92 32.48 -16.28 1.41
CA GLY A 92 32.30 -15.76 0.07
C GLY A 92 32.57 -16.84 -0.99
N GLY A 1 9.84 4.16 -17.05
CA GLY A 1 9.02 4.30 -15.85
C GLY A 1 9.91 4.50 -14.61
N SER A 2 9.29 4.37 -13.45
CA SER A 2 10.00 4.53 -12.19
C SER A 2 9.19 3.92 -11.05
N SER A 3 9.46 2.65 -10.79
CA SER A 3 8.76 1.94 -9.73
C SER A 3 9.39 2.27 -8.37
N GLY A 4 10.69 2.03 -8.29
CA GLY A 4 11.42 2.31 -7.06
C GLY A 4 11.04 3.67 -6.48
N SER A 5 11.25 4.70 -7.30
CA SER A 5 10.94 6.05 -6.88
C SER A 5 9.59 6.07 -6.15
N SER A 6 8.55 5.72 -6.89
CA SER A 6 7.20 5.70 -6.32
C SER A 6 7.24 5.10 -4.93
N GLY A 7 7.73 3.87 -4.86
CA GLY A 7 7.83 3.17 -3.58
C GLY A 7 8.60 4.00 -2.55
N ALA A 8 9.66 4.64 -3.03
CA ALA A 8 10.48 5.47 -2.18
C ALA A 8 9.72 6.75 -1.82
N SER A 9 8.78 7.10 -2.67
CA SER A 9 7.98 8.29 -2.46
C SER A 9 6.74 7.95 -1.62
N LEU A 10 6.35 6.69 -1.70
CA LEU A 10 5.18 6.22 -0.95
C LEU A 10 5.41 6.47 0.54
N LEU A 11 6.69 6.57 0.90
CA LEU A 11 7.04 6.80 2.30
C LEU A 11 6.75 8.25 2.65
N ALA A 12 7.19 9.15 1.77
CA ALA A 12 6.99 10.58 1.98
C ALA A 12 5.53 10.93 1.66
N ARG A 13 4.90 10.05 0.90
CA ARG A 13 3.52 10.26 0.51
C ARG A 13 2.57 9.79 1.62
N TYR A 14 2.82 8.58 2.09
CA TYR A 14 2.01 8.00 3.15
C TYR A 14 2.85 7.74 4.40
N PRO A 15 2.15 7.72 5.56
CA PRO A 15 2.81 7.48 6.83
C PRO A 15 3.17 6.00 6.99
N PRO A 16 3.93 5.70 8.08
CA PRO A 16 4.34 4.34 8.35
C PRO A 16 3.18 3.51 8.91
N GLU A 17 2.23 4.22 9.49
CA GLU A 17 1.05 3.57 10.06
C GLU A 17 0.06 3.20 8.95
N LYS A 18 0.40 3.60 7.74
CA LYS A 18 -0.44 3.33 6.60
C LYS A 18 0.41 2.72 5.48
N LEU A 19 1.63 2.38 5.82
CA LEU A 19 2.55 1.79 4.85
C LEU A 19 2.38 0.27 4.86
N PHE A 20 1.84 -0.23 3.75
CA PHE A 20 1.62 -1.66 3.62
C PHE A 20 2.21 -2.18 2.31
N GLN A 21 2.81 -3.36 2.40
CA GLN A 21 3.42 -3.97 1.23
C GLN A 21 2.54 -5.10 0.70
N ALA A 22 2.85 -5.55 -0.51
CA ALA A 22 2.10 -6.62 -1.14
C ALA A 22 2.61 -7.97 -0.64
N GLU A 23 1.86 -8.55 0.28
CA GLU A 23 2.23 -9.84 0.84
C GLU A 23 2.70 -10.79 -0.26
N ARG A 24 1.86 -10.92 -1.28
CA ARG A 24 2.17 -11.78 -2.41
C ARG A 24 1.74 -11.13 -3.72
N ASN A 25 2.08 -11.78 -4.81
CA ASN A 25 1.73 -11.28 -6.12
C ASN A 25 0.22 -11.22 -6.27
N PHE A 26 -0.33 -10.05 -5.94
CA PHE A 26 -1.76 -9.84 -6.02
C PHE A 26 -2.23 -9.77 -7.48
N ASN A 27 -3.35 -10.43 -7.74
CA ASN A 27 -3.91 -10.44 -9.09
C ASN A 27 -5.29 -9.77 -9.06
N ALA A 28 -5.42 -8.73 -9.86
CA ALA A 28 -6.67 -8.00 -9.95
C ALA A 28 -7.80 -8.98 -10.25
N ALA A 29 -8.86 -8.88 -9.45
CA ALA A 29 -10.01 -9.74 -9.61
C ALA A 29 -11.17 -8.93 -10.21
N GLN A 30 -11.40 -7.77 -9.62
CA GLN A 30 -12.47 -6.89 -10.09
C GLN A 30 -11.88 -5.67 -10.81
N ASP A 31 -12.77 -4.75 -11.16
CA ASP A 31 -12.36 -3.54 -11.84
C ASP A 31 -11.79 -2.56 -10.82
N LEU A 32 -12.05 -2.84 -9.56
CA LEU A 32 -11.56 -1.99 -8.49
C LEU A 32 -10.24 -2.54 -7.98
N ASP A 33 -9.91 -3.74 -8.44
CA ASP A 33 -8.66 -4.38 -8.04
C ASP A 33 -7.60 -4.14 -9.11
N VAL A 34 -6.34 -4.14 -8.67
CA VAL A 34 -5.23 -3.93 -9.58
C VAL A 34 -4.08 -4.86 -9.20
N SER A 35 -3.44 -5.41 -10.22
CA SER A 35 -2.32 -6.32 -10.00
C SER A 35 -1.22 -5.60 -9.22
N LEU A 36 -0.50 -6.38 -8.42
CA LEU A 36 0.58 -5.84 -7.63
C LEU A 36 1.66 -6.92 -7.43
N LEU A 37 2.88 -6.46 -7.23
CA LEU A 37 4.00 -7.37 -7.03
C LEU A 37 4.22 -7.56 -5.52
N GLU A 38 4.60 -8.77 -5.16
CA GLU A 38 4.85 -9.10 -3.76
C GLU A 38 5.80 -8.08 -3.15
N GLY A 39 6.54 -7.41 -4.01
CA GLY A 39 7.50 -6.41 -3.57
C GLY A 39 6.89 -5.00 -3.63
N ASP A 40 5.94 -4.85 -4.56
CA ASP A 40 5.28 -3.56 -4.72
C ASP A 40 4.71 -3.11 -3.38
N LEU A 41 4.85 -1.81 -3.12
CA LEU A 41 4.35 -1.25 -1.89
C LEU A 41 3.19 -0.30 -2.20
N VAL A 42 2.34 -0.12 -1.21
CA VAL A 42 1.18 0.75 -1.36
C VAL A 42 0.85 1.39 0.00
N GLY A 43 0.02 2.42 -0.07
CA GLY A 43 -0.38 3.13 1.14
C GLY A 43 -1.91 3.10 1.30
N VAL A 44 -2.33 2.44 2.36
CA VAL A 44 -3.75 2.33 2.65
C VAL A 44 -4.40 3.72 2.57
N ILE A 45 -5.52 3.77 1.88
CA ILE A 45 -6.24 5.02 1.71
C ILE A 45 -7.60 4.92 2.42
N LYS A 46 -8.37 3.94 2.01
CA LYS A 46 -9.68 3.73 2.59
C LYS A 46 -9.73 2.34 3.24
N LYS A 47 -10.36 2.29 4.41
CA LYS A 47 -10.49 1.04 5.14
C LYS A 47 -11.89 0.47 4.94
N LYS A 48 -12.47 0.81 3.79
CA LYS A 48 -13.81 0.34 3.47
C LYS A 48 -14.12 0.69 2.01
N ASP A 49 -15.01 -0.11 1.43
CA ASP A 49 -15.40 0.11 0.04
C ASP A 49 -16.78 0.76 0.00
N PRO A 50 -17.11 1.36 -1.18
CA PRO A 50 -18.38 2.02 -1.35
C PRO A 50 -19.51 1.00 -1.52
N MET A 51 -19.71 0.20 -0.48
CA MET A 51 -20.75 -0.81 -0.50
C MET A 51 -20.95 -1.42 0.88
N GLY A 52 -19.89 -2.05 1.38
CA GLY A 52 -19.94 -2.69 2.68
C GLY A 52 -18.98 -3.87 2.76
N SER A 53 -17.69 -3.54 2.78
CA SER A 53 -16.67 -4.57 2.85
C SER A 53 -15.44 -4.04 3.60
N GLN A 54 -15.36 -4.43 4.86
CA GLN A 54 -14.25 -4.00 5.71
C GLN A 54 -13.02 -4.87 5.46
N ASN A 55 -13.26 -5.99 4.80
CA ASN A 55 -12.20 -6.92 4.49
C ASN A 55 -11.38 -6.40 3.30
N ARG A 56 -12.01 -5.51 2.55
CA ARG A 56 -11.37 -4.92 1.39
C ARG A 56 -11.03 -3.46 1.66
N TRP A 57 -9.75 -3.14 1.53
CA TRP A 57 -9.27 -1.78 1.75
C TRP A 57 -8.77 -1.24 0.41
N LEU A 58 -8.94 0.07 0.24
CA LEU A 58 -8.50 0.72 -0.98
C LEU A 58 -7.09 1.29 -0.77
N ILE A 59 -6.22 0.98 -1.72
CA ILE A 59 -4.85 1.44 -1.66
C ILE A 59 -4.44 1.98 -3.03
N ASP A 60 -3.38 2.78 -3.02
CA ASP A 60 -2.87 3.36 -4.25
C ASP A 60 -1.49 2.77 -4.57
N ASN A 61 -1.37 2.28 -5.79
CA ASN A 61 -0.12 1.68 -6.24
C ASN A 61 0.73 2.74 -6.93
N GLY A 62 0.72 3.94 -6.36
CA GLY A 62 1.48 5.05 -6.92
C GLY A 62 1.19 5.20 -8.42
N VAL A 63 0.03 4.73 -8.82
CA VAL A 63 -0.38 4.81 -10.21
C VAL A 63 -1.89 5.02 -10.29
N THR A 64 -2.62 4.17 -9.56
CA THR A 64 -4.07 4.24 -9.53
C THR A 64 -4.60 3.76 -8.19
N LYS A 65 -5.91 3.56 -8.15
CA LYS A 65 -6.56 3.09 -6.93
C LYS A 65 -7.02 1.65 -7.12
N GLY A 66 -6.52 0.78 -6.27
CA GLY A 66 -6.86 -0.63 -6.34
C GLY A 66 -7.33 -1.15 -4.97
N PHE A 67 -8.33 -2.01 -5.01
CA PHE A 67 -8.88 -2.57 -3.79
C PHE A 67 -8.31 -3.98 -3.54
N VAL A 68 -7.65 -4.12 -2.39
CA VAL A 68 -7.06 -5.39 -2.01
C VAL A 68 -7.33 -5.65 -0.53
N TYR A 69 -7.46 -6.93 -0.21
CA TYR A 69 -7.72 -7.34 1.15
C TYR A 69 -6.44 -7.25 2.00
N SER A 70 -6.56 -6.54 3.12
CA SER A 70 -5.43 -6.37 4.02
C SER A 70 -4.63 -7.67 4.10
N SER A 71 -5.34 -8.78 3.94
CA SER A 71 -4.72 -10.09 4.00
C SER A 71 -3.54 -10.15 3.02
N PHE A 72 -3.81 -9.73 1.79
CA PHE A 72 -2.79 -9.73 0.76
C PHE A 72 -1.76 -8.61 1.00
N LEU A 73 -2.01 -7.83 2.05
CA LEU A 73 -1.12 -6.74 2.39
C LEU A 73 -0.49 -7.01 3.75
N LYS A 74 0.65 -6.38 3.98
CA LYS A 74 1.36 -6.54 5.24
C LYS A 74 1.79 -5.17 5.76
N PRO A 75 1.81 -5.05 7.11
CA PRO A 75 2.19 -3.80 7.75
C PRO A 75 3.72 -3.61 7.68
N TYR A 76 4.13 -2.81 6.70
CA TYR A 76 5.55 -2.53 6.51
C TYR A 76 6.14 -1.91 7.77
N ASN A 77 7.44 -1.63 7.70
CA ASN A 77 8.15 -1.02 8.82
C ASN A 77 9.52 -0.54 8.35
N PRO A 78 9.55 0.76 7.95
CA PRO A 78 10.79 1.36 7.48
C PRO A 78 11.74 1.66 8.64
N ARG A 79 11.28 1.29 9.83
CA ARG A 79 12.08 1.51 11.03
C ARG A 79 13.30 0.58 11.04
N ARG A 80 14.35 1.05 10.39
CA ARG A 80 15.58 0.28 10.32
C ARG A 80 16.72 1.15 9.77
N SER A 81 16.54 1.62 8.55
CA SER A 81 17.53 2.45 7.91
C SER A 81 16.94 3.83 7.59
N HIS A 82 17.81 4.73 7.18
CA HIS A 82 17.40 6.09 6.85
C HIS A 82 17.14 6.19 5.34
N SER A 83 16.34 7.19 4.98
CA SER A 83 16.01 7.41 3.59
C SER A 83 16.24 8.87 3.22
N ASP A 84 16.20 9.13 1.92
CA ASP A 84 16.40 10.49 1.42
C ASP A 84 15.51 10.71 0.20
N ALA A 85 15.66 9.82 -0.78
CA ALA A 85 14.88 9.92 -2.01
C ALA A 85 15.20 11.23 -2.70
N SER A 86 14.64 11.39 -3.89
CA SER A 86 14.84 12.59 -4.67
C SER A 86 13.50 13.18 -5.10
N SER A 87 12.74 12.37 -5.83
CA SER A 87 11.44 12.80 -6.31
C SER A 87 11.50 14.26 -6.76
N GLY A 88 11.96 14.45 -7.98
CA GLY A 88 12.07 15.78 -8.55
C GLY A 88 11.80 15.77 -10.06
N PRO A 89 10.69 16.43 -10.45
CA PRO A 89 10.31 16.50 -11.85
C PRO A 89 11.20 17.48 -12.61
N SER A 90 10.93 17.62 -13.90
CA SER A 90 11.69 18.51 -14.74
C SER A 90 11.03 18.63 -16.11
N SER A 91 11.18 19.81 -16.71
CA SER A 91 10.60 20.07 -18.01
C SER A 91 9.08 19.90 -17.96
N GLY A 92 8.42 20.51 -18.92
CA GLY A 92 6.97 20.44 -19.00
C GLY A 92 6.38 21.72 -19.59
N GLY A 1 6.97 6.61 -14.59
CA GLY A 1 6.78 5.20 -14.32
C GLY A 1 7.73 4.72 -13.23
N SER A 2 8.39 3.60 -13.50
CA SER A 2 9.33 3.03 -12.55
C SER A 2 8.61 2.73 -11.23
N SER A 3 8.33 1.45 -11.03
CA SER A 3 7.66 1.01 -9.82
C SER A 3 8.45 1.45 -8.59
N GLY A 4 9.74 1.16 -8.64
CA GLY A 4 10.63 1.53 -7.54
C GLY A 4 10.46 3.00 -7.16
N SER A 5 10.73 3.86 -8.13
CA SER A 5 10.61 5.29 -7.90
C SER A 5 9.38 5.60 -7.05
N SER A 6 8.22 5.25 -7.59
CA SER A 6 6.97 5.48 -6.88
C SER A 6 6.96 4.69 -5.57
N GLY A 7 7.14 3.40 -5.69
CA GLY A 7 7.16 2.53 -4.53
C GLY A 7 7.84 3.21 -3.35
N ALA A 8 8.87 3.98 -3.66
CA ALA A 8 9.61 4.69 -2.64
C ALA A 8 8.84 5.95 -2.24
N SER A 9 8.43 6.69 -3.25
CA SER A 9 7.69 7.93 -3.02
C SER A 9 6.53 7.66 -2.05
N LEU A 10 5.98 6.46 -2.14
CA LEU A 10 4.88 6.07 -1.27
C LEU A 10 5.26 6.32 0.18
N LEU A 11 6.56 6.19 0.45
CA LEU A 11 7.07 6.40 1.79
C LEU A 11 6.91 7.87 2.18
N ALA A 12 6.87 8.72 1.16
CA ALA A 12 6.72 10.13 1.38
C ALA A 12 5.25 10.53 1.21
N ARG A 13 4.62 9.91 0.21
CA ARG A 13 3.22 10.17 -0.07
C ARG A 13 2.36 9.80 1.14
N TYR A 14 2.49 8.55 1.56
CA TYR A 14 1.72 8.05 2.69
C TYR A 14 2.64 7.81 3.89
N PRO A 15 2.01 7.80 5.10
CA PRO A 15 2.75 7.58 6.32
C PRO A 15 3.14 6.10 6.48
N PRO A 16 3.97 5.83 7.51
CA PRO A 16 4.42 4.48 7.78
C PRO A 16 3.31 3.65 8.42
N GLU A 17 2.46 4.32 9.17
CA GLU A 17 1.35 3.66 9.84
C GLU A 17 0.26 3.31 8.82
N LYS A 18 0.48 3.73 7.60
CA LYS A 18 -0.47 3.47 6.53
C LYS A 18 0.27 2.90 5.32
N LEU A 19 1.48 2.42 5.57
CA LEU A 19 2.29 1.85 4.51
C LEU A 19 2.24 0.32 4.59
N PHE A 20 1.60 -0.27 3.60
CA PHE A 20 1.47 -1.72 3.55
C PHE A 20 2.16 -2.29 2.31
N GLN A 21 2.79 -3.44 2.50
CA GLN A 21 3.49 -4.10 1.41
C GLN A 21 2.65 -5.26 0.87
N ALA A 22 2.94 -5.62 -0.37
CA ALA A 22 2.23 -6.72 -1.02
C ALA A 22 2.85 -8.04 -0.59
N GLU A 23 2.17 -8.70 0.34
CA GLU A 23 2.64 -9.98 0.85
C GLU A 23 3.05 -10.89 -0.32
N ARG A 24 2.12 -11.06 -1.24
CA ARG A 24 2.37 -11.90 -2.40
C ARG A 24 1.90 -11.19 -3.68
N ASN A 25 2.25 -11.78 -4.81
CA ASN A 25 1.88 -11.22 -6.09
C ASN A 25 0.37 -11.22 -6.22
N PHE A 26 -0.21 -10.07 -5.90
CA PHE A 26 -1.66 -9.91 -5.96
C PHE A 26 -2.13 -9.85 -7.43
N ASN A 27 -3.25 -10.53 -7.67
CA ASN A 27 -3.81 -10.56 -9.01
C ASN A 27 -5.20 -9.92 -8.99
N ALA A 28 -5.35 -8.89 -9.82
CA ALA A 28 -6.61 -8.18 -9.90
C ALA A 28 -7.74 -9.19 -10.15
N ALA A 29 -8.80 -9.05 -9.35
CA ALA A 29 -9.94 -9.94 -9.47
C ALA A 29 -11.11 -9.18 -10.10
N GLN A 30 -11.28 -7.95 -9.63
CA GLN A 30 -12.36 -7.10 -10.14
C GLN A 30 -11.78 -5.90 -10.89
N ASP A 31 -12.67 -5.04 -11.34
CA ASP A 31 -12.27 -3.85 -12.07
C ASP A 31 -11.77 -2.80 -11.08
N LEU A 32 -12.04 -3.04 -9.81
CA LEU A 32 -11.63 -2.13 -8.76
C LEU A 32 -10.27 -2.57 -8.22
N ASP A 33 -9.90 -3.81 -8.54
CA ASP A 33 -8.63 -4.35 -8.09
C ASP A 33 -7.55 -4.02 -9.11
N VAL A 34 -6.31 -4.21 -8.68
CA VAL A 34 -5.17 -3.93 -9.56
C VAL A 34 -4.01 -4.86 -9.19
N SER A 35 -3.42 -5.46 -10.21
CA SER A 35 -2.31 -6.36 -10.01
C SER A 35 -1.18 -5.65 -9.26
N LEU A 36 -0.54 -6.40 -8.37
CA LEU A 36 0.55 -5.85 -7.59
C LEU A 36 1.64 -6.93 -7.40
N LEU A 37 2.86 -6.46 -7.23
CA LEU A 37 3.98 -7.36 -7.04
C LEU A 37 4.27 -7.52 -5.55
N GLU A 38 4.62 -8.74 -5.17
CA GLU A 38 4.92 -9.03 -3.78
C GLU A 38 5.92 -8.01 -3.23
N GLY A 39 6.63 -7.37 -4.14
CA GLY A 39 7.61 -6.37 -3.75
C GLY A 39 7.02 -4.96 -3.82
N ASP A 40 5.99 -4.82 -4.64
CA ASP A 40 5.32 -3.55 -4.80
C ASP A 40 4.79 -3.08 -3.45
N LEU A 41 4.94 -1.78 -3.21
CA LEU A 41 4.48 -1.20 -1.96
C LEU A 41 3.27 -0.30 -2.23
N VAL A 42 2.45 -0.15 -1.20
CA VAL A 42 1.25 0.67 -1.31
C VAL A 42 0.94 1.29 0.05
N GLY A 43 0.12 2.34 0.01
CA GLY A 43 -0.27 3.02 1.23
C GLY A 43 -1.79 3.02 1.40
N VAL A 44 -2.24 2.34 2.44
CA VAL A 44 -3.67 2.26 2.73
C VAL A 44 -4.29 3.64 2.55
N ILE A 45 -5.41 3.66 1.83
CA ILE A 45 -6.12 4.90 1.58
C ILE A 45 -7.39 4.94 2.43
N LYS A 46 -8.21 3.93 2.26
CA LYS A 46 -9.46 3.83 3.01
C LYS A 46 -9.59 2.43 3.60
N LYS A 47 -10.38 2.35 4.66
CA LYS A 47 -10.60 1.07 5.33
C LYS A 47 -12.07 0.67 5.20
N LYS A 48 -12.67 1.09 4.09
CA LYS A 48 -14.06 0.78 3.83
C LYS A 48 -14.43 1.21 2.41
N ASP A 49 -14.98 0.28 1.66
CA ASP A 49 -15.38 0.54 0.30
C ASP A 49 -16.81 1.10 0.27
N PRO A 50 -17.14 1.78 -0.85
CA PRO A 50 -18.47 2.37 -1.00
C PRO A 50 -19.51 1.28 -1.31
N MET A 51 -19.58 0.31 -0.42
CA MET A 51 -20.52 -0.79 -0.58
C MET A 51 -20.83 -1.45 0.77
N GLY A 52 -19.77 -1.91 1.42
CA GLY A 52 -19.92 -2.56 2.72
C GLY A 52 -19.07 -3.85 2.78
N SER A 53 -17.77 -3.64 2.84
CA SER A 53 -16.85 -4.77 2.91
C SER A 53 -15.50 -4.31 3.47
N GLN A 54 -15.46 -4.19 4.79
CA GLN A 54 -14.24 -3.76 5.46
C GLN A 54 -13.08 -4.69 5.10
N ASN A 55 -13.43 -5.93 4.78
CA ASN A 55 -12.44 -6.92 4.42
C ASN A 55 -11.55 -6.37 3.30
N ARG A 56 -12.16 -5.55 2.45
CA ARG A 56 -11.45 -4.95 1.34
C ARG A 56 -11.11 -3.49 1.65
N TRP A 57 -9.87 -3.13 1.41
CA TRP A 57 -9.41 -1.77 1.66
C TRP A 57 -8.91 -1.19 0.33
N LEU A 58 -8.87 0.13 0.28
CA LEU A 58 -8.43 0.82 -0.93
C LEU A 58 -6.99 1.30 -0.73
N ILE A 59 -6.14 0.91 -1.65
CA ILE A 59 -4.73 1.30 -1.59
C ILE A 59 -4.32 1.90 -2.93
N ASP A 60 -3.19 2.59 -2.90
CA ASP A 60 -2.67 3.23 -4.10
C ASP A 60 -1.33 2.59 -4.47
N ASN A 61 -1.20 2.27 -5.75
CA ASN A 61 0.02 1.65 -6.25
C ASN A 61 0.88 2.72 -6.92
N GLY A 62 0.63 3.96 -6.54
CA GLY A 62 1.37 5.08 -7.10
C GLY A 62 1.04 5.29 -8.58
N VAL A 63 -0.18 4.91 -8.93
CA VAL A 63 -0.65 5.05 -10.30
C VAL A 63 -2.16 5.31 -10.30
N THR A 64 -2.87 4.49 -9.55
CA THR A 64 -4.32 4.62 -9.46
C THR A 64 -4.81 4.11 -8.10
N LYS A 65 -6.09 3.78 -8.06
CA LYS A 65 -6.70 3.28 -6.85
C LYS A 65 -7.17 1.85 -7.07
N GLY A 66 -6.67 0.94 -6.23
CA GLY A 66 -7.03 -0.46 -6.33
C GLY A 66 -7.50 -0.99 -4.98
N PHE A 67 -8.41 -1.96 -5.04
CA PHE A 67 -8.95 -2.56 -3.84
C PHE A 67 -8.40 -3.97 -3.64
N VAL A 68 -7.80 -4.18 -2.47
CA VAL A 68 -7.23 -5.48 -2.14
C VAL A 68 -7.55 -5.81 -0.69
N TYR A 69 -7.42 -7.09 -0.36
CA TYR A 69 -7.68 -7.55 0.99
C TYR A 69 -6.42 -7.42 1.87
N SER A 70 -6.60 -6.76 3.01
CA SER A 70 -5.50 -6.57 3.93
C SER A 70 -4.65 -7.84 4.01
N SER A 71 -5.31 -8.96 3.79
CA SER A 71 -4.63 -10.25 3.84
C SER A 71 -3.47 -10.26 2.84
N PHE A 72 -3.75 -9.82 1.63
CA PHE A 72 -2.75 -9.77 0.59
C PHE A 72 -1.73 -8.66 0.87
N LEU A 73 -2.00 -7.91 1.92
CA LEU A 73 -1.11 -6.81 2.29
C LEU A 73 -0.55 -7.08 3.70
N LYS A 74 0.49 -6.34 4.03
CA LYS A 74 1.13 -6.48 5.33
C LYS A 74 1.50 -5.10 5.87
N PRO A 75 1.41 -4.97 7.22
CA PRO A 75 1.73 -3.72 7.87
C PRO A 75 3.25 -3.49 7.92
N TYR A 76 3.72 -2.67 6.99
CA TYR A 76 5.14 -2.36 6.91
C TYR A 76 5.64 -1.74 8.22
N ASN A 77 6.92 -1.44 8.24
CA ASN A 77 7.53 -0.84 9.42
C ASN A 77 8.95 -0.36 9.07
N PRO A 78 9.02 0.94 8.69
CA PRO A 78 10.31 1.53 8.33
C PRO A 78 11.16 1.80 9.57
N ARG A 79 10.61 1.43 10.71
CA ARG A 79 11.30 1.62 11.98
C ARG A 79 11.66 3.09 12.16
N ARG A 80 12.88 3.43 11.75
CA ARG A 80 13.36 4.80 11.85
C ARG A 80 12.74 5.67 10.76
N SER A 81 11.80 6.51 11.17
CA SER A 81 11.14 7.39 10.23
C SER A 81 9.98 8.12 10.93
N HIS A 82 10.21 9.40 11.21
CA HIS A 82 9.20 10.21 11.88
C HIS A 82 8.58 11.18 10.86
N SER A 83 7.27 11.06 10.72
CA SER A 83 6.55 11.91 9.79
C SER A 83 5.04 11.72 9.96
N ASP A 84 4.52 12.28 11.03
CA ASP A 84 3.10 12.18 11.33
C ASP A 84 2.77 13.01 12.57
N ALA A 85 1.58 13.59 12.55
CA ALA A 85 1.14 14.41 13.66
C ALA A 85 0.21 13.58 14.57
N SER A 86 0.02 14.08 15.78
CA SER A 86 -0.83 13.40 16.74
C SER A 86 -1.67 14.42 17.51
N SER A 87 -2.90 14.60 17.06
CA SER A 87 -3.82 15.54 17.69
C SER A 87 -5.06 14.81 18.19
N GLY A 88 -5.21 14.79 19.50
CA GLY A 88 -6.36 14.13 20.12
C GLY A 88 -7.39 15.15 20.57
N PRO A 89 -8.57 14.62 21.00
CA PRO A 89 -9.65 15.47 21.47
C PRO A 89 -9.35 16.02 22.86
N SER A 90 -10.24 16.89 23.33
CA SER A 90 -10.07 17.49 24.64
C SER A 90 -11.39 17.39 25.42
N SER A 91 -12.43 17.97 24.84
CA SER A 91 -13.75 17.94 25.47
C SER A 91 -14.79 17.41 24.49
N GLY A 92 -15.91 16.98 25.04
CA GLY A 92 -16.99 16.45 24.23
C GLY A 92 -18.09 17.50 24.03
N GLY A 1 3.84 3.53 -14.00
CA GLY A 1 4.86 4.50 -13.63
C GLY A 1 6.09 3.79 -13.06
N SER A 2 6.53 4.30 -11.92
CA SER A 2 7.70 3.73 -11.26
C SER A 2 7.25 2.75 -10.17
N SER A 3 7.99 1.65 -10.08
CA SER A 3 7.68 0.62 -9.09
C SER A 3 8.54 0.84 -7.84
N GLY A 4 9.71 1.41 -8.05
CA GLY A 4 10.63 1.68 -6.95
C GLY A 4 10.34 3.04 -6.32
N SER A 5 10.46 4.07 -7.15
CA SER A 5 10.22 5.43 -6.68
C SER A 5 8.90 5.50 -5.91
N SER A 6 7.82 5.13 -6.60
CA SER A 6 6.50 5.15 -6.00
C SER A 6 6.57 4.54 -4.59
N GLY A 7 7.04 3.31 -4.53
CA GLY A 7 7.16 2.62 -3.27
C GLY A 7 7.93 3.46 -2.24
N ALA A 8 8.89 4.20 -2.75
CA ALA A 8 9.71 5.05 -1.91
C ALA A 8 8.97 6.37 -1.65
N SER A 9 8.02 6.65 -2.53
CA SER A 9 7.24 7.87 -2.41
C SER A 9 6.08 7.66 -1.42
N LEU A 10 5.61 6.41 -1.38
CA LEU A 10 4.52 6.07 -0.49
C LEU A 10 4.90 6.42 0.95
N LEU A 11 6.20 6.40 1.21
CA LEU A 11 6.71 6.71 2.53
C LEU A 11 6.41 8.18 2.85
N ALA A 12 6.50 9.01 1.82
CA ALA A 12 6.25 10.43 1.99
C ALA A 12 4.76 10.71 1.77
N ARG A 13 4.23 10.12 0.70
CA ARG A 13 2.82 10.28 0.37
C ARG A 13 1.96 9.89 1.57
N TYR A 14 2.19 8.69 2.06
CA TYR A 14 1.43 8.18 3.19
C TYR A 14 2.35 7.92 4.39
N PRO A 15 1.73 7.95 5.60
CA PRO A 15 2.48 7.72 6.82
C PRO A 15 2.82 6.23 6.99
N PRO A 16 3.58 5.93 8.08
CA PRO A 16 3.98 4.56 8.36
C PRO A 16 2.81 3.76 8.93
N GLU A 17 1.78 4.50 9.35
CA GLU A 17 0.61 3.87 9.93
C GLU A 17 -0.36 3.45 8.82
N LYS A 18 0.01 3.79 7.59
CA LYS A 18 -0.81 3.46 6.44
C LYS A 18 0.07 2.83 5.35
N LEU A 19 1.32 2.57 5.73
CA LEU A 19 2.27 1.99 4.80
C LEU A 19 2.17 0.46 4.86
N PHE A 20 1.73 -0.13 3.75
CA PHE A 20 1.59 -1.57 3.68
C PHE A 20 2.21 -2.11 2.39
N GLN A 21 2.80 -3.29 2.50
CA GLN A 21 3.44 -3.93 1.37
C GLN A 21 2.55 -5.06 0.83
N ALA A 22 2.88 -5.52 -0.37
CA ALA A 22 2.14 -6.59 -1.00
C ALA A 22 2.67 -7.94 -0.50
N GLU A 23 1.90 -8.53 0.41
CA GLU A 23 2.28 -9.82 0.97
C GLU A 23 2.73 -10.77 -0.13
N ARG A 24 1.98 -10.78 -1.21
CA ARG A 24 2.30 -11.64 -2.34
C ARG A 24 1.86 -10.97 -3.65
N ASN A 25 2.29 -11.56 -4.75
CA ASN A 25 1.96 -11.05 -6.07
C ASN A 25 0.44 -11.10 -6.25
N PHE A 26 -0.19 -9.97 -5.99
CA PHE A 26 -1.64 -9.87 -6.12
C PHE A 26 -2.05 -9.82 -7.60
N ASN A 27 -3.14 -10.52 -7.90
CA ASN A 27 -3.65 -10.56 -9.26
C ASN A 27 -5.04 -9.92 -9.30
N ALA A 28 -5.18 -8.95 -10.18
CA ALA A 28 -6.45 -8.25 -10.33
C ALA A 28 -7.55 -9.26 -10.65
N ALA A 29 -8.59 -9.23 -9.85
CA ALA A 29 -9.71 -10.14 -10.03
C ALA A 29 -10.91 -9.36 -10.59
N GLN A 30 -11.14 -8.20 -10.01
CA GLN A 30 -12.24 -7.35 -10.43
C GLN A 30 -11.72 -6.20 -11.30
N ASP A 31 -12.64 -5.33 -11.68
CA ASP A 31 -12.29 -4.18 -12.50
C ASP A 31 -11.73 -3.07 -11.61
N LEU A 32 -11.98 -3.20 -10.31
CA LEU A 32 -11.51 -2.22 -9.35
C LEU A 32 -10.16 -2.68 -8.78
N ASP A 33 -9.88 -3.96 -8.97
CA ASP A 33 -8.64 -4.53 -8.49
C ASP A 33 -7.51 -4.16 -9.45
N VAL A 34 -6.30 -4.19 -8.91
CA VAL A 34 -5.12 -3.86 -9.71
C VAL A 34 -3.98 -4.79 -9.33
N SER A 35 -3.28 -5.28 -10.34
CA SER A 35 -2.15 -6.18 -10.12
C SER A 35 -1.09 -5.47 -9.28
N LEU A 36 -0.39 -6.27 -8.48
CA LEU A 36 0.66 -5.75 -7.63
C LEU A 36 1.74 -6.82 -7.43
N LEU A 37 2.96 -6.36 -7.25
CA LEU A 37 4.08 -7.27 -7.04
C LEU A 37 4.31 -7.46 -5.54
N GLU A 38 4.66 -8.68 -5.18
CA GLU A 38 4.90 -9.01 -3.79
C GLU A 38 5.88 -8.01 -3.17
N GLY A 39 6.63 -7.35 -4.05
CA GLY A 39 7.61 -6.37 -3.60
C GLY A 39 7.02 -4.95 -3.65
N ASP A 40 6.04 -4.80 -4.52
CA ASP A 40 5.38 -3.50 -4.68
C ASP A 40 4.76 -3.08 -3.34
N LEU A 41 4.80 -1.79 -3.09
CA LEU A 41 4.25 -1.25 -1.86
C LEU A 41 3.02 -0.39 -2.18
N VAL A 42 2.13 -0.30 -1.21
CA VAL A 42 0.92 0.48 -1.37
C VAL A 42 0.65 1.29 -0.10
N GLY A 43 -0.20 2.30 -0.24
CA GLY A 43 -0.54 3.15 0.88
C GLY A 43 -2.05 3.15 1.13
N VAL A 44 -2.45 2.40 2.15
CA VAL A 44 -3.85 2.30 2.51
C VAL A 44 -4.51 3.68 2.34
N ILE A 45 -5.69 3.67 1.74
CA ILE A 45 -6.43 4.89 1.52
C ILE A 45 -7.69 4.90 2.39
N LYS A 46 -8.48 3.84 2.22
CA LYS A 46 -9.71 3.70 2.97
C LYS A 46 -9.77 2.31 3.59
N LYS A 47 -10.24 2.26 4.83
CA LYS A 47 -10.36 1.00 5.54
C LYS A 47 -11.80 0.50 5.45
N LYS A 48 -12.46 0.85 4.36
CA LYS A 48 -13.83 0.45 4.15
C LYS A 48 -14.28 0.92 2.77
N ASP A 49 -14.89 0.00 2.03
CA ASP A 49 -15.38 0.31 0.69
C ASP A 49 -16.67 1.13 0.80
N PRO A 50 -16.97 1.86 -0.30
CA PRO A 50 -18.17 2.68 -0.34
C PRO A 50 -19.43 1.83 -0.51
N MET A 51 -19.61 0.91 0.42
CA MET A 51 -20.76 0.02 0.39
C MET A 51 -20.94 -0.69 1.73
N GLY A 52 -19.85 -1.28 2.21
CA GLY A 52 -19.86 -1.99 3.48
C GLY A 52 -19.01 -3.26 3.40
N SER A 53 -17.72 -3.06 3.25
CA SER A 53 -16.79 -4.18 3.17
C SER A 53 -15.44 -3.78 3.78
N GLN A 54 -15.11 -4.46 4.87
CA GLN A 54 -13.86 -4.20 5.56
C GLN A 54 -12.78 -5.15 5.07
N ASN A 55 -13.22 -6.30 4.58
CA ASN A 55 -12.29 -7.30 4.07
C ASN A 55 -11.48 -6.71 2.92
N ARG A 56 -12.10 -5.75 2.24
CA ARG A 56 -11.44 -5.09 1.12
C ARG A 56 -11.21 -3.61 1.43
N TRP A 57 -9.97 -3.20 1.24
CA TRP A 57 -9.60 -1.81 1.51
C TRP A 57 -9.08 -1.21 0.19
N LEU A 58 -9.05 0.12 0.16
CA LEU A 58 -8.57 0.82 -1.02
C LEU A 58 -7.15 1.32 -0.77
N ILE A 59 -6.26 0.90 -1.65
CA ILE A 59 -4.86 1.29 -1.54
C ILE A 59 -4.40 1.91 -2.86
N ASP A 60 -3.28 2.62 -2.79
CA ASP A 60 -2.73 3.26 -3.96
C ASP A 60 -1.40 2.60 -4.34
N ASN A 61 -1.35 2.12 -5.57
CA ASN A 61 -0.16 1.45 -6.06
C ASN A 61 0.74 2.49 -6.76
N GLY A 62 0.78 3.67 -6.18
CA GLY A 62 1.59 4.75 -6.73
C GLY A 62 1.37 4.87 -8.24
N VAL A 63 0.15 4.58 -8.66
CA VAL A 63 -0.20 4.66 -10.07
C VAL A 63 -1.70 4.92 -10.21
N THR A 64 -2.48 4.12 -9.48
CA THR A 64 -3.93 4.25 -9.51
C THR A 64 -4.53 3.80 -8.18
N LYS A 65 -5.84 3.63 -8.19
CA LYS A 65 -6.55 3.21 -7.00
C LYS A 65 -7.14 1.81 -7.23
N GLY A 66 -6.73 0.89 -6.37
CA GLY A 66 -7.20 -0.47 -6.47
C GLY A 66 -7.74 -0.97 -5.13
N PHE A 67 -8.41 -2.11 -5.17
CA PHE A 67 -8.97 -2.70 -3.97
C PHE A 67 -8.43 -4.10 -3.74
N VAL A 68 -7.85 -4.29 -2.55
CA VAL A 68 -7.28 -5.58 -2.19
C VAL A 68 -7.59 -5.87 -0.73
N TYR A 69 -7.48 -7.14 -0.37
CA TYR A 69 -7.74 -7.57 0.99
C TYR A 69 -6.50 -7.41 1.86
N SER A 70 -6.66 -6.72 2.97
CA SER A 70 -5.56 -6.50 3.89
C SER A 70 -4.71 -7.76 4.00
N SER A 71 -5.36 -8.90 3.82
CA SER A 71 -4.67 -10.17 3.90
C SER A 71 -3.50 -10.20 2.92
N PHE A 72 -3.80 -9.81 1.69
CA PHE A 72 -2.78 -9.78 0.65
C PHE A 72 -1.76 -8.67 0.92
N LEU A 73 -2.05 -7.86 1.92
CA LEU A 73 -1.17 -6.77 2.29
C LEU A 73 -0.61 -7.01 3.68
N LYS A 74 0.42 -6.24 4.02
CA LYS A 74 1.04 -6.37 5.33
C LYS A 74 1.46 -4.98 5.83
N PRO A 75 1.46 -4.83 7.18
CA PRO A 75 1.84 -3.56 7.78
C PRO A 75 3.36 -3.36 7.73
N TYR A 76 3.77 -2.50 6.82
CA TYR A 76 5.19 -2.21 6.66
C TYR A 76 5.77 -1.57 7.92
N ASN A 77 7.08 -1.35 7.89
CA ASN A 77 7.76 -0.75 9.03
C ASN A 77 9.21 -0.45 8.64
N PRO A 78 9.43 0.78 8.14
CA PRO A 78 10.77 1.20 7.73
C PRO A 78 11.64 1.50 8.95
N ARG A 79 11.06 1.31 10.12
CA ARG A 79 11.76 1.55 11.36
C ARG A 79 13.22 1.10 11.24
N ARG A 80 14.12 2.01 11.59
CA ARG A 80 15.54 1.72 11.52
C ARG A 80 15.93 0.71 12.60
N SER A 81 15.69 1.11 13.84
CA SER A 81 16.00 0.26 14.98
C SER A 81 14.88 0.33 16.02
N HIS A 82 14.70 1.53 16.56
CA HIS A 82 13.67 1.74 17.56
C HIS A 82 12.40 0.96 17.18
N SER A 83 11.59 0.70 18.17
CA SER A 83 10.35 -0.04 17.96
C SER A 83 10.64 -1.34 17.23
N ASP A 84 11.03 -2.35 17.99
CA ASP A 84 11.33 -3.65 17.43
C ASP A 84 11.08 -4.73 18.48
N ALA A 85 10.91 -5.96 17.99
CA ALA A 85 10.65 -7.07 18.87
C ALA A 85 11.75 -8.13 18.68
N SER A 86 12.85 -7.92 19.39
CA SER A 86 13.97 -8.84 19.31
C SER A 86 14.92 -8.61 20.49
N SER A 87 15.83 -9.56 20.66
CA SER A 87 16.79 -9.48 21.74
C SER A 87 17.77 -10.66 21.66
N GLY A 88 18.98 -10.35 21.21
CA GLY A 88 20.01 -11.36 21.08
C GLY A 88 20.76 -11.21 19.76
N PRO A 89 22.03 -11.72 19.75
CA PRO A 89 22.87 -11.64 18.57
C PRO A 89 22.41 -12.65 17.51
N SER A 90 23.13 -12.65 16.40
CA SER A 90 22.81 -13.56 15.31
C SER A 90 24.09 -14.19 14.77
N SER A 91 23.92 -15.32 14.10
CA SER A 91 25.05 -16.04 13.53
C SER A 91 24.56 -17.21 12.69
N GLY A 92 23.84 -18.10 13.34
CA GLY A 92 23.30 -19.27 12.66
C GLY A 92 22.13 -18.89 11.75
N GLY A 1 5.89 2.52 -15.62
CA GLY A 1 5.59 3.33 -14.45
C GLY A 1 6.81 3.43 -13.53
N SER A 2 6.55 3.19 -12.24
CA SER A 2 7.61 3.24 -11.25
C SER A 2 7.14 2.56 -9.95
N SER A 3 7.79 1.46 -9.63
CA SER A 3 7.46 0.71 -8.43
C SER A 3 8.39 1.14 -7.28
N GLY A 4 9.68 0.96 -7.51
CA GLY A 4 10.68 1.31 -6.52
C GLY A 4 10.64 2.81 -6.20
N SER A 5 10.76 3.60 -7.26
CA SER A 5 10.74 5.04 -7.10
C SER A 5 9.60 5.46 -6.17
N SER A 6 8.44 4.86 -6.39
CA SER A 6 7.28 5.15 -5.58
C SER A 6 7.46 4.59 -4.17
N GLY A 7 7.99 3.37 -4.12
CA GLY A 7 8.22 2.71 -2.86
C GLY A 7 8.91 3.65 -1.87
N ALA A 8 9.62 4.61 -2.42
CA ALA A 8 10.35 5.57 -1.61
C ALA A 8 9.46 6.79 -1.36
N SER A 9 8.60 7.07 -2.33
CA SER A 9 7.70 8.19 -2.24
C SER A 9 6.56 7.87 -1.27
N LEU A 10 5.95 6.70 -1.48
CA LEU A 10 4.86 6.26 -0.64
C LEU A 10 5.21 6.50 0.83
N LEU A 11 6.49 6.29 1.14
CA LEU A 11 6.97 6.48 2.50
C LEU A 11 6.71 7.93 2.93
N ALA A 12 6.95 8.85 2.00
CA ALA A 12 6.74 10.25 2.28
C ALA A 12 5.26 10.61 2.04
N ARG A 13 4.77 10.19 0.88
CA ARG A 13 3.38 10.45 0.53
C ARG A 13 2.45 9.95 1.63
N TYR A 14 2.59 8.67 1.93
CA TYR A 14 1.76 8.05 2.95
C TYR A 14 2.58 7.76 4.22
N PRO A 15 1.87 7.77 5.38
CA PRO A 15 2.51 7.52 6.65
C PRO A 15 2.85 6.04 6.82
N PRO A 16 3.57 5.73 7.93
CA PRO A 16 3.96 4.35 8.22
C PRO A 16 2.77 3.55 8.73
N GLU A 17 1.83 4.26 9.34
CA GLU A 17 0.64 3.62 9.88
C GLU A 17 -0.34 3.29 8.76
N LYS A 18 0.02 3.70 7.55
CA LYS A 18 -0.82 3.46 6.39
C LYS A 18 0.05 2.90 5.25
N LEU A 19 1.23 2.41 5.63
CA LEU A 19 2.14 1.85 4.65
C LEU A 19 2.06 0.32 4.71
N PHE A 20 1.58 -0.24 3.61
CA PHE A 20 1.44 -1.69 3.51
C PHE A 20 1.98 -2.21 2.17
N GLN A 21 2.62 -3.37 2.23
CA GLN A 21 3.18 -3.98 1.04
C GLN A 21 2.30 -5.14 0.58
N ALA A 22 2.61 -5.63 -0.62
CA ALA A 22 1.86 -6.74 -1.19
C ALA A 22 2.45 -8.06 -0.66
N GLU A 23 1.73 -8.64 0.30
CA GLU A 23 2.17 -9.90 0.89
C GLU A 23 2.66 -10.85 -0.19
N ARG A 24 1.94 -10.86 -1.30
CA ARG A 24 2.29 -11.73 -2.42
C ARG A 24 1.85 -11.09 -3.75
N ASN A 25 2.29 -11.71 -4.83
CA ASN A 25 1.95 -11.21 -6.16
C ASN A 25 0.43 -11.24 -6.34
N PHE A 26 -0.20 -10.12 -6.04
CA PHE A 26 -1.64 -10.00 -6.16
C PHE A 26 -2.06 -9.93 -7.64
N ASN A 27 -3.16 -10.60 -7.95
CA ASN A 27 -3.67 -10.62 -9.30
C ASN A 27 -5.06 -9.97 -9.32
N ALA A 28 -5.17 -8.91 -10.11
CA ALA A 28 -6.44 -8.19 -10.22
C ALA A 28 -7.57 -9.20 -10.41
N ALA A 29 -8.60 -9.06 -9.59
CA ALA A 29 -9.74 -9.95 -9.66
C ALA A 29 -10.93 -9.20 -10.28
N GLN A 30 -11.15 -7.99 -9.77
CA GLN A 30 -12.24 -7.17 -10.26
C GLN A 30 -11.70 -5.95 -11.02
N ASP A 31 -12.61 -5.10 -11.46
CA ASP A 31 -12.24 -3.90 -12.19
C ASP A 31 -11.78 -2.83 -11.21
N LEU A 32 -12.06 -3.08 -9.94
CA LEU A 32 -11.68 -2.14 -8.88
C LEU A 32 -10.32 -2.56 -8.31
N ASP A 33 -9.89 -3.75 -8.69
CA ASP A 33 -8.62 -4.27 -8.22
C ASP A 33 -7.53 -3.93 -9.24
N VAL A 34 -6.29 -3.99 -8.77
CA VAL A 34 -5.15 -3.69 -9.62
C VAL A 34 -4.07 -4.75 -9.41
N SER A 35 -3.42 -5.11 -10.52
CA SER A 35 -2.37 -6.11 -10.47
C SER A 35 -1.17 -5.58 -9.69
N LEU A 36 -0.72 -6.38 -8.74
CA LEU A 36 0.42 -5.99 -7.92
C LEU A 36 1.33 -7.21 -7.73
N LEU A 37 2.55 -6.92 -7.28
CA LEU A 37 3.52 -7.98 -7.05
C LEU A 37 3.60 -8.27 -5.54
N GLU A 38 4.74 -8.82 -5.15
CA GLU A 38 4.96 -9.15 -3.75
C GLU A 38 5.76 -8.04 -3.06
N GLY A 39 6.51 -7.31 -3.87
CA GLY A 39 7.32 -6.22 -3.34
C GLY A 39 6.60 -4.88 -3.49
N ASP A 40 5.70 -4.83 -4.47
CA ASP A 40 4.93 -3.63 -4.72
C ASP A 40 4.44 -3.05 -3.39
N LEU A 41 4.81 -1.79 -3.16
CA LEU A 41 4.41 -1.12 -1.94
C LEU A 41 3.19 -0.23 -2.22
N VAL A 42 2.39 -0.04 -1.18
CA VAL A 42 1.19 0.77 -1.31
C VAL A 42 0.93 1.49 0.01
N GLY A 43 0.12 2.53 -0.06
CA GLY A 43 -0.21 3.32 1.11
C GLY A 43 -1.73 3.35 1.35
N VAL A 44 -2.16 2.55 2.31
CA VAL A 44 -3.58 2.47 2.64
C VAL A 44 -4.19 3.88 2.54
N ILE A 45 -5.35 3.93 1.91
CA ILE A 45 -6.06 5.19 1.75
C ILE A 45 -7.32 5.18 2.60
N LYS A 46 -8.17 4.20 2.35
CA LYS A 46 -9.42 4.07 3.09
C LYS A 46 -9.51 2.65 3.66
N LYS A 47 -10.29 2.53 4.73
CA LYS A 47 -10.48 1.24 5.38
C LYS A 47 -11.93 0.79 5.21
N LYS A 48 -12.51 1.18 4.08
CA LYS A 48 -13.88 0.83 3.77
C LYS A 48 -14.11 0.94 2.28
N ASP A 49 -15.26 0.43 1.84
CA ASP A 49 -15.62 0.47 0.43
C ASP A 49 -17.05 0.98 0.28
N PRO A 50 -17.45 1.20 -0.99
CA PRO A 50 -18.79 1.69 -1.29
C PRO A 50 -19.83 0.59 -1.10
N MET A 51 -19.34 -0.65 -1.07
CA MET A 51 -20.21 -1.79 -0.90
C MET A 51 -20.53 -2.03 0.57
N GLY A 52 -19.48 -2.06 1.38
CA GLY A 52 -19.63 -2.28 2.81
C GLY A 52 -18.84 -3.50 3.26
N SER A 53 -17.58 -3.55 2.82
CA SER A 53 -16.70 -4.65 3.19
C SER A 53 -15.37 -4.11 3.69
N GLN A 54 -15.21 -4.14 5.00
CA GLN A 54 -13.99 -3.66 5.63
C GLN A 54 -12.81 -4.54 5.22
N ASN A 55 -13.09 -5.81 5.02
CA ASN A 55 -12.07 -6.77 4.63
C ASN A 55 -11.29 -6.20 3.43
N ARG A 56 -11.97 -5.36 2.67
CA ARG A 56 -11.35 -4.74 1.50
C ARG A 56 -10.99 -3.29 1.80
N TRP A 57 -9.73 -2.97 1.55
CA TRP A 57 -9.24 -1.62 1.79
C TRP A 57 -8.76 -1.05 0.46
N LEU A 58 -8.78 0.27 0.37
CA LEU A 58 -8.35 0.96 -0.84
C LEU A 58 -6.91 1.44 -0.66
N ILE A 59 -6.03 0.90 -1.48
CA ILE A 59 -4.63 1.28 -1.42
C ILE A 59 -4.24 1.97 -2.72
N ASP A 60 -3.10 2.67 -2.68
CA ASP A 60 -2.61 3.38 -3.84
C ASP A 60 -1.28 2.76 -4.29
N ASN A 61 -1.25 2.31 -5.52
CA ASN A 61 -0.05 1.69 -6.08
C ASN A 61 0.78 2.76 -6.77
N GLY A 62 0.80 3.95 -6.17
CA GLY A 62 1.55 5.06 -6.72
C GLY A 62 1.31 5.20 -8.22
N VAL A 63 0.09 4.90 -8.62
CA VAL A 63 -0.29 4.99 -10.03
C VAL A 63 -1.80 5.16 -10.14
N THR A 64 -2.52 4.31 -9.42
CA THR A 64 -3.97 4.36 -9.43
C THR A 64 -4.53 3.91 -8.09
N LYS A 65 -5.79 3.53 -8.10
CA LYS A 65 -6.45 3.07 -6.89
C LYS A 65 -6.99 1.65 -7.11
N GLY A 66 -6.67 0.78 -6.16
CA GLY A 66 -7.11 -0.61 -6.24
C GLY A 66 -7.62 -1.09 -4.88
N PHE A 67 -8.50 -2.09 -4.94
CA PHE A 67 -9.06 -2.65 -3.73
C PHE A 67 -8.57 -4.08 -3.50
N VAL A 68 -7.97 -4.28 -2.34
CA VAL A 68 -7.44 -5.59 -1.98
C VAL A 68 -7.65 -5.84 -0.48
N TYR A 69 -7.65 -7.11 -0.12
CA TYR A 69 -7.83 -7.49 1.27
C TYR A 69 -6.53 -7.35 2.06
N SER A 70 -6.61 -6.61 3.15
CA SER A 70 -5.44 -6.38 3.99
C SER A 70 -4.63 -7.67 4.10
N SER A 71 -5.34 -8.79 4.01
CA SER A 71 -4.70 -10.09 4.10
C SER A 71 -3.58 -10.19 3.07
N PHE A 72 -3.90 -9.82 1.84
CA PHE A 72 -2.94 -9.86 0.76
C PHE A 72 -1.87 -8.78 0.94
N LEU A 73 -2.09 -7.93 1.93
CA LEU A 73 -1.15 -6.86 2.21
C LEU A 73 -0.51 -7.09 3.58
N LYS A 74 0.64 -6.46 3.77
CA LYS A 74 1.37 -6.60 5.02
C LYS A 74 1.66 -5.20 5.59
N PRO A 75 1.73 -5.15 6.95
CA PRO A 75 2.00 -3.89 7.63
C PRO A 75 3.48 -3.50 7.50
N TYR A 76 3.74 -2.60 6.56
CA TYR A 76 5.10 -2.14 6.33
C TYR A 76 5.77 -1.72 7.64
N ASN A 77 7.01 -1.29 7.52
CA ASN A 77 7.78 -0.87 8.68
C ASN A 77 9.06 -0.19 8.22
N PRO A 78 9.02 1.17 8.19
CA PRO A 78 10.17 1.95 7.78
C PRO A 78 11.24 1.98 8.87
N ARG A 79 10.95 1.28 9.95
CA ARG A 79 11.88 1.21 11.07
C ARG A 79 12.07 2.60 11.68
N ARG A 80 11.54 2.77 12.88
CA ARG A 80 11.66 4.03 13.58
C ARG A 80 13.04 4.65 13.36
N SER A 81 13.03 5.95 13.08
CA SER A 81 14.29 6.66 12.85
C SER A 81 15.09 5.95 11.75
N HIS A 82 14.68 6.19 10.51
CA HIS A 82 15.34 5.58 9.38
C HIS A 82 14.74 6.13 8.08
N SER A 83 15.01 7.39 7.82
CA SER A 83 14.51 8.04 6.63
C SER A 83 15.47 9.14 6.16
N ASP A 84 15.22 9.65 4.97
CA ASP A 84 16.06 10.70 4.42
C ASP A 84 15.38 11.26 3.16
N ALA A 85 15.76 12.49 2.83
CA ALA A 85 15.20 13.16 1.66
C ALA A 85 16.33 13.83 0.88
N SER A 86 16.10 13.97 -0.42
CA SER A 86 17.08 14.59 -1.28
C SER A 86 16.62 16.00 -1.68
N SER A 87 17.58 16.80 -2.11
CA SER A 87 17.29 18.17 -2.51
C SER A 87 17.33 18.28 -4.04
N GLY A 88 16.45 19.12 -4.56
CA GLY A 88 16.38 19.33 -6.00
C GLY A 88 17.53 20.21 -6.49
N PRO A 89 17.85 20.07 -7.81
CA PRO A 89 18.91 20.85 -8.40
C PRO A 89 18.49 22.30 -8.62
N SER A 90 19.45 23.11 -9.07
CA SER A 90 19.18 24.51 -9.32
C SER A 90 19.59 24.88 -10.75
N SER A 91 19.18 26.06 -11.16
CA SER A 91 19.49 26.54 -12.50
C SER A 91 21.00 26.47 -12.73
N GLY A 92 21.37 26.58 -14.00
CA GLY A 92 22.77 26.53 -14.37
C GLY A 92 23.10 25.25 -15.14
N GLY A 1 3.89 2.77 -14.33
CA GLY A 1 4.95 3.76 -14.41
C GLY A 1 5.54 4.03 -13.02
N SER A 2 6.80 3.64 -12.87
CA SER A 2 7.49 3.84 -11.61
C SER A 2 6.86 2.96 -10.52
N SER A 3 7.27 1.71 -10.49
CA SER A 3 6.75 0.77 -9.51
C SER A 3 7.48 0.96 -8.17
N GLY A 4 8.79 0.74 -8.21
CA GLY A 4 9.60 0.89 -7.01
C GLY A 4 9.73 2.36 -6.61
N SER A 5 9.85 3.21 -7.62
CA SER A 5 9.98 4.64 -7.40
C SER A 5 8.91 5.11 -6.41
N SER A 6 7.71 4.57 -6.59
CA SER A 6 6.60 4.94 -5.72
C SER A 6 6.87 4.46 -4.30
N GLY A 7 7.46 3.28 -4.20
CA GLY A 7 7.77 2.70 -2.91
C GLY A 7 8.48 3.72 -2.01
N ALA A 8 9.11 4.69 -2.66
CA ALA A 8 9.82 5.72 -1.93
C ALA A 8 8.87 6.90 -1.65
N SER A 9 8.01 7.16 -2.62
CA SER A 9 7.05 8.24 -2.50
C SER A 9 5.97 7.86 -1.48
N LEU A 10 5.47 6.64 -1.62
CA LEU A 10 4.44 6.15 -0.72
C LEU A 10 4.80 6.51 0.72
N LEU A 11 6.10 6.64 0.95
CA LEU A 11 6.60 6.98 2.27
C LEU A 11 6.20 8.42 2.61
N ALA A 12 6.42 9.30 1.63
CA ALA A 12 6.10 10.70 1.81
C ALA A 12 4.61 10.91 1.57
N ARG A 13 4.14 10.36 0.46
CA ARG A 13 2.74 10.47 0.09
C ARG A 13 1.85 10.01 1.25
N TYR A 14 2.08 8.77 1.67
CA TYR A 14 1.31 8.20 2.75
C TYR A 14 2.17 8.05 4.02
N PRO A 15 1.47 8.01 5.18
CA PRO A 15 2.15 7.88 6.46
C PRO A 15 2.64 6.44 6.67
N PRO A 16 3.43 6.27 7.76
CA PRO A 16 3.97 4.95 8.09
C PRO A 16 2.89 4.04 8.67
N GLU A 17 1.95 4.66 9.37
CA GLU A 17 0.86 3.91 9.98
C GLU A 17 -0.12 3.44 8.90
N LYS A 18 0.15 3.86 7.67
CA LYS A 18 -0.71 3.50 6.56
C LYS A 18 0.16 2.94 5.42
N LEU A 19 1.40 2.60 5.77
CA LEU A 19 2.33 2.06 4.80
C LEU A 19 2.28 0.53 4.85
N PHE A 20 1.75 -0.05 3.78
CA PHE A 20 1.63 -1.50 3.69
C PHE A 20 2.21 -2.01 2.37
N GLN A 21 2.88 -3.14 2.45
CA GLN A 21 3.48 -3.75 1.27
C GLN A 21 2.64 -4.94 0.80
N ALA A 22 2.93 -5.38 -0.42
CA ALA A 22 2.21 -6.51 -0.99
C ALA A 22 2.83 -7.82 -0.50
N GLU A 23 2.10 -8.50 0.36
CA GLU A 23 2.55 -9.75 0.92
C GLU A 23 2.90 -10.73 -0.21
N ARG A 24 2.06 -10.73 -1.23
CA ARG A 24 2.26 -11.62 -2.37
C ARG A 24 1.70 -10.97 -3.65
N ASN A 25 2.02 -11.59 -4.77
CA ASN A 25 1.55 -11.09 -6.06
C ASN A 25 0.03 -11.11 -6.10
N PHE A 26 -0.55 -9.92 -6.11
CA PHE A 26 -1.99 -9.79 -6.14
C PHE A 26 -2.51 -9.70 -7.58
N ASN A 27 -3.49 -10.53 -7.87
CA ASN A 27 -4.08 -10.55 -9.20
C ASN A 27 -5.48 -9.93 -9.15
N ALA A 28 -5.63 -8.81 -9.85
CA ALA A 28 -6.90 -8.13 -9.90
C ALA A 28 -8.01 -9.12 -10.26
N ALA A 29 -9.02 -9.16 -9.41
CA ALA A 29 -10.15 -10.06 -9.63
C ALA A 29 -11.36 -9.26 -10.07
N GLN A 30 -11.50 -8.07 -9.49
CA GLN A 30 -12.61 -7.19 -9.81
C GLN A 30 -12.16 -6.11 -10.80
N ASP A 31 -13.07 -5.20 -11.07
CA ASP A 31 -12.78 -4.10 -12.00
C ASP A 31 -12.16 -2.94 -11.22
N LEU A 32 -12.32 -2.99 -9.90
CA LEU A 32 -11.77 -1.94 -9.05
C LEU A 32 -10.39 -2.38 -8.56
N ASP A 33 -10.10 -3.66 -8.73
CA ASP A 33 -8.83 -4.21 -8.30
C ASP A 33 -7.78 -3.91 -9.36
N VAL A 34 -6.54 -3.83 -8.91
CA VAL A 34 -5.42 -3.55 -9.81
C VAL A 34 -4.27 -4.51 -9.52
N SER A 35 -3.63 -4.94 -10.59
CA SER A 35 -2.52 -5.87 -10.48
C SER A 35 -1.38 -5.23 -9.69
N LEU A 36 -0.94 -5.94 -8.66
CA LEU A 36 0.15 -5.44 -7.82
C LEU A 36 1.27 -6.46 -7.81
N LEU A 37 2.39 -6.07 -7.20
CA LEU A 37 3.54 -6.94 -7.11
C LEU A 37 3.92 -7.13 -5.64
N GLU A 38 4.20 -8.39 -5.30
CA GLU A 38 4.57 -8.72 -3.93
C GLU A 38 5.73 -7.83 -3.47
N GLY A 39 6.42 -7.26 -4.44
CA GLY A 39 7.55 -6.40 -4.13
C GLY A 39 7.13 -4.92 -4.13
N ASP A 40 5.92 -4.69 -4.64
CA ASP A 40 5.39 -3.35 -4.70
C ASP A 40 4.80 -2.97 -3.34
N LEU A 41 4.79 -1.67 -3.07
CA LEU A 41 4.27 -1.16 -1.81
C LEU A 41 3.04 -0.30 -2.09
N VAL A 42 2.10 -0.33 -1.16
CA VAL A 42 0.88 0.45 -1.28
C VAL A 42 0.62 1.20 0.02
N GLY A 43 -0.20 2.23 -0.09
CA GLY A 43 -0.54 3.04 1.07
C GLY A 43 -2.05 3.06 1.30
N VAL A 44 -2.46 2.41 2.38
CA VAL A 44 -3.87 2.34 2.73
C VAL A 44 -4.52 3.70 2.46
N ILE A 45 -5.66 3.66 1.77
CA ILE A 45 -6.38 4.87 1.44
C ILE A 45 -7.64 4.96 2.32
N LYS A 46 -8.41 3.89 2.29
CA LYS A 46 -9.64 3.83 3.07
C LYS A 46 -9.80 2.43 3.65
N LYS A 47 -10.24 2.39 4.90
CA LYS A 47 -10.44 1.11 5.57
C LYS A 47 -11.90 0.68 5.40
N LYS A 48 -12.55 1.26 4.40
CA LYS A 48 -13.93 0.94 4.12
C LYS A 48 -14.25 1.30 2.66
N ASP A 49 -15.04 0.45 2.03
CA ASP A 49 -15.43 0.67 0.65
C ASP A 49 -16.89 1.12 0.59
N PRO A 50 -17.32 1.53 -0.63
CA PRO A 50 -18.68 1.99 -0.83
C PRO A 50 -19.66 0.81 -0.84
N MET A 51 -19.10 -0.38 -1.00
CA MET A 51 -19.91 -1.59 -1.04
C MET A 51 -20.19 -2.10 0.39
N GLY A 52 -19.15 -2.06 1.20
CA GLY A 52 -19.27 -2.51 2.58
C GLY A 52 -18.49 -3.82 2.80
N SER A 53 -17.25 -3.81 2.33
CA SER A 53 -16.40 -4.98 2.47
C SER A 53 -15.14 -4.61 3.26
N GLN A 54 -15.29 -4.57 4.58
CA GLN A 54 -14.18 -4.25 5.45
C GLN A 54 -12.93 -5.02 5.04
N ASN A 55 -13.15 -6.29 4.68
CA ASN A 55 -12.06 -7.15 4.27
C ASN A 55 -11.29 -6.49 3.12
N ARG A 56 -12.04 -5.75 2.30
CA ARG A 56 -11.45 -5.07 1.17
C ARG A 56 -11.28 -3.58 1.48
N TRP A 57 -10.05 -3.11 1.32
CA TRP A 57 -9.74 -1.71 1.57
C TRP A 57 -9.18 -1.10 0.28
N LEU A 58 -9.08 0.21 0.29
CA LEU A 58 -8.56 0.93 -0.87
C LEU A 58 -7.11 1.32 -0.62
N ILE A 59 -6.25 0.93 -1.55
CA ILE A 59 -4.83 1.25 -1.45
C ILE A 59 -4.32 1.73 -2.80
N ASP A 60 -3.19 2.42 -2.75
CA ASP A 60 -2.58 2.96 -3.96
C ASP A 60 -1.11 2.54 -4.02
N ASN A 61 -0.81 1.68 -4.97
CA ASN A 61 0.54 1.19 -5.15
C ASN A 61 1.45 2.35 -5.59
N GLY A 62 0.80 3.41 -6.06
CA GLY A 62 1.53 4.59 -6.51
C GLY A 62 1.22 4.88 -7.98
N VAL A 63 1.02 3.81 -8.73
CA VAL A 63 0.72 3.95 -10.16
C VAL A 63 -0.79 4.15 -10.33
N THR A 64 -1.56 3.33 -9.63
CA THR A 64 -3.01 3.41 -9.70
C THR A 64 -3.63 3.14 -8.33
N LYS A 65 -4.95 3.19 -8.29
CA LYS A 65 -5.67 2.96 -7.05
C LYS A 65 -6.66 1.81 -7.26
N GLY A 66 -6.51 0.77 -6.44
CA GLY A 66 -7.38 -0.37 -6.52
C GLY A 66 -7.79 -0.86 -5.12
N PHE A 67 -8.59 -1.91 -5.11
CA PHE A 67 -9.06 -2.47 -3.85
C PHE A 67 -8.50 -3.89 -3.64
N VAL A 68 -7.96 -4.10 -2.46
CA VAL A 68 -7.39 -5.39 -2.11
C VAL A 68 -7.73 -5.73 -0.66
N TYR A 69 -7.40 -6.96 -0.28
CA TYR A 69 -7.66 -7.42 1.07
C TYR A 69 -6.43 -7.20 1.97
N SER A 70 -6.69 -6.56 3.11
CA SER A 70 -5.62 -6.29 4.06
C SER A 70 -4.73 -7.53 4.21
N SER A 71 -5.34 -8.69 3.99
CA SER A 71 -4.61 -9.94 4.10
C SER A 71 -3.47 -9.98 3.07
N PHE A 72 -3.81 -9.58 1.84
CA PHE A 72 -2.84 -9.57 0.77
C PHE A 72 -1.77 -8.49 1.00
N LEU A 73 -2.03 -7.67 2.01
CA LEU A 73 -1.10 -6.60 2.35
C LEU A 73 -0.43 -6.91 3.69
N LYS A 74 0.58 -6.13 4.00
CA LYS A 74 1.31 -6.30 5.25
C LYS A 74 1.79 -4.95 5.75
N PRO A 75 1.83 -4.82 7.11
CA PRO A 75 2.27 -3.59 7.74
C PRO A 75 3.78 -3.42 7.64
N TYR A 76 4.20 -2.49 6.80
CA TYR A 76 5.62 -2.23 6.62
C TYR A 76 6.33 -2.04 7.96
N ASN A 77 7.62 -1.75 7.88
CA ASN A 77 8.42 -1.54 9.07
C ASN A 77 9.75 -0.90 8.69
N PRO A 78 9.76 0.46 8.72
CA PRO A 78 10.96 1.21 8.39
C PRO A 78 11.99 1.13 9.51
N ARG A 79 11.64 0.39 10.55
CA ARG A 79 12.52 0.22 11.69
C ARG A 79 12.76 1.57 12.37
N ARG A 80 12.32 1.65 13.62
CA ARG A 80 12.47 2.87 14.40
C ARG A 80 11.62 4.00 13.79
N SER A 81 10.54 4.30 14.48
CA SER A 81 9.63 5.35 14.04
C SER A 81 9.80 6.60 14.90
N HIS A 82 9.55 7.75 14.29
CA HIS A 82 9.67 9.01 14.99
C HIS A 82 8.38 9.30 15.76
N SER A 83 8.49 10.21 16.71
CA SER A 83 7.34 10.59 17.52
C SER A 83 6.18 10.99 16.62
N ASP A 84 4.97 10.70 17.11
CA ASP A 84 3.77 11.04 16.36
C ASP A 84 2.74 11.65 17.31
N ALA A 85 2.15 12.74 16.86
CA ALA A 85 1.14 13.43 17.66
C ALA A 85 0.23 12.39 18.33
N SER A 86 0.11 12.53 19.64
CA SER A 86 -0.73 11.61 20.40
C SER A 86 -2.11 11.49 19.75
N SER A 87 -2.85 10.48 20.20
CA SER A 87 -4.17 10.24 19.66
C SER A 87 -5.01 9.45 20.68
N GLY A 88 -6.06 10.09 21.14
CA GLY A 88 -6.95 9.46 22.11
C GLY A 88 -7.80 10.50 22.84
N PRO A 89 -9.04 10.71 22.31
CA PRO A 89 -9.95 11.68 22.89
C PRO A 89 -10.56 11.13 24.19
N SER A 90 -11.10 9.94 24.09
CA SER A 90 -11.72 9.30 25.24
C SER A 90 -12.85 10.18 25.79
N SER A 91 -14.06 9.68 25.64
CA SER A 91 -15.23 10.41 26.12
C SER A 91 -15.38 10.23 27.63
N GLY A 92 -15.50 8.97 28.04
CA GLY A 92 -15.65 8.65 29.45
C GLY A 92 -15.53 7.15 29.68
N GLY A 1 13.86 5.93 -11.42
CA GLY A 1 12.77 5.09 -11.90
C GLY A 1 11.42 5.74 -11.61
N SER A 2 10.40 4.90 -11.54
CA SER A 2 9.05 5.36 -11.28
C SER A 2 8.34 4.40 -10.32
N SER A 3 8.30 3.14 -10.73
CA SER A 3 7.65 2.12 -9.93
C SER A 3 8.36 1.98 -8.58
N GLY A 4 9.64 1.65 -8.64
CA GLY A 4 10.44 1.50 -7.44
C GLY A 4 10.47 2.79 -6.63
N SER A 5 11.03 3.82 -7.26
CA SER A 5 11.14 5.12 -6.62
C SER A 5 9.84 5.45 -5.89
N SER A 6 8.73 5.26 -6.58
CA SER A 6 7.43 5.54 -6.01
C SER A 6 7.29 4.80 -4.67
N GLY A 7 7.48 3.49 -4.74
CA GLY A 7 7.37 2.66 -3.54
C GLY A 7 8.02 3.34 -2.34
N ALA A 8 9.13 4.01 -2.61
CA ALA A 8 9.86 4.71 -1.56
C ALA A 8 9.11 6.00 -1.19
N SER A 9 8.61 6.67 -2.22
CA SER A 9 7.88 7.90 -2.03
C SER A 9 6.63 7.64 -1.19
N LEU A 10 6.00 6.50 -1.45
CA LEU A 10 4.80 6.12 -0.72
C LEU A 10 5.03 6.33 0.78
N LEU A 11 6.24 6.04 1.20
CA LEU A 11 6.61 6.20 2.61
C LEU A 11 6.39 7.65 3.02
N ALA A 12 6.75 8.55 2.12
CA ALA A 12 6.60 9.98 2.39
C ALA A 12 5.16 10.40 2.08
N ARG A 13 4.66 9.92 0.95
CA ARG A 13 3.31 10.23 0.53
C ARG A 13 2.30 9.82 1.61
N TYR A 14 2.45 8.59 2.08
CA TYR A 14 1.57 8.07 3.11
C TYR A 14 2.34 7.80 4.40
N PRO A 15 1.58 7.80 5.53
CA PRO A 15 2.18 7.56 6.83
C PRO A 15 2.51 6.07 7.02
N PRO A 16 3.21 5.77 8.14
CA PRO A 16 3.60 4.41 8.45
C PRO A 16 2.40 3.59 8.93
N GLU A 17 1.44 4.30 9.53
CA GLU A 17 0.24 3.67 10.03
C GLU A 17 -0.71 3.33 8.88
N LYS A 18 -0.31 3.73 7.69
CA LYS A 18 -1.13 3.48 6.51
C LYS A 18 -0.23 2.93 5.40
N LEU A 19 0.93 2.44 5.80
CA LEU A 19 1.88 1.88 4.85
C LEU A 19 1.78 0.35 4.88
N PHE A 20 1.37 -0.21 3.75
CA PHE A 20 1.23 -1.64 3.64
C PHE A 20 1.81 -2.15 2.30
N GLN A 21 2.43 -3.32 2.37
CA GLN A 21 3.03 -3.91 1.18
C GLN A 21 2.19 -5.10 0.72
N ALA A 22 2.51 -5.58 -0.48
CA ALA A 22 1.81 -6.71 -1.04
C ALA A 22 2.42 -8.01 -0.52
N GLU A 23 1.62 -8.71 0.28
CA GLU A 23 2.06 -9.96 0.87
C GLU A 23 2.57 -10.91 -0.23
N ARG A 24 1.85 -10.92 -1.34
CA ARG A 24 2.21 -11.76 -2.46
C ARG A 24 1.82 -11.09 -3.78
N ASN A 25 2.24 -11.72 -4.87
CA ASN A 25 1.94 -11.20 -6.19
C ASN A 25 0.42 -11.18 -6.40
N PHE A 26 -0.17 -10.03 -6.11
CA PHE A 26 -1.61 -9.86 -6.26
C PHE A 26 -1.99 -9.69 -7.73
N ASN A 27 -3.02 -10.42 -8.12
CA ASN A 27 -3.50 -10.37 -9.48
C ASN A 27 -4.93 -9.83 -9.50
N ALA A 28 -5.09 -8.63 -10.05
CA ALA A 28 -6.39 -8.01 -10.13
C ALA A 28 -7.43 -9.04 -10.58
N ALA A 29 -8.50 -9.14 -9.81
CA ALA A 29 -9.55 -10.08 -10.12
C ALA A 29 -10.78 -9.31 -10.62
N GLN A 30 -11.10 -8.25 -9.91
CA GLN A 30 -12.25 -7.43 -10.28
C GLN A 30 -11.79 -6.23 -11.13
N ASP A 31 -12.75 -5.37 -11.44
CA ASP A 31 -12.46 -4.19 -12.24
C ASP A 31 -11.86 -3.10 -11.34
N LEU A 32 -12.08 -3.26 -10.05
CA LEU A 32 -11.58 -2.30 -9.08
C LEU A 32 -10.21 -2.77 -8.57
N ASP A 33 -9.95 -4.05 -8.78
CA ASP A 33 -8.70 -4.65 -8.34
C ASP A 33 -7.61 -4.34 -9.37
N VAL A 34 -6.41 -4.14 -8.87
CA VAL A 34 -5.28 -3.84 -9.73
C VAL A 34 -4.10 -4.75 -9.37
N SER A 35 -3.42 -5.22 -10.40
CA SER A 35 -2.28 -6.10 -10.21
C SER A 35 -1.22 -5.40 -9.35
N LEU A 36 -0.51 -6.20 -8.57
CA LEU A 36 0.52 -5.67 -7.70
C LEU A 36 1.61 -6.73 -7.50
N LEU A 37 2.80 -6.26 -7.20
CA LEU A 37 3.93 -7.16 -6.98
C LEU A 37 4.13 -7.36 -5.47
N GLU A 38 4.42 -8.60 -5.11
CA GLU A 38 4.63 -8.94 -3.71
C GLU A 38 5.62 -7.95 -3.07
N GLY A 39 6.40 -7.30 -3.93
CA GLY A 39 7.37 -6.33 -3.46
C GLY A 39 6.82 -4.91 -3.55
N ASP A 40 5.83 -4.74 -4.42
CA ASP A 40 5.22 -3.44 -4.61
C ASP A 40 4.69 -2.93 -3.26
N LEU A 41 4.85 -1.63 -3.06
CA LEU A 41 4.41 -1.02 -1.82
C LEU A 41 3.17 -0.16 -2.10
N VAL A 42 2.34 -0.02 -1.08
CA VAL A 42 1.13 0.76 -1.20
C VAL A 42 0.83 1.45 0.14
N GLY A 43 0.02 2.50 0.06
CA GLY A 43 -0.36 3.24 1.25
C GLY A 43 -1.87 3.26 1.44
N VAL A 44 -2.33 2.48 2.40
CA VAL A 44 -3.75 2.40 2.69
C VAL A 44 -4.37 3.78 2.56
N ILE A 45 -5.49 3.84 1.84
CA ILE A 45 -6.19 5.08 1.63
C ILE A 45 -7.46 5.11 2.48
N LYS A 46 -8.28 4.07 2.28
CA LYS A 46 -9.53 3.96 3.01
C LYS A 46 -9.63 2.55 3.61
N LYS A 47 -10.24 2.49 4.79
CA LYS A 47 -10.41 1.22 5.47
C LYS A 47 -11.87 0.77 5.34
N LYS A 48 -12.48 1.17 4.23
CA LYS A 48 -13.87 0.81 3.98
C LYS A 48 -14.19 1.05 2.50
N ASP A 49 -14.74 0.03 1.88
CA ASP A 49 -15.10 0.11 0.46
C ASP A 49 -16.46 0.81 0.33
N PRO A 50 -16.72 1.31 -0.91
CA PRO A 50 -17.97 1.99 -1.18
C PRO A 50 -19.13 0.99 -1.29
N MET A 51 -19.40 0.32 -0.18
CA MET A 51 -20.48 -0.65 -0.15
C MET A 51 -20.76 -1.11 1.29
N GLY A 52 -19.70 -1.60 1.93
CA GLY A 52 -19.82 -2.07 3.31
C GLY A 52 -19.01 -3.34 3.53
N SER A 53 -17.69 -3.18 3.47
CA SER A 53 -16.79 -4.31 3.65
C SER A 53 -15.43 -3.81 4.13
N GLN A 54 -15.02 -4.31 5.28
CA GLN A 54 -13.74 -3.92 5.86
C GLN A 54 -12.65 -4.89 5.41
N ASN A 55 -13.08 -5.99 4.81
CA ASN A 55 -12.15 -7.00 4.32
C ASN A 55 -11.35 -6.41 3.16
N ARG A 56 -11.99 -5.54 2.41
CA ARG A 56 -11.34 -4.90 1.27
C ARG A 56 -11.08 -3.42 1.56
N TRP A 57 -9.83 -3.04 1.36
CA TRP A 57 -9.42 -1.66 1.60
C TRP A 57 -8.88 -1.10 0.28
N LEU A 58 -8.88 0.23 0.22
CA LEU A 58 -8.39 0.91 -0.98
C LEU A 58 -6.94 1.35 -0.76
N ILE A 59 -6.06 0.82 -1.58
CA ILE A 59 -4.65 1.14 -1.48
C ILE A 59 -4.19 1.81 -2.77
N ASP A 60 -3.04 2.46 -2.69
CA ASP A 60 -2.49 3.14 -3.86
C ASP A 60 -1.23 2.40 -4.32
N ASN A 61 -1.17 2.15 -5.62
CA ASN A 61 -0.03 1.46 -6.20
C ASN A 61 0.87 2.47 -6.89
N GLY A 62 0.83 3.70 -6.40
CA GLY A 62 1.64 4.77 -6.97
C GLY A 62 1.35 4.94 -8.46
N VAL A 63 0.12 4.61 -8.84
CA VAL A 63 -0.29 4.73 -10.24
C VAL A 63 -1.79 5.00 -10.29
N THR A 64 -2.54 4.16 -9.60
CA THR A 64 -3.98 4.30 -9.56
C THR A 64 -4.54 3.86 -8.20
N LYS A 65 -5.83 3.57 -8.19
CA LYS A 65 -6.49 3.13 -6.97
C LYS A 65 -7.05 1.72 -7.18
N GLY A 66 -6.59 0.81 -6.33
CA GLY A 66 -7.03 -0.57 -6.40
C GLY A 66 -7.59 -1.03 -5.06
N PHE A 67 -8.36 -2.12 -5.12
CA PHE A 67 -8.96 -2.67 -3.91
C PHE A 67 -8.46 -4.10 -3.66
N VAL A 68 -7.89 -4.29 -2.48
CA VAL A 68 -7.37 -5.58 -2.10
C VAL A 68 -7.68 -5.86 -0.62
N TYR A 69 -7.48 -7.10 -0.23
CA TYR A 69 -7.74 -7.50 1.14
C TYR A 69 -6.48 -7.38 2.00
N SER A 70 -6.64 -6.70 3.13
CA SER A 70 -5.53 -6.50 4.04
C SER A 70 -4.71 -7.79 4.15
N SER A 71 -5.39 -8.91 3.95
CA SER A 71 -4.75 -10.20 4.02
C SER A 71 -3.62 -10.29 2.99
N PHE A 72 -3.95 -9.90 1.77
CA PHE A 72 -2.99 -9.92 0.69
C PHE A 72 -1.94 -8.84 0.87
N LEU A 73 -2.16 -8.00 1.87
CA LEU A 73 -1.23 -6.92 2.16
C LEU A 73 -0.58 -7.16 3.53
N LYS A 74 0.51 -6.44 3.76
CA LYS A 74 1.23 -6.56 5.01
C LYS A 74 1.61 -5.17 5.51
N PRO A 75 1.73 -5.05 6.87
CA PRO A 75 2.08 -3.79 7.49
C PRO A 75 3.58 -3.49 7.29
N TYR A 76 3.84 -2.53 6.40
CA TYR A 76 5.21 -2.14 6.13
C TYR A 76 5.97 -1.83 7.42
N ASN A 77 7.21 -1.40 7.24
CA ASN A 77 8.05 -1.07 8.38
C ASN A 77 9.23 -0.23 7.91
N PRO A 78 9.02 1.11 7.89
CA PRO A 78 10.06 2.03 7.45
C PRO A 78 11.14 2.18 8.53
N ARG A 79 10.95 1.45 9.61
CA ARG A 79 11.88 1.50 10.73
C ARG A 79 11.92 2.90 11.33
N ARG A 80 11.71 2.95 12.64
CA ARG A 80 11.72 4.21 13.36
C ARG A 80 10.70 5.17 12.74
N SER A 81 10.42 6.24 13.47
CA SER A 81 9.48 7.24 13.00
C SER A 81 9.74 8.58 13.68
N HIS A 82 9.80 9.62 12.87
CA HIS A 82 10.05 10.96 13.39
C HIS A 82 8.72 11.69 13.61
N SER A 83 8.82 12.91 14.10
CA SER A 83 7.64 13.71 14.37
C SER A 83 6.87 13.95 13.07
N ASP A 84 5.69 13.36 13.00
CA ASP A 84 4.85 13.50 11.82
C ASP A 84 3.67 14.42 12.15
N ALA A 85 3.64 15.55 11.45
CA ALA A 85 2.58 16.52 11.64
C ALA A 85 1.23 15.87 11.35
N SER A 86 0.17 16.59 11.68
CA SER A 86 -1.18 16.10 11.47
C SER A 86 -1.41 14.82 12.28
N SER A 87 -2.66 14.59 12.63
CA SER A 87 -3.03 13.42 13.39
C SER A 87 -4.55 13.28 13.46
N GLY A 88 -5.21 14.40 13.70
CA GLY A 88 -6.66 14.43 13.79
C GLY A 88 -7.18 15.86 13.93
N PRO A 89 -8.37 16.10 13.32
CA PRO A 89 -8.98 17.41 13.37
C PRO A 89 -9.59 17.69 14.74
N SER A 90 -10.15 18.87 14.89
CA SER A 90 -10.76 19.27 16.14
C SER A 90 -12.28 19.36 15.97
N SER A 91 -12.98 18.89 17.00
CA SER A 91 -14.44 18.91 16.98
C SER A 91 -14.95 20.35 16.91
N GLY A 92 -16.20 20.49 16.50
CA GLY A 92 -16.81 21.80 16.39
C GLY A 92 -18.33 21.71 16.50
N GLY A 1 9.00 4.94 -18.42
CA GLY A 1 8.30 5.17 -17.17
C GLY A 1 9.09 4.63 -15.99
N SER A 2 8.67 5.02 -14.79
CA SER A 2 9.33 4.57 -13.59
C SER A 2 8.30 4.40 -12.46
N SER A 3 8.07 3.15 -12.10
CA SER A 3 7.12 2.83 -11.05
C SER A 3 7.86 2.67 -9.72
N GLY A 4 8.91 1.87 -9.75
CA GLY A 4 9.70 1.62 -8.56
C GLY A 4 9.95 2.92 -7.78
N SER A 5 10.58 3.86 -8.46
CA SER A 5 10.89 5.15 -7.86
C SER A 5 9.67 5.65 -7.07
N SER A 6 8.49 5.32 -7.59
CA SER A 6 7.26 5.73 -6.94
C SER A 6 7.06 4.97 -5.64
N GLY A 7 7.19 3.65 -5.74
CA GLY A 7 7.03 2.79 -4.58
C GLY A 7 7.72 3.39 -3.36
N ALA A 8 8.75 4.19 -3.61
CA ALA A 8 9.49 4.82 -2.55
C ALA A 8 8.70 6.04 -2.05
N SER A 9 8.22 6.83 -2.99
CA SER A 9 7.45 8.02 -2.66
C SER A 9 6.39 7.67 -1.61
N LEU A 10 5.82 6.49 -1.75
CA LEU A 10 4.80 6.04 -0.83
C LEU A 10 5.30 6.18 0.60
N LEU A 11 6.63 6.17 0.74
CA LEU A 11 7.26 6.29 2.03
C LEU A 11 7.09 7.72 2.54
N ALA A 12 7.04 8.65 1.59
CA ALA A 12 6.88 10.06 1.93
C ALA A 12 5.41 10.45 1.79
N ARG A 13 4.82 10.01 0.69
CA ARG A 13 3.43 10.30 0.42
C ARG A 13 2.55 9.87 1.60
N TYR A 14 2.67 8.59 1.94
CA TYR A 14 1.89 8.03 3.04
C TYR A 14 2.80 7.74 4.24
N PRO A 15 2.15 7.68 5.44
CA PRO A 15 2.88 7.41 6.67
C PRO A 15 3.27 5.93 6.76
N PRO A 16 4.12 5.62 7.77
CA PRO A 16 4.58 4.26 7.98
C PRO A 16 3.48 3.40 8.60
N GLU A 17 2.61 4.06 9.38
CA GLU A 17 1.52 3.37 10.03
C GLU A 17 0.41 3.06 9.02
N LYS A 18 0.62 3.53 7.80
CA LYS A 18 -0.36 3.32 6.74
C LYS A 18 0.36 2.76 5.51
N LEU A 19 1.59 2.35 5.72
CA LEU A 19 2.39 1.80 4.64
C LEU A 19 2.32 0.27 4.69
N PHE A 20 1.64 -0.30 3.70
CA PHE A 20 1.49 -1.74 3.62
C PHE A 20 2.08 -2.29 2.32
N GLN A 21 2.77 -3.41 2.45
CA GLN A 21 3.40 -4.03 1.30
C GLN A 21 2.53 -5.21 0.80
N ALA A 22 2.81 -5.61 -0.43
CA ALA A 22 2.07 -6.72 -1.03
C ALA A 22 2.67 -8.04 -0.55
N GLU A 23 1.94 -8.72 0.30
CA GLU A 23 2.39 -10.01 0.83
C GLU A 23 2.80 -10.94 -0.31
N ARG A 24 1.96 -11.00 -1.32
CA ARG A 24 2.22 -11.83 -2.48
C ARG A 24 1.80 -11.12 -3.76
N ASN A 25 2.07 -11.78 -4.89
CA ASN A 25 1.74 -11.23 -6.18
C ASN A 25 0.21 -11.17 -6.32
N PHE A 26 -0.33 -9.99 -6.06
CA PHE A 26 -1.77 -9.80 -6.17
C PHE A 26 -2.21 -9.73 -7.63
N ASN A 27 -3.29 -10.44 -7.92
CA ASN A 27 -3.83 -10.47 -9.26
C ASN A 27 -5.23 -9.86 -9.26
N ALA A 28 -5.36 -8.74 -9.97
CA ALA A 28 -6.64 -8.06 -10.06
C ALA A 28 -7.74 -9.08 -10.33
N ALA A 29 -8.80 -8.99 -9.53
CA ALA A 29 -9.93 -9.89 -9.66
C ALA A 29 -11.11 -9.14 -10.27
N GLN A 30 -11.37 -7.96 -9.72
CA GLN A 30 -12.46 -7.13 -10.21
C GLN A 30 -11.92 -5.90 -10.95
N ASP A 31 -12.84 -5.07 -11.39
CA ASP A 31 -12.47 -3.86 -12.11
C ASP A 31 -11.96 -2.82 -11.11
N LEU A 32 -12.23 -3.08 -9.84
CA LEU A 32 -11.80 -2.18 -8.79
C LEU A 32 -10.45 -2.63 -8.24
N ASP A 33 -10.13 -3.88 -8.53
CA ASP A 33 -8.86 -4.45 -8.08
C ASP A 33 -7.76 -4.08 -9.08
N VAL A 34 -6.52 -4.22 -8.62
CA VAL A 34 -5.38 -3.90 -9.46
C VAL A 34 -4.21 -4.81 -9.07
N SER A 35 -3.63 -5.44 -10.07
CA SER A 35 -2.50 -6.33 -9.84
C SER A 35 -1.38 -5.58 -9.12
N LEU A 36 -0.63 -6.34 -8.33
CA LEU A 36 0.48 -5.77 -7.58
C LEU A 36 1.57 -6.81 -7.40
N LEU A 37 2.78 -6.33 -7.19
CA LEU A 37 3.92 -7.21 -7.00
C LEU A 37 4.19 -7.38 -5.50
N GLU A 38 4.52 -8.61 -5.13
CA GLU A 38 4.80 -8.91 -3.74
C GLU A 38 5.78 -7.89 -3.16
N GLY A 39 6.50 -7.24 -4.05
CA GLY A 39 7.47 -6.24 -3.64
C GLY A 39 6.88 -4.83 -3.72
N ASP A 40 5.88 -4.69 -4.57
CA ASP A 40 5.21 -3.41 -4.75
C ASP A 40 4.70 -2.93 -3.39
N LEU A 41 4.85 -1.63 -3.17
CA LEU A 41 4.41 -1.03 -1.92
C LEU A 41 3.15 -0.19 -2.18
N VAL A 42 2.30 -0.13 -1.17
CA VAL A 42 1.07 0.63 -1.28
C VAL A 42 0.80 1.36 0.04
N GLY A 43 -0.02 2.40 -0.05
CA GLY A 43 -0.35 3.19 1.12
C GLY A 43 -1.86 3.22 1.35
N VAL A 44 -2.28 2.56 2.42
CA VAL A 44 -3.69 2.50 2.76
C VAL A 44 -4.31 3.88 2.58
N ILE A 45 -5.45 3.90 1.90
CA ILE A 45 -6.15 5.14 1.65
C ILE A 45 -7.42 5.18 2.50
N LYS A 46 -8.21 4.12 2.38
CA LYS A 46 -9.45 4.02 3.13
C LYS A 46 -9.58 2.60 3.70
N LYS A 47 -10.39 2.49 4.75
CA LYS A 47 -10.61 1.21 5.39
C LYS A 47 -12.03 0.72 5.08
N LYS A 48 -12.47 1.06 3.88
CA LYS A 48 -13.81 0.66 3.44
C LYS A 48 -13.95 0.93 1.94
N ASP A 49 -15.10 0.56 1.41
CA ASP A 49 -15.36 0.75 -0.01
C ASP A 49 -16.84 1.10 -0.19
N PRO A 50 -17.18 1.55 -1.43
CA PRO A 50 -18.54 1.93 -1.76
C PRO A 50 -19.42 0.69 -1.92
N MET A 51 -19.52 -0.08 -0.84
CA MET A 51 -20.33 -1.29 -0.85
C MET A 51 -20.49 -1.85 0.55
N GLY A 52 -19.36 -2.08 1.20
CA GLY A 52 -19.36 -2.62 2.55
C GLY A 52 -18.48 -3.86 2.65
N SER A 53 -17.20 -3.66 2.43
CA SER A 53 -16.24 -4.75 2.49
C SER A 53 -15.00 -4.33 3.29
N GLN A 54 -15.17 -4.33 4.61
CA GLN A 54 -14.07 -3.96 5.50
C GLN A 54 -12.78 -4.64 5.06
N ASN A 55 -12.81 -5.97 5.08
CA ASN A 55 -11.65 -6.75 4.69
C ASN A 55 -10.98 -6.09 3.49
N ARG A 56 -11.80 -5.45 2.66
CA ARG A 56 -11.30 -4.78 1.48
C ARG A 56 -10.93 -3.33 1.81
N TRP A 57 -9.66 -3.01 1.61
CA TRP A 57 -9.17 -1.67 1.87
C TRP A 57 -8.70 -1.07 0.54
N LEU A 58 -8.85 0.25 0.45
CA LEU A 58 -8.44 0.96 -0.75
C LEU A 58 -6.99 1.44 -0.60
N ILE A 59 -6.14 0.91 -1.47
CA ILE A 59 -4.74 1.28 -1.45
C ILE A 59 -4.34 1.86 -2.80
N ASP A 60 -3.23 2.59 -2.80
CA ASP A 60 -2.73 3.21 -4.01
C ASP A 60 -1.45 2.51 -4.45
N ASN A 61 -1.46 2.02 -5.67
CA ASN A 61 -0.30 1.33 -6.22
C ASN A 61 0.59 2.33 -6.95
N GLY A 62 0.73 3.50 -6.33
CA GLY A 62 1.55 4.55 -6.91
C GLY A 62 1.25 4.73 -8.41
N VAL A 63 0.01 4.45 -8.76
CA VAL A 63 -0.42 4.56 -10.14
C VAL A 63 -1.91 4.92 -10.18
N THR A 64 -2.68 4.16 -9.43
CA THR A 64 -4.12 4.37 -9.37
C THR A 64 -4.67 3.93 -8.01
N LYS A 65 -5.98 3.73 -7.98
CA LYS A 65 -6.64 3.30 -6.76
C LYS A 65 -7.27 1.92 -6.97
N GLY A 66 -6.83 0.98 -6.14
CA GLY A 66 -7.34 -0.38 -6.24
C GLY A 66 -7.82 -0.88 -4.86
N PHE A 67 -8.54 -1.98 -4.90
CA PHE A 67 -9.06 -2.57 -3.68
C PHE A 67 -8.53 -3.99 -3.47
N VAL A 68 -7.88 -4.18 -2.32
CA VAL A 68 -7.31 -5.48 -2.00
C VAL A 68 -7.57 -5.78 -0.52
N TYR A 69 -7.59 -7.06 -0.21
CA TYR A 69 -7.83 -7.50 1.16
C TYR A 69 -6.55 -7.38 2.00
N SER A 70 -6.70 -6.74 3.15
CA SER A 70 -5.57 -6.54 4.05
C SER A 70 -4.71 -7.81 4.09
N SER A 71 -5.37 -8.94 3.88
CA SER A 71 -4.70 -10.23 3.89
C SER A 71 -3.53 -10.21 2.89
N PHE A 72 -3.83 -9.72 1.70
CA PHE A 72 -2.83 -9.64 0.65
C PHE A 72 -1.83 -8.52 0.92
N LEU A 73 -2.07 -7.81 2.02
CA LEU A 73 -1.21 -6.70 2.40
C LEU A 73 -0.59 -7.00 3.77
N LYS A 74 0.54 -6.35 4.02
CA LYS A 74 1.25 -6.54 5.27
C LYS A 74 1.68 -5.18 5.82
N PRO A 75 1.68 -5.08 7.18
CA PRO A 75 2.06 -3.84 7.84
C PRO A 75 3.59 -3.65 7.79
N TYR A 76 4.01 -2.80 6.87
CA TYR A 76 5.43 -2.51 6.71
C TYR A 76 6.07 -2.11 8.04
N ASN A 77 7.35 -1.81 7.98
CA ASN A 77 8.08 -1.40 9.18
C ASN A 77 9.43 -0.83 8.76
N PRO A 78 9.45 0.53 8.59
CA PRO A 78 10.67 1.21 8.20
C PRO A 78 11.64 1.32 9.38
N ARG A 79 11.22 0.75 10.51
CA ARG A 79 12.04 0.77 11.71
C ARG A 79 12.29 2.21 12.14
N ARG A 80 11.36 2.74 12.93
CA ARG A 80 11.47 4.10 13.43
C ARG A 80 10.61 4.27 14.68
N SER A 81 11.25 4.79 15.73
CA SER A 81 10.55 5.01 16.98
C SER A 81 10.44 6.51 17.25
N HIS A 82 9.38 6.87 17.98
CA HIS A 82 9.14 8.26 18.31
C HIS A 82 8.69 8.37 19.77
N SER A 83 7.57 7.73 20.05
CA SER A 83 7.02 7.74 21.40
C SER A 83 6.64 9.18 21.79
N ASP A 84 5.35 9.45 21.72
CA ASP A 84 4.84 10.77 22.06
C ASP A 84 3.33 10.68 22.31
N ALA A 85 2.90 11.38 23.35
CA ALA A 85 1.48 11.40 23.70
C ALA A 85 0.79 12.55 22.99
N SER A 86 -0.30 12.22 22.31
CA SER A 86 -1.07 13.22 21.59
C SER A 86 -2.34 12.59 21.01
N SER A 87 -3.38 13.40 20.95
CA SER A 87 -4.66 12.93 20.43
C SER A 87 -5.63 14.10 20.30
N GLY A 88 -6.33 14.13 19.17
CA GLY A 88 -7.29 15.19 18.92
C GLY A 88 -8.29 15.32 20.06
N PRO A 89 -8.77 16.57 20.28
CA PRO A 89 -9.72 16.84 21.34
C PRO A 89 -11.12 16.34 20.96
N SER A 90 -11.76 15.68 21.91
CA SER A 90 -13.10 15.14 21.69
C SER A 90 -13.79 14.90 23.03
N SER A 91 -15.08 15.21 23.06
CA SER A 91 -15.86 15.04 24.26
C SER A 91 -17.27 14.57 23.90
N GLY A 92 -18.00 14.14 24.92
CA GLY A 92 -19.36 13.66 24.73
C GLY A 92 -19.46 12.16 24.97
N GLY A 1 7.04 7.04 -13.46
CA GLY A 1 8.43 7.15 -13.83
C GLY A 1 9.24 5.96 -13.32
N SER A 2 9.58 6.03 -12.04
CA SER A 2 10.35 4.97 -11.41
C SER A 2 9.58 4.40 -10.22
N SER A 3 9.22 3.13 -10.35
CA SER A 3 8.47 2.45 -9.30
C SER A 3 9.18 2.65 -7.96
N GLY A 4 10.45 2.30 -7.93
CA GLY A 4 11.25 2.43 -6.72
C GLY A 4 10.96 3.76 -6.03
N SER A 5 11.18 4.83 -6.77
CA SER A 5 10.96 6.17 -6.24
C SER A 5 9.59 6.25 -5.57
N SER A 6 8.57 5.92 -6.34
CA SER A 6 7.21 5.95 -5.82
C SER A 6 7.14 5.19 -4.50
N GLY A 7 7.58 3.94 -4.54
CA GLY A 7 7.57 3.10 -3.35
C GLY A 7 8.31 3.79 -2.19
N ALA A 8 9.41 4.44 -2.53
CA ALA A 8 10.21 5.14 -1.54
C ALA A 8 9.48 6.42 -1.12
N SER A 9 8.65 6.92 -2.02
CA SER A 9 7.90 8.13 -1.76
C SER A 9 6.65 7.81 -0.94
N LEU A 10 6.13 6.60 -1.15
CA LEU A 10 4.95 6.16 -0.44
C LEU A 10 5.15 6.37 1.06
N LEU A 11 6.41 6.41 1.45
CA LEU A 11 6.75 6.60 2.86
C LEU A 11 6.47 8.06 3.24
N ALA A 12 6.68 8.94 2.28
CA ALA A 12 6.47 10.36 2.52
C ALA A 12 5.02 10.71 2.15
N ARG A 13 4.55 10.11 1.06
CA ARG A 13 3.20 10.35 0.59
C ARG A 13 2.19 9.92 1.66
N TYR A 14 2.30 8.66 2.07
CA TYR A 14 1.39 8.13 3.08
C TYR A 14 2.13 7.92 4.40
N PRO A 15 1.33 7.81 5.50
CA PRO A 15 1.90 7.60 6.82
C PRO A 15 2.37 6.16 6.99
N PRO A 16 3.09 5.92 8.12
CA PRO A 16 3.61 4.60 8.42
C PRO A 16 2.49 3.66 8.88
N GLU A 17 1.52 4.25 9.56
CA GLU A 17 0.40 3.48 10.07
C GLU A 17 -0.53 3.09 8.92
N LYS A 18 -0.20 3.57 7.74
CA LYS A 18 -1.00 3.28 6.56
C LYS A 18 -0.09 2.72 5.46
N LEU A 19 1.14 2.44 5.85
CA LEU A 19 2.12 1.90 4.90
C LEU A 19 2.04 0.38 4.91
N PHE A 20 1.56 -0.16 3.80
CA PHE A 20 1.44 -1.61 3.66
C PHE A 20 2.09 -2.10 2.38
N GLN A 21 2.71 -3.26 2.48
CA GLN A 21 3.39 -3.85 1.33
C GLN A 21 2.55 -5.00 0.75
N ALA A 22 2.95 -5.45 -0.42
CA ALA A 22 2.24 -6.53 -1.09
C ALA A 22 2.74 -7.87 -0.53
N GLU A 23 1.87 -8.53 0.21
CA GLU A 23 2.21 -9.82 0.80
C GLU A 23 2.68 -10.79 -0.29
N ARG A 24 1.91 -10.84 -1.36
CA ARG A 24 2.23 -11.72 -2.47
C ARG A 24 1.79 -11.09 -3.80
N ASN A 25 2.23 -11.72 -4.88
CA ASN A 25 1.89 -11.22 -6.21
C ASN A 25 0.38 -11.27 -6.39
N PHE A 26 -0.27 -10.16 -6.09
CA PHE A 26 -1.70 -10.06 -6.22
C PHE A 26 -2.12 -9.89 -7.68
N ASN A 27 -3.19 -10.58 -8.05
CA ASN A 27 -3.69 -10.52 -9.41
C ASN A 27 -5.08 -9.89 -9.40
N ALA A 28 -5.25 -8.91 -10.27
CA ALA A 28 -6.53 -8.22 -10.39
C ALA A 28 -7.61 -9.22 -10.82
N ALA A 29 -8.65 -9.28 -10.02
CA ALA A 29 -9.76 -10.18 -10.30
C ALA A 29 -10.96 -9.38 -10.80
N GLN A 30 -11.21 -8.27 -10.10
CA GLN A 30 -12.33 -7.41 -10.46
C GLN A 30 -11.84 -6.25 -11.32
N ASP A 31 -12.77 -5.37 -11.65
CA ASP A 31 -12.45 -4.21 -12.47
C ASP A 31 -11.81 -3.12 -11.59
N LEU A 32 -12.00 -3.29 -10.29
CA LEU A 32 -11.47 -2.33 -9.34
C LEU A 32 -10.10 -2.82 -8.85
N ASP A 33 -9.94 -4.14 -8.89
CA ASP A 33 -8.69 -4.75 -8.46
C ASP A 33 -7.59 -4.43 -9.47
N VAL A 34 -6.38 -4.22 -8.95
CA VAL A 34 -5.25 -3.91 -9.80
C VAL A 34 -4.07 -4.81 -9.42
N SER A 35 -3.42 -5.34 -10.45
CA SER A 35 -2.27 -6.22 -10.23
C SER A 35 -1.22 -5.50 -9.37
N LEU A 36 -0.63 -6.26 -8.46
CA LEU A 36 0.38 -5.72 -7.57
C LEU A 36 1.54 -6.72 -7.45
N LEU A 37 2.69 -6.20 -7.05
CA LEU A 37 3.87 -7.03 -6.88
C LEU A 37 4.25 -7.08 -5.41
N GLU A 38 4.45 -8.31 -4.93
CA GLU A 38 4.82 -8.52 -3.54
C GLU A 38 5.82 -7.45 -3.09
N GLY A 39 6.75 -7.14 -3.98
CA GLY A 39 7.77 -6.14 -3.70
C GLY A 39 7.16 -4.73 -3.67
N ASP A 40 6.19 -4.52 -4.56
CA ASP A 40 5.53 -3.24 -4.64
C ASP A 40 4.89 -2.90 -3.28
N LEU A 41 4.91 -1.61 -2.96
CA LEU A 41 4.35 -1.14 -1.71
C LEU A 41 3.17 -0.21 -2.00
N VAL A 42 2.25 -0.17 -1.06
CA VAL A 42 1.07 0.69 -1.19
C VAL A 42 0.74 1.32 0.16
N GLY A 43 -0.08 2.36 0.10
CA GLY A 43 -0.48 3.05 1.31
C GLY A 43 -2.00 3.05 1.46
N VAL A 44 -2.46 2.30 2.45
CA VAL A 44 -3.89 2.21 2.71
C VAL A 44 -4.52 3.59 2.58
N ILE A 45 -5.62 3.64 1.84
CA ILE A 45 -6.33 4.89 1.64
C ILE A 45 -7.61 4.89 2.48
N LYS A 46 -8.42 3.88 2.25
CA LYS A 46 -9.67 3.74 2.97
C LYS A 46 -9.75 2.36 3.62
N LYS A 47 -10.17 2.34 4.87
CA LYS A 47 -10.29 1.09 5.61
C LYS A 47 -11.72 0.55 5.45
N LYS A 48 -12.35 0.94 4.36
CA LYS A 48 -13.71 0.51 4.08
C LYS A 48 -14.07 0.85 2.63
N ASP A 49 -14.61 -0.15 1.94
CA ASP A 49 -15.00 0.03 0.55
C ASP A 49 -16.29 0.83 0.49
N PRO A 50 -16.55 1.43 -0.70
CA PRO A 50 -17.75 2.22 -0.90
C PRO A 50 -18.97 1.32 -1.06
N MET A 51 -19.24 0.56 -0.02
CA MET A 51 -20.38 -0.35 -0.02
C MET A 51 -20.75 -0.78 1.40
N GLY A 52 -19.73 -1.16 2.15
CA GLY A 52 -19.93 -1.59 3.52
C GLY A 52 -19.21 -2.92 3.79
N SER A 53 -17.90 -2.88 3.67
CA SER A 53 -17.09 -4.06 3.89
C SER A 53 -15.65 -3.66 4.23
N GLN A 54 -15.20 -4.12 5.39
CA GLN A 54 -13.84 -3.83 5.83
C GLN A 54 -12.87 -4.88 5.31
N ASN A 55 -13.43 -5.96 4.79
CA ASN A 55 -12.63 -7.04 4.27
C ASN A 55 -11.73 -6.52 3.14
N ARG A 56 -12.29 -5.57 2.40
CA ARG A 56 -11.56 -4.97 1.29
C ARG A 56 -11.21 -3.51 1.61
N TRP A 57 -9.97 -3.16 1.33
CA TRP A 57 -9.50 -1.81 1.57
C TRP A 57 -9.00 -1.23 0.25
N LEU A 58 -8.94 0.10 0.20
CA LEU A 58 -8.48 0.78 -1.00
C LEU A 58 -7.03 1.27 -0.77
N ILE A 59 -6.16 0.83 -1.65
CA ILE A 59 -4.75 1.20 -1.57
C ILE A 59 -4.32 1.82 -2.90
N ASP A 60 -3.22 2.56 -2.86
CA ASP A 60 -2.69 3.20 -4.04
C ASP A 60 -1.33 2.60 -4.37
N ASN A 61 -1.21 2.11 -5.60
CA ASN A 61 0.03 1.51 -6.06
C ASN A 61 0.88 2.57 -6.75
N GLY A 62 0.81 3.78 -6.23
CA GLY A 62 1.57 4.89 -6.80
C GLY A 62 1.33 5.00 -8.31
N VAL A 63 0.18 4.51 -8.73
CA VAL A 63 -0.17 4.54 -10.14
C VAL A 63 -1.67 4.78 -10.28
N THR A 64 -2.44 3.95 -9.57
CA THR A 64 -3.89 4.06 -9.60
C THR A 64 -4.49 3.61 -8.27
N LYS A 65 -5.81 3.51 -8.26
CA LYS A 65 -6.51 3.09 -7.06
C LYS A 65 -7.10 1.71 -7.28
N GLY A 66 -6.69 0.78 -6.43
CA GLY A 66 -7.16 -0.59 -6.51
C GLY A 66 -7.67 -1.08 -5.15
N PHE A 67 -8.49 -2.12 -5.20
CA PHE A 67 -9.05 -2.70 -3.99
C PHE A 67 -8.53 -4.12 -3.76
N VAL A 68 -7.95 -4.31 -2.59
CA VAL A 68 -7.41 -5.61 -2.24
C VAL A 68 -7.65 -5.88 -0.75
N TYR A 69 -7.62 -7.15 -0.39
CA TYR A 69 -7.83 -7.55 0.99
C TYR A 69 -6.56 -7.37 1.81
N SER A 70 -6.72 -6.73 2.96
CA SER A 70 -5.60 -6.49 3.85
C SER A 70 -4.75 -7.76 3.97
N SER A 71 -5.40 -8.90 3.77
CA SER A 71 -4.73 -10.18 3.86
C SER A 71 -3.58 -10.24 2.85
N PHE A 72 -3.84 -9.67 1.68
CA PHE A 72 -2.83 -9.65 0.63
C PHE A 72 -1.79 -8.56 0.89
N LEU A 73 -2.06 -7.76 1.91
CA LEU A 73 -1.15 -6.68 2.28
C LEU A 73 -0.57 -6.95 3.66
N LYS A 74 0.56 -6.31 3.93
CA LYS A 74 1.23 -6.48 5.21
C LYS A 74 1.67 -5.10 5.73
N PRO A 75 1.64 -4.98 7.09
CA PRO A 75 2.02 -3.73 7.73
C PRO A 75 3.55 -3.55 7.70
N TYR A 76 3.98 -2.65 6.82
CA TYR A 76 5.40 -2.37 6.69
C TYR A 76 6.03 -2.10 8.05
N ASN A 77 7.33 -1.81 8.01
CA ASN A 77 8.06 -1.53 9.23
C ASN A 77 9.42 -0.92 8.87
N PRO A 78 9.45 0.45 8.83
CA PRO A 78 10.67 1.16 8.51
C PRO A 78 11.65 1.14 9.68
N ARG A 79 11.24 0.47 10.74
CA ARG A 79 12.07 0.36 11.93
C ARG A 79 13.53 0.15 11.55
N ARG A 80 14.27 1.25 11.56
CA ARG A 80 15.68 1.20 11.21
C ARG A 80 15.86 0.96 9.72
N SER A 81 15.76 2.04 8.96
CA SER A 81 15.91 1.97 7.51
C SER A 81 17.39 2.05 7.13
N HIS A 82 18.02 3.15 7.53
CA HIS A 82 19.43 3.35 7.23
C HIS A 82 19.62 3.45 5.72
N SER A 83 19.32 4.63 5.18
CA SER A 83 19.46 4.86 3.76
C SER A 83 19.72 6.35 3.50
N ASP A 84 20.04 6.65 2.25
CA ASP A 84 20.32 8.02 1.85
C ASP A 84 19.78 8.25 0.45
N ALA A 85 19.02 9.34 0.32
CA ALA A 85 18.44 9.69 -0.97
C ALA A 85 17.97 11.15 -0.93
N SER A 86 17.51 11.62 -2.08
CA SER A 86 17.03 12.98 -2.18
C SER A 86 16.43 13.22 -3.58
N SER A 87 15.60 14.25 -3.66
CA SER A 87 14.97 14.59 -4.93
C SER A 87 14.06 15.81 -4.73
N GLY A 88 13.66 16.38 -5.86
CA GLY A 88 12.79 17.55 -5.84
C GLY A 88 12.55 18.08 -7.25
N PRO A 89 11.57 17.45 -7.95
CA PRO A 89 11.24 17.84 -9.30
C PRO A 89 10.44 19.16 -9.31
N SER A 90 10.37 19.76 -10.49
CA SER A 90 9.65 21.01 -10.64
C SER A 90 9.70 21.48 -12.09
N SER A 91 8.82 22.41 -12.42
CA SER A 91 8.76 22.95 -13.77
C SER A 91 8.31 21.86 -14.74
N GLY A 92 7.85 22.30 -15.90
CA GLY A 92 7.39 21.39 -16.92
C GLY A 92 6.76 22.15 -18.10
N GLY A 1 14.73 2.50 -11.50
CA GLY A 1 13.65 1.72 -10.93
C GLY A 1 12.47 2.63 -10.56
N SER A 2 11.52 2.73 -11.47
CA SER A 2 10.34 3.55 -11.26
C SER A 2 9.51 2.99 -10.10
N SER A 3 9.09 1.74 -10.27
CA SER A 3 8.29 1.08 -9.26
C SER A 3 8.93 1.26 -7.88
N GLY A 4 10.18 0.82 -7.79
CA GLY A 4 10.92 0.93 -6.54
C GLY A 4 10.91 2.36 -6.01
N SER A 5 11.38 3.27 -6.85
CA SER A 5 11.43 4.67 -6.49
C SER A 5 10.16 5.07 -5.74
N SER A 6 9.03 4.85 -6.38
CA SER A 6 7.74 5.17 -5.78
C SER A 6 7.68 4.62 -4.36
N GLY A 7 8.11 3.37 -4.22
CA GLY A 7 8.11 2.71 -2.92
C GLY A 7 8.74 3.61 -1.86
N ALA A 8 9.56 4.55 -2.32
CA ALA A 8 10.23 5.47 -1.42
C ALA A 8 9.34 6.69 -1.20
N SER A 9 8.62 7.05 -2.24
CA SER A 9 7.72 8.20 -2.17
C SER A 9 6.56 7.90 -1.23
N LEU A 10 6.00 6.71 -1.39
CA LEU A 10 4.89 6.29 -0.56
C LEU A 10 5.19 6.63 0.89
N LEU A 11 6.47 6.60 1.23
CA LEU A 11 6.90 6.89 2.58
C LEU A 11 6.55 8.34 2.92
N ALA A 12 6.81 9.22 1.96
CA ALA A 12 6.54 10.64 2.14
C ALA A 12 5.07 10.91 1.80
N ARG A 13 4.63 10.33 0.68
CA ARG A 13 3.26 10.51 0.24
C ARG A 13 2.29 10.03 1.33
N TYR A 14 2.46 8.78 1.72
CA TYR A 14 1.61 8.19 2.74
C TYR A 14 2.39 7.97 4.05
N PRO A 15 1.62 7.92 5.16
CA PRO A 15 2.23 7.72 6.48
C PRO A 15 2.67 6.27 6.67
N PRO A 16 3.41 6.03 7.77
CA PRO A 16 3.90 4.69 8.07
C PRO A 16 2.77 3.80 8.60
N GLU A 17 1.83 4.45 9.27
CA GLU A 17 0.70 3.73 9.84
C GLU A 17 -0.28 3.34 8.73
N LYS A 18 0.04 3.77 7.52
CA LYS A 18 -0.81 3.47 6.38
C LYS A 18 0.05 2.83 5.27
N LEU A 19 1.31 2.61 5.60
CA LEU A 19 2.23 2.00 4.66
C LEU A 19 2.16 0.48 4.78
N PHE A 20 1.60 -0.13 3.75
CA PHE A 20 1.46 -1.59 3.72
C PHE A 20 2.16 -2.18 2.50
N GLN A 21 2.80 -3.32 2.72
CA GLN A 21 3.52 -4.01 1.66
C GLN A 21 2.70 -5.20 1.15
N ALA A 22 2.98 -5.58 -0.08
CA ALA A 22 2.28 -6.70 -0.69
C ALA A 22 2.93 -8.00 -0.23
N GLU A 23 2.13 -8.81 0.45
CA GLU A 23 2.61 -10.09 0.95
C GLU A 23 2.90 -11.04 -0.21
N ARG A 24 1.92 -11.18 -1.09
CA ARG A 24 2.06 -12.05 -2.24
C ARG A 24 1.62 -11.31 -3.51
N ASN A 25 1.87 -11.95 -4.64
CA ASN A 25 1.51 -11.38 -5.93
C ASN A 25 -0.02 -11.36 -6.06
N PHE A 26 -0.56 -10.16 -6.13
CA PHE A 26 -1.99 -9.99 -6.26
C PHE A 26 -2.41 -9.89 -7.72
N ASN A 27 -3.52 -10.54 -8.04
CA ASN A 27 -4.04 -10.54 -9.40
C ASN A 27 -5.41 -9.85 -9.41
N ALA A 28 -5.55 -8.89 -10.32
CA ALA A 28 -6.80 -8.15 -10.45
C ALA A 28 -7.92 -9.13 -10.81
N ALA A 29 -8.95 -9.13 -9.98
CA ALA A 29 -10.09 -10.00 -10.20
C ALA A 29 -11.28 -9.17 -10.69
N GLN A 30 -11.45 -8.02 -10.06
CA GLN A 30 -12.53 -7.13 -10.42
C GLN A 30 -12.03 -6.00 -11.33
N ASP A 31 -12.94 -5.10 -11.67
CA ASP A 31 -12.60 -3.98 -12.53
C ASP A 31 -11.96 -2.88 -11.68
N LEU A 32 -12.15 -2.99 -10.38
CA LEU A 32 -11.61 -2.02 -9.45
C LEU A 32 -10.24 -2.49 -8.96
N ASP A 33 -10.08 -3.81 -8.94
CA ASP A 33 -8.83 -4.40 -8.51
C ASP A 33 -7.73 -4.08 -9.51
N VAL A 34 -6.50 -4.04 -9.01
CA VAL A 34 -5.36 -3.74 -9.84
C VAL A 34 -4.20 -4.67 -9.46
N SER A 35 -3.61 -5.29 -10.47
CA SER A 35 -2.50 -6.20 -10.25
C SER A 35 -1.40 -5.49 -9.44
N LEU A 36 -0.72 -6.28 -8.62
CA LEU A 36 0.34 -5.74 -7.79
C LEU A 36 1.50 -6.75 -7.74
N LEU A 37 2.47 -6.44 -6.91
CA LEU A 37 3.63 -7.31 -6.76
C LEU A 37 3.97 -7.44 -5.27
N GLU A 38 4.35 -8.65 -4.89
CA GLU A 38 4.70 -8.94 -3.51
C GLU A 38 5.82 -8.00 -3.05
N GLY A 39 6.54 -7.47 -4.03
CA GLY A 39 7.64 -6.56 -3.73
C GLY A 39 7.20 -5.11 -3.84
N ASP A 40 6.01 -4.91 -4.40
CA ASP A 40 5.45 -3.59 -4.56
C ASP A 40 4.88 -3.10 -3.22
N LEU A 41 4.94 -1.80 -3.03
CA LEU A 41 4.44 -1.20 -1.79
C LEU A 41 3.19 -0.37 -2.11
N VAL A 42 2.38 -0.18 -1.09
CA VAL A 42 1.15 0.58 -1.24
C VAL A 42 0.85 1.32 0.07
N GLY A 43 0.04 2.38 -0.06
CA GLY A 43 -0.33 3.16 1.11
C GLY A 43 -1.86 3.19 1.28
N VAL A 44 -2.31 2.45 2.28
CA VAL A 44 -3.74 2.38 2.56
C VAL A 44 -4.33 3.78 2.49
N ILE A 45 -5.44 3.89 1.77
CA ILE A 45 -6.12 5.16 1.61
C ILE A 45 -7.42 5.14 2.43
N LYS A 46 -8.24 4.14 2.16
CA LYS A 46 -9.51 4.00 2.85
C LYS A 46 -9.63 2.59 3.41
N LYS A 47 -10.11 2.50 4.63
CA LYS A 47 -10.28 1.21 5.29
C LYS A 47 -11.73 0.74 5.10
N LYS A 48 -12.38 1.30 4.10
CA LYS A 48 -13.76 0.95 3.81
C LYS A 48 -13.98 0.98 2.29
N ASP A 49 -14.79 0.05 1.83
CA ASP A 49 -15.09 -0.04 0.40
C ASP A 49 -16.52 0.44 0.17
N PRO A 50 -16.80 0.80 -1.12
CA PRO A 50 -18.12 1.27 -1.50
C PRO A 50 -19.12 0.12 -1.57
N MET A 51 -19.28 -0.56 -0.44
CA MET A 51 -20.20 -1.69 -0.36
C MET A 51 -20.59 -1.98 1.08
N GLY A 52 -19.58 -2.00 1.94
CA GLY A 52 -19.81 -2.27 3.35
C GLY A 52 -19.04 -3.51 3.81
N SER A 53 -17.72 -3.37 3.84
CA SER A 53 -16.86 -4.47 4.26
C SER A 53 -15.44 -3.95 4.49
N GLN A 54 -14.86 -4.38 5.60
CA GLN A 54 -13.51 -3.97 5.95
C GLN A 54 -12.50 -4.98 5.39
N ASN A 55 -13.03 -5.98 4.71
CA ASN A 55 -12.18 -7.01 4.12
C ASN A 55 -11.35 -6.39 2.99
N ARG A 56 -12.01 -5.56 2.19
CA ARG A 56 -11.34 -4.91 1.08
C ARG A 56 -11.08 -3.44 1.41
N TRP A 57 -9.83 -3.03 1.20
CA TRP A 57 -9.44 -1.67 1.48
C TRP A 57 -8.91 -1.06 0.17
N LEU A 58 -8.89 0.26 0.14
CA LEU A 58 -8.41 0.98 -1.03
C LEU A 58 -6.98 1.46 -0.78
N ILE A 59 -6.08 0.99 -1.65
CA ILE A 59 -4.68 1.35 -1.54
C ILE A 59 -4.23 2.01 -2.83
N ASP A 60 -3.04 2.60 -2.79
CA ASP A 60 -2.48 3.26 -3.94
C ASP A 60 -1.10 2.67 -4.25
N ASN A 61 -0.96 2.19 -5.48
CA ASN A 61 0.29 1.60 -5.91
C ASN A 61 1.17 2.68 -6.56
N GLY A 62 0.88 3.92 -6.20
CA GLY A 62 1.63 5.05 -6.74
C GLY A 62 1.33 5.25 -8.22
N VAL A 63 0.14 4.81 -8.60
CA VAL A 63 -0.29 4.93 -9.99
C VAL A 63 -1.78 5.30 -10.04
N THR A 64 -2.58 4.42 -9.47
CA THR A 64 -4.02 4.63 -9.44
C THR A 64 -4.59 4.17 -8.09
N LYS A 65 -5.85 3.75 -8.14
CA LYS A 65 -6.53 3.29 -6.94
C LYS A 65 -7.06 1.87 -7.17
N GLY A 66 -6.60 0.95 -6.34
CA GLY A 66 -7.02 -0.43 -6.45
C GLY A 66 -7.55 -0.95 -5.10
N PHE A 67 -8.40 -1.96 -5.19
CA PHE A 67 -8.98 -2.55 -4.00
C PHE A 67 -8.47 -3.98 -3.79
N VAL A 68 -7.92 -4.21 -2.61
CA VAL A 68 -7.38 -5.51 -2.28
C VAL A 68 -7.76 -5.86 -0.83
N TYR A 69 -7.42 -7.08 -0.44
CA TYR A 69 -7.71 -7.54 0.91
C TYR A 69 -6.50 -7.34 1.83
N SER A 70 -6.79 -6.81 3.01
CA SER A 70 -5.75 -6.56 3.99
C SER A 70 -4.88 -7.81 4.16
N SER A 71 -5.46 -8.94 3.81
CA SER A 71 -4.75 -10.21 3.92
C SER A 71 -3.52 -10.20 3.00
N PHE A 72 -3.72 -9.67 1.80
CA PHE A 72 -2.65 -9.59 0.83
C PHE A 72 -1.72 -8.42 1.13
N LEU A 73 -2.09 -7.65 2.14
CA LEU A 73 -1.30 -6.50 2.53
C LEU A 73 -0.74 -6.73 3.94
N LYS A 74 0.44 -6.18 4.17
CA LYS A 74 1.09 -6.32 5.47
C LYS A 74 1.60 -4.95 5.93
N PRO A 75 1.58 -4.76 7.27
CA PRO A 75 2.03 -3.50 7.86
C PRO A 75 3.55 -3.40 7.83
N TYR A 76 4.05 -2.54 6.96
CA TYR A 76 5.48 -2.34 6.82
C TYR A 76 6.11 -1.97 8.17
N ASN A 77 7.43 -1.82 8.15
CA ASN A 77 8.16 -1.48 9.35
C ASN A 77 9.54 -0.95 8.97
N PRO A 78 9.65 0.41 8.96
CA PRO A 78 10.91 1.06 8.61
C PRO A 78 11.91 0.95 9.76
N ARG A 79 11.49 0.27 10.81
CA ARG A 79 12.34 0.08 11.97
C ARG A 79 13.69 -0.52 11.55
N ARG A 80 14.64 0.35 11.32
CA ARG A 80 15.98 -0.08 10.92
C ARG A 80 16.88 1.13 10.68
N SER A 81 18.17 0.85 10.52
CA SER A 81 19.14 1.90 10.29
C SER A 81 19.49 1.97 8.81
N HIS A 82 18.83 2.90 8.13
CA HIS A 82 19.05 3.09 6.70
C HIS A 82 18.76 4.54 6.32
N SER A 83 19.24 4.92 5.14
CA SER A 83 19.04 6.27 4.65
C SER A 83 17.71 6.36 3.88
N ASP A 84 17.19 7.57 3.81
CA ASP A 84 15.94 7.80 3.11
C ASP A 84 15.77 9.30 2.86
N ALA A 85 14.80 9.63 2.02
CA ALA A 85 14.53 11.02 1.70
C ALA A 85 13.55 11.60 2.72
N SER A 86 13.32 12.91 2.60
CA SER A 86 12.42 13.58 3.51
C SER A 86 12.07 14.97 2.96
N SER A 87 13.12 15.76 2.75
CA SER A 87 12.95 17.10 2.22
C SER A 87 11.86 17.12 1.15
N GLY A 88 12.10 16.35 0.09
CA GLY A 88 11.15 16.27 -1.00
C GLY A 88 10.66 17.66 -1.41
N PRO A 89 9.57 17.67 -2.22
CA PRO A 89 9.00 18.92 -2.69
C PRO A 89 8.22 19.62 -1.58
N SER A 90 7.65 20.77 -1.92
CA SER A 90 6.87 21.54 -0.97
C SER A 90 5.87 22.43 -1.71
N SER A 91 6.40 23.22 -2.63
CA SER A 91 5.56 24.12 -3.41
C SER A 91 4.88 25.13 -2.48
N GLY A 92 4.67 26.32 -3.03
CA GLY A 92 4.04 27.39 -2.26
C GLY A 92 5.06 28.18 -1.46
N GLY A 1 5.49 7.04 -13.43
CA GLY A 1 6.86 6.96 -12.96
C GLY A 1 7.23 5.51 -12.61
N SER A 2 8.43 5.36 -12.05
CA SER A 2 8.91 4.05 -11.67
C SER A 2 8.21 3.59 -10.37
N SER A 3 8.32 2.30 -10.10
CA SER A 3 7.72 1.73 -8.91
C SER A 3 8.63 1.96 -7.71
N GLY A 4 9.83 1.42 -7.80
CA GLY A 4 10.80 1.55 -6.72
C GLY A 4 10.72 2.94 -6.08
N SER A 5 11.04 3.94 -6.89
CA SER A 5 11.01 5.32 -6.41
C SER A 5 9.74 5.56 -5.58
N SER A 6 8.62 5.11 -6.13
CA SER A 6 7.35 5.27 -5.46
C SER A 6 7.36 4.55 -4.12
N GLY A 7 7.63 3.25 -4.20
CA GLY A 7 7.68 2.42 -3.00
C GLY A 7 8.33 3.18 -1.84
N ALA A 8 9.25 4.06 -2.18
CA ALA A 8 9.94 4.86 -1.19
C ALA A 8 9.10 6.08 -0.83
N SER A 9 8.64 6.76 -1.88
CA SER A 9 7.81 7.94 -1.69
C SER A 9 6.61 7.61 -0.81
N LEU A 10 6.01 6.47 -1.10
CA LEU A 10 4.84 6.02 -0.34
C LEU A 10 5.07 6.30 1.15
N LEU A 11 6.30 6.05 1.59
CA LEU A 11 6.67 6.26 2.96
C LEU A 11 6.36 7.71 3.36
N ALA A 12 6.76 8.62 2.49
CA ALA A 12 6.53 10.04 2.72
C ALA A 12 5.09 10.39 2.34
N ARG A 13 4.71 9.95 1.15
CA ARG A 13 3.37 10.22 0.66
C ARG A 13 2.32 9.75 1.68
N TYR A 14 2.42 8.47 2.04
CA TYR A 14 1.51 7.90 3.00
C TYR A 14 2.20 7.65 4.35
N PRO A 15 1.38 7.63 5.42
CA PRO A 15 1.89 7.41 6.76
C PRO A 15 2.25 5.94 6.98
N PRO A 16 2.93 5.67 8.12
CA PRO A 16 3.34 4.31 8.45
C PRO A 16 2.14 3.49 8.92
N GLU A 17 1.11 4.19 9.34
CA GLU A 17 -0.10 3.54 9.83
C GLU A 17 -0.99 3.12 8.65
N LYS A 18 -0.54 3.47 7.46
CA LYS A 18 -1.27 3.14 6.25
C LYS A 18 -0.30 2.58 5.21
N LEU A 19 0.91 2.29 5.66
CA LEU A 19 1.93 1.75 4.78
C LEU A 19 1.83 0.23 4.77
N PHE A 20 1.40 -0.29 3.63
CA PHE A 20 1.25 -1.73 3.47
C PHE A 20 1.92 -2.21 2.18
N GLN A 21 2.53 -3.38 2.28
CA GLN A 21 3.21 -3.97 1.13
C GLN A 21 2.37 -5.08 0.52
N ALA A 22 2.81 -5.56 -0.64
CA ALA A 22 2.12 -6.62 -1.33
C ALA A 22 2.64 -7.97 -0.84
N GLU A 23 1.87 -8.57 0.05
CA GLU A 23 2.25 -9.86 0.60
C GLU A 23 2.74 -10.79 -0.50
N ARG A 24 1.92 -10.94 -1.53
CA ARG A 24 2.27 -11.79 -2.65
C ARG A 24 1.88 -11.11 -3.97
N ASN A 25 2.25 -11.76 -5.06
CA ASN A 25 1.96 -11.23 -6.39
C ASN A 25 0.43 -11.15 -6.57
N PHE A 26 -0.10 -9.98 -6.24
CA PHE A 26 -1.54 -9.75 -6.36
C PHE A 26 -1.95 -9.66 -7.82
N ASN A 27 -3.00 -10.39 -8.15
CA ASN A 27 -3.52 -10.40 -9.51
C ASN A 27 -4.93 -9.82 -9.53
N ALA A 28 -5.07 -8.68 -10.19
CA ALA A 28 -6.36 -8.02 -10.28
C ALA A 28 -7.45 -9.06 -10.55
N ALA A 29 -8.37 -9.16 -9.61
CA ALA A 29 -9.47 -10.11 -9.75
C ALA A 29 -10.76 -9.35 -10.08
N GLN A 30 -10.92 -8.20 -9.43
CA GLN A 30 -12.10 -7.38 -9.65
C GLN A 30 -11.80 -6.30 -10.69
N ASP A 31 -12.77 -5.42 -10.87
CA ASP A 31 -12.63 -4.33 -11.83
C ASP A 31 -11.89 -3.16 -11.17
N LEU A 32 -11.98 -3.13 -9.84
CA LEU A 32 -11.33 -2.07 -9.09
C LEU A 32 -9.94 -2.56 -8.65
N ASP A 33 -9.81 -3.87 -8.54
CA ASP A 33 -8.56 -4.47 -8.13
C ASP A 33 -7.45 -4.07 -9.11
N VAL A 34 -6.22 -4.26 -8.68
CA VAL A 34 -5.08 -3.92 -9.51
C VAL A 34 -3.90 -4.84 -9.15
N SER A 35 -3.27 -5.38 -10.18
CA SER A 35 -2.13 -6.26 -9.99
C SER A 35 -1.02 -5.52 -9.23
N LEU A 36 -0.28 -6.28 -8.45
CA LEU A 36 0.81 -5.72 -7.68
C LEU A 36 1.89 -6.79 -7.48
N LEU A 37 3.12 -6.31 -7.27
CA LEU A 37 4.24 -7.21 -7.07
C LEU A 37 4.44 -7.44 -5.57
N GLU A 38 4.75 -8.68 -5.23
CA GLU A 38 4.96 -9.06 -3.84
C GLU A 38 5.92 -8.07 -3.17
N GLY A 39 6.70 -7.39 -4.00
CA GLY A 39 7.66 -6.42 -3.50
C GLY A 39 7.08 -5.00 -3.54
N ASP A 40 6.17 -4.80 -4.48
CA ASP A 40 5.53 -3.51 -4.64
C ASP A 40 4.89 -3.09 -3.31
N LEU A 41 4.95 -1.80 -3.04
CA LEU A 41 4.38 -1.26 -1.81
C LEU A 41 3.24 -0.31 -2.16
N VAL A 42 2.31 -0.18 -1.22
CA VAL A 42 1.17 0.70 -1.41
C VAL A 42 0.81 1.35 -0.08
N GLY A 43 0.02 2.42 -0.17
CA GLY A 43 -0.41 3.14 1.01
C GLY A 43 -1.92 3.15 1.13
N VAL A 44 -2.42 2.19 1.90
CA VAL A 44 -3.86 2.07 2.12
C VAL A 44 -4.44 3.45 2.41
N ILE A 45 -5.57 3.73 1.78
CA ILE A 45 -6.25 5.01 1.97
C ILE A 45 -7.53 4.79 2.76
N LYS A 46 -8.41 3.96 2.20
CA LYS A 46 -9.68 3.66 2.83
C LYS A 46 -9.62 2.27 3.45
N LYS A 47 -10.21 2.15 4.63
CA LYS A 47 -10.23 0.88 5.33
C LYS A 47 -11.61 0.23 5.16
N LYS A 48 -12.31 0.67 4.14
CA LYS A 48 -13.63 0.14 3.85
C LYS A 48 -14.14 0.75 2.53
N ASP A 49 -14.79 -0.11 1.74
CA ASP A 49 -15.32 0.33 0.47
C ASP A 49 -16.69 0.97 0.69
N PRO A 50 -17.18 1.68 -0.37
CA PRO A 50 -18.47 2.35 -0.30
C PRO A 50 -19.61 1.34 -0.41
N MET A 51 -19.23 0.07 -0.56
CA MET A 51 -20.21 -0.98 -0.68
C MET A 51 -20.65 -1.48 0.69
N GLY A 52 -19.68 -1.81 1.52
CA GLY A 52 -19.95 -2.29 2.86
C GLY A 52 -19.12 -3.53 3.18
N SER A 53 -17.85 -3.47 2.80
CA SER A 53 -16.95 -4.58 3.04
C SER A 53 -15.62 -4.07 3.61
N GLN A 54 -15.67 -3.69 4.88
CA GLN A 54 -14.50 -3.18 5.55
C GLN A 54 -13.32 -4.14 5.37
N ASN A 55 -13.65 -5.38 5.09
CA ASN A 55 -12.63 -6.40 4.88
C ASN A 55 -11.74 -5.99 3.71
N ARG A 56 -12.24 -5.06 2.92
CA ARG A 56 -11.50 -4.57 1.77
C ARG A 56 -11.06 -3.12 1.99
N TRP A 57 -9.78 -2.88 1.78
CA TRP A 57 -9.22 -1.55 1.95
C TRP A 57 -8.74 -1.06 0.59
N LEU A 58 -8.95 0.22 0.35
CA LEU A 58 -8.54 0.83 -0.90
C LEU A 58 -7.09 1.34 -0.78
N ILE A 59 -6.26 0.89 -1.70
CA ILE A 59 -4.87 1.29 -1.70
C ILE A 59 -4.51 1.85 -3.08
N ASP A 60 -3.37 2.54 -3.12
CA ASP A 60 -2.91 3.14 -4.36
C ASP A 60 -1.50 2.62 -4.68
N ASN A 61 -1.38 1.99 -5.83
CA ASN A 61 -0.10 1.44 -6.26
C ASN A 61 0.72 2.55 -6.91
N GLY A 62 0.81 3.68 -6.22
CA GLY A 62 1.56 4.82 -6.72
C GLY A 62 1.34 4.99 -8.22
N VAL A 63 0.17 4.55 -8.67
CA VAL A 63 -0.17 4.66 -10.08
C VAL A 63 -1.68 4.89 -10.21
N THR A 64 -2.44 4.07 -9.48
CA THR A 64 -3.88 4.18 -9.51
C THR A 64 -4.48 3.74 -8.16
N LYS A 65 -5.79 3.62 -8.14
CA LYS A 65 -6.49 3.21 -6.94
C LYS A 65 -7.04 1.80 -7.13
N GLY A 66 -6.68 0.93 -6.19
CA GLY A 66 -7.14 -0.45 -6.25
C GLY A 66 -7.55 -0.95 -4.86
N PHE A 67 -8.58 -1.78 -4.85
CA PHE A 67 -9.08 -2.33 -3.60
C PHE A 67 -8.58 -3.77 -3.40
N VAL A 68 -7.99 -4.00 -2.24
CA VAL A 68 -7.47 -5.32 -1.92
C VAL A 68 -7.69 -5.60 -0.42
N TYR A 69 -7.70 -6.88 -0.08
CA TYR A 69 -7.90 -7.28 1.30
C TYR A 69 -6.59 -7.23 2.08
N SER A 70 -6.65 -6.57 3.23
CA SER A 70 -5.48 -6.44 4.08
C SER A 70 -4.67 -7.74 4.07
N SER A 71 -5.39 -8.83 3.89
CA SER A 71 -4.76 -10.14 3.85
C SER A 71 -3.60 -10.15 2.85
N PHE A 72 -3.93 -9.77 1.62
CA PHE A 72 -2.94 -9.72 0.56
C PHE A 72 -1.91 -8.62 0.82
N LEU A 73 -2.18 -7.83 1.85
CA LEU A 73 -1.29 -6.74 2.22
C LEU A 73 -0.62 -7.07 3.55
N LYS A 74 0.46 -6.35 3.83
CA LYS A 74 1.20 -6.55 5.07
C LYS A 74 1.64 -5.19 5.61
N PRO A 75 1.62 -5.09 6.97
CA PRO A 75 2.02 -3.86 7.63
C PRO A 75 3.54 -3.68 7.61
N TYR A 76 3.99 -2.75 6.78
CA TYR A 76 5.40 -2.48 6.65
C TYR A 76 5.97 -1.89 7.94
N ASN A 77 7.27 -1.60 7.92
CA ASN A 77 7.93 -1.04 9.07
C ASN A 77 9.21 -0.32 8.63
N PRO A 78 9.03 0.96 8.21
CA PRO A 78 10.16 1.75 7.76
C PRO A 78 11.01 2.21 8.94
N ARG A 79 10.61 1.79 10.12
CA ARG A 79 11.33 2.16 11.33
C ARG A 79 12.84 2.12 11.08
N ARG A 80 13.41 3.31 10.99
CA ARG A 80 14.85 3.43 10.75
C ARG A 80 15.52 4.09 11.96
N SER A 81 16.85 4.07 11.93
CA SER A 81 17.63 4.66 13.01
C SER A 81 17.33 6.16 13.11
N HIS A 82 17.62 6.86 12.01
CA HIS A 82 17.40 8.29 11.96
C HIS A 82 15.98 8.60 12.45
N SER A 83 15.90 9.55 13.38
CA SER A 83 14.62 9.95 13.93
C SER A 83 14.12 11.22 13.25
N ASP A 84 12.84 11.22 12.92
CA ASP A 84 12.24 12.37 12.26
C ASP A 84 10.72 12.15 12.15
N ALA A 85 9.98 13.14 12.63
CA ALA A 85 8.53 13.07 12.60
C ALA A 85 7.95 14.46 12.85
N SER A 86 6.71 14.64 12.43
CA SER A 86 6.03 15.91 12.60
C SER A 86 4.58 15.80 12.12
N SER A 87 3.73 16.63 12.70
CA SER A 87 2.33 16.65 12.35
C SER A 87 1.78 18.07 12.41
N GLY A 88 0.72 18.30 11.65
CA GLY A 88 0.09 19.61 11.62
C GLY A 88 -1.39 19.50 11.25
N PRO A 89 -2.25 19.54 12.30
CA PRO A 89 -3.68 19.45 12.11
C PRO A 89 -4.25 20.75 11.55
N SER A 90 -5.56 20.74 11.32
CA SER A 90 -6.23 21.93 10.79
C SER A 90 -7.43 22.28 11.67
N SER A 91 -7.79 23.55 11.65
CA SER A 91 -8.91 24.03 12.44
C SER A 91 -9.68 25.10 11.66
N GLY A 92 -10.84 25.44 12.18
CA GLY A 92 -11.69 26.45 11.54
C GLY A 92 -13.06 26.50 12.20
N GLY A 1 13.20 5.56 -14.16
CA GLY A 1 12.54 5.27 -12.91
C GLY A 1 11.07 5.66 -12.96
N SER A 2 10.21 4.72 -12.58
CA SER A 2 8.78 4.97 -12.58
C SER A 2 8.12 4.17 -11.47
N SER A 3 8.26 2.86 -11.54
CA SER A 3 7.69 1.98 -10.55
C SER A 3 8.53 2.01 -9.27
N GLY A 4 9.79 1.64 -9.42
CA GLY A 4 10.71 1.63 -8.30
C GLY A 4 10.62 2.92 -7.49
N SER A 5 10.76 4.03 -8.20
CA SER A 5 10.70 5.33 -7.56
C SER A 5 9.45 5.43 -6.68
N SER A 6 8.32 5.09 -7.28
CA SER A 6 7.05 5.13 -6.56
C SER A 6 7.18 4.37 -5.24
N GLY A 7 7.51 3.09 -5.35
CA GLY A 7 7.66 2.25 -4.18
C GLY A 7 8.34 3.01 -3.04
N ALA A 8 9.17 3.96 -3.42
CA ALA A 8 9.89 4.77 -2.44
C ALA A 8 9.01 5.97 -2.05
N SER A 9 8.66 6.76 -3.06
CA SER A 9 7.84 7.93 -2.84
C SER A 9 6.75 7.62 -1.81
N LEU A 10 6.10 6.48 -2.00
CA LEU A 10 5.05 6.06 -1.09
C LEU A 10 5.45 6.37 0.34
N LEU A 11 6.71 6.08 0.65
CA LEU A 11 7.23 6.33 1.99
C LEU A 11 6.96 7.79 2.37
N ALA A 12 7.28 8.68 1.44
CA ALA A 12 7.07 10.10 1.66
C ALA A 12 5.59 10.44 1.43
N ARG A 13 5.09 9.97 0.31
CA ARG A 13 3.70 10.21 -0.04
C ARG A 13 2.77 9.80 1.10
N TYR A 14 2.90 8.54 1.50
CA TYR A 14 2.09 8.01 2.59
C TYR A 14 2.92 7.84 3.86
N PRO A 15 2.21 7.86 5.02
CA PRO A 15 2.87 7.70 6.30
C PRO A 15 3.27 6.24 6.54
N PRO A 16 4.04 6.02 7.64
CA PRO A 16 4.49 4.69 7.98
C PRO A 16 3.35 3.87 8.58
N GLU A 17 2.40 4.57 9.17
CA GLU A 17 1.25 3.92 9.78
C GLU A 17 0.24 3.49 8.70
N LYS A 18 0.56 3.86 7.48
CA LYS A 18 -0.31 3.53 6.36
C LYS A 18 0.53 2.90 5.24
N LEU A 19 1.78 2.59 5.59
CA LEU A 19 2.69 1.98 4.63
C LEU A 19 2.57 0.46 4.70
N PHE A 20 2.03 -0.11 3.64
CA PHE A 20 1.85 -1.55 3.57
C PHE A 20 2.42 -2.11 2.26
N GLN A 21 3.00 -3.29 2.37
CA GLN A 21 3.59 -3.95 1.21
C GLN A 21 2.68 -5.09 0.74
N ALA A 22 2.97 -5.55 -0.47
CA ALA A 22 2.20 -6.64 -1.06
C ALA A 22 2.73 -7.98 -0.54
N GLU A 23 1.92 -8.64 0.27
CA GLU A 23 2.28 -9.92 0.83
C GLU A 23 2.68 -10.89 -0.28
N ARG A 24 1.86 -10.90 -1.33
CA ARG A 24 2.11 -11.78 -2.47
C ARG A 24 1.65 -11.11 -3.76
N ASN A 25 2.04 -11.72 -4.87
CA ASN A 25 1.68 -11.19 -6.17
C ASN A 25 0.16 -11.20 -6.32
N PHE A 26 -0.44 -10.06 -5.97
CA PHE A 26 -1.89 -9.92 -6.06
C PHE A 26 -2.35 -9.82 -7.51
N ASN A 27 -3.46 -10.46 -7.79
CA ASN A 27 -4.02 -10.45 -9.13
C ASN A 27 -5.39 -9.76 -9.11
N ALA A 28 -5.51 -8.75 -9.95
CA ALA A 28 -6.76 -8.00 -10.03
C ALA A 28 -7.91 -8.97 -10.28
N ALA A 29 -8.92 -8.88 -9.42
CA ALA A 29 -10.09 -9.74 -9.53
C ALA A 29 -11.28 -8.92 -10.04
N GLN A 30 -11.43 -7.75 -9.45
CA GLN A 30 -12.52 -6.86 -9.83
C GLN A 30 -12.01 -5.76 -10.77
N ASP A 31 -12.91 -4.86 -11.11
CA ASP A 31 -12.56 -3.76 -11.99
C ASP A 31 -11.89 -2.64 -11.19
N LEU A 32 -12.05 -2.73 -9.88
CA LEU A 32 -11.46 -1.74 -8.98
C LEU A 32 -10.09 -2.23 -8.52
N ASP A 33 -9.92 -3.54 -8.57
CA ASP A 33 -8.66 -4.16 -8.15
C ASP A 33 -7.58 -3.83 -9.18
N VAL A 34 -6.34 -4.00 -8.76
CA VAL A 34 -5.21 -3.73 -9.64
C VAL A 34 -4.04 -4.64 -9.25
N SER A 35 -3.50 -5.30 -10.26
CA SER A 35 -2.38 -6.20 -10.04
C SER A 35 -1.30 -5.51 -9.21
N LEU A 36 -0.61 -6.30 -8.42
CA LEU A 36 0.46 -5.77 -7.57
C LEU A 36 1.55 -6.83 -7.41
N LEU A 37 2.78 -6.35 -7.27
CA LEU A 37 3.91 -7.24 -7.11
C LEU A 37 4.20 -7.43 -5.61
N GLU A 38 4.46 -8.69 -5.26
CA GLU A 38 4.74 -9.03 -3.87
C GLU A 38 5.79 -8.08 -3.30
N GLY A 39 6.55 -7.47 -4.20
CA GLY A 39 7.60 -6.54 -3.80
C GLY A 39 7.09 -5.10 -3.83
N ASP A 40 6.06 -4.89 -4.65
CA ASP A 40 5.48 -3.56 -4.77
C ASP A 40 4.90 -3.14 -3.41
N LEU A 41 4.95 -1.84 -3.17
CA LEU A 41 4.44 -1.29 -1.93
C LEU A 41 3.20 -0.43 -2.22
N VAL A 42 2.35 -0.31 -1.22
CA VAL A 42 1.14 0.48 -1.35
C VAL A 42 0.89 1.23 -0.04
N GLY A 43 0.08 2.28 -0.15
CA GLY A 43 -0.27 3.09 1.01
C GLY A 43 -1.77 3.11 1.25
N VAL A 44 -2.19 2.39 2.28
CA VAL A 44 -3.60 2.32 2.62
C VAL A 44 -4.21 3.72 2.54
N ILE A 45 -5.38 3.78 1.91
CA ILE A 45 -6.07 5.05 1.76
C ILE A 45 -7.43 4.97 2.46
N LYS A 46 -8.21 3.96 2.07
CA LYS A 46 -9.52 3.75 2.64
C LYS A 46 -9.61 2.34 3.23
N LYS A 47 -10.27 2.25 4.37
CA LYS A 47 -10.43 0.97 5.04
C LYS A 47 -11.85 0.46 4.82
N LYS A 48 -12.44 0.89 3.71
CA LYS A 48 -13.79 0.48 3.38
C LYS A 48 -14.00 0.63 1.87
N ASP A 49 -15.09 0.05 1.39
CA ASP A 49 -15.41 0.11 -0.02
C ASP A 49 -16.90 0.47 -0.19
N PRO A 50 -17.24 0.95 -1.41
CA PRO A 50 -18.61 1.33 -1.72
C PRO A 50 -19.49 0.10 -1.91
N MET A 51 -19.72 -0.62 -0.81
CA MET A 51 -20.54 -1.81 -0.85
C MET A 51 -20.99 -2.21 0.56
N GLY A 52 -20.05 -2.12 1.49
CA GLY A 52 -20.34 -2.46 2.87
C GLY A 52 -19.55 -3.70 3.30
N SER A 53 -18.23 -3.57 3.27
CA SER A 53 -17.35 -4.67 3.64
C SER A 53 -16.00 -4.12 4.09
N GLN A 54 -15.64 -4.46 5.31
CA GLN A 54 -14.37 -4.01 5.88
C GLN A 54 -13.28 -5.04 5.59
N ASN A 55 -13.55 -5.89 4.61
CA ASN A 55 -12.60 -6.92 4.23
C ASN A 55 -11.67 -6.38 3.14
N ARG A 56 -12.26 -5.59 2.26
CA ARG A 56 -11.51 -5.00 1.16
C ARG A 56 -11.23 -3.52 1.44
N TRP A 57 -9.95 -3.17 1.41
CA TRP A 57 -9.55 -1.80 1.65
C TRP A 57 -9.01 -1.22 0.33
N LEU A 58 -8.98 0.10 0.27
CA LEU A 58 -8.50 0.79 -0.91
C LEU A 58 -7.07 1.27 -0.67
N ILE A 59 -6.20 0.95 -1.61
CA ILE A 59 -4.81 1.36 -1.51
C ILE A 59 -4.36 1.95 -2.85
N ASP A 60 -3.20 2.60 -2.80
CA ASP A 60 -2.64 3.21 -4.00
C ASP A 60 -1.35 2.50 -4.38
N ASN A 61 -1.31 2.02 -5.61
CA ASN A 61 -0.15 1.32 -6.11
C ASN A 61 0.88 2.34 -6.63
N GLY A 62 0.59 3.60 -6.36
CA GLY A 62 1.46 4.68 -6.78
C GLY A 62 0.95 5.32 -8.08
N VAL A 63 0.39 4.48 -8.93
CA VAL A 63 -0.14 4.96 -10.20
C VAL A 63 -1.64 5.25 -10.05
N THR A 64 -2.34 4.29 -9.46
CA THR A 64 -3.77 4.44 -9.25
C THR A 64 -4.17 3.90 -7.87
N LYS A 65 -5.46 3.67 -7.71
CA LYS A 65 -5.97 3.16 -6.45
C LYS A 65 -6.67 1.82 -6.70
N GLY A 66 -6.18 0.79 -6.01
CA GLY A 66 -6.74 -0.54 -6.16
C GLY A 66 -7.22 -1.07 -4.80
N PHE A 67 -8.26 -1.88 -4.86
CA PHE A 67 -8.83 -2.46 -3.65
C PHE A 67 -8.31 -3.90 -3.45
N VAL A 68 -7.71 -4.10 -2.29
CA VAL A 68 -7.17 -5.41 -1.95
C VAL A 68 -7.43 -5.70 -0.46
N TYR A 69 -7.54 -6.98 -0.16
CA TYR A 69 -7.78 -7.39 1.21
C TYR A 69 -6.54 -7.20 2.08
N SER A 70 -6.71 -6.45 3.15
CA SER A 70 -5.61 -6.17 4.06
C SER A 70 -4.76 -7.43 4.24
N SER A 71 -5.41 -8.57 4.11
CA SER A 71 -4.72 -9.84 4.26
C SER A 71 -3.57 -9.93 3.26
N PHE A 72 -3.88 -9.63 2.01
CA PHE A 72 -2.88 -9.68 0.95
C PHE A 72 -1.84 -8.57 1.14
N LEU A 73 -2.11 -7.71 2.12
CA LEU A 73 -1.20 -6.62 2.40
C LEU A 73 -0.52 -6.87 3.76
N LYS A 74 0.61 -6.20 3.94
CA LYS A 74 1.36 -6.34 5.18
C LYS A 74 1.89 -4.97 5.61
N PRO A 75 1.99 -4.78 6.95
CA PRO A 75 2.47 -3.53 7.50
C PRO A 75 3.99 -3.42 7.34
N TYR A 76 4.39 -2.43 6.56
CA TYR A 76 5.80 -2.19 6.32
C TYR A 76 6.50 -1.61 7.56
N ASN A 77 7.80 -1.46 7.46
CA ASN A 77 8.58 -0.92 8.56
C ASN A 77 10.00 -0.61 8.07
N PRO A 78 10.19 0.65 7.60
CA PRO A 78 11.49 1.08 7.10
C PRO A 78 12.45 1.34 8.25
N ARG A 79 11.96 1.10 9.46
CA ARG A 79 12.77 1.30 10.65
C ARG A 79 13.74 0.13 10.84
N ARG A 80 15.01 0.41 10.61
CA ARG A 80 16.04 -0.61 10.75
C ARG A 80 17.26 -0.02 11.47
N SER A 81 17.77 1.07 10.92
CA SER A 81 18.92 1.73 11.49
C SER A 81 19.33 2.92 10.63
N HIS A 82 19.80 2.62 9.43
CA HIS A 82 20.21 3.67 8.51
C HIS A 82 20.55 3.04 7.15
N SER A 83 19.78 3.44 6.15
CA SER A 83 19.99 2.93 4.80
C SER A 83 19.81 4.07 3.78
N ASP A 84 18.64 4.68 3.82
CA ASP A 84 18.33 5.76 2.91
C ASP A 84 18.41 5.27 1.47
N ALA A 85 17.28 5.32 0.79
CA ALA A 85 17.21 4.88 -0.60
C ALA A 85 16.46 5.92 -1.43
N SER A 86 16.87 6.04 -2.68
CA SER A 86 16.25 6.99 -3.58
C SER A 86 16.29 8.40 -2.98
N SER A 87 15.95 9.38 -3.80
CA SER A 87 15.95 10.76 -3.37
C SER A 87 14.93 11.57 -4.19
N GLY A 88 15.13 11.54 -5.50
CA GLY A 88 14.25 12.27 -6.39
C GLY A 88 14.94 13.51 -6.97
N PRO A 89 15.78 13.26 -8.01
CA PRO A 89 16.51 14.34 -8.66
C PRO A 89 15.59 15.17 -9.55
N SER A 90 16.14 16.26 -10.06
CA SER A 90 15.38 17.14 -10.93
C SER A 90 14.76 16.34 -12.09
N SER A 91 13.44 16.44 -12.20
CA SER A 91 12.72 15.73 -13.24
C SER A 91 11.99 16.74 -14.14
N GLY A 92 11.49 16.23 -15.26
CA GLY A 92 10.77 17.06 -16.20
C GLY A 92 10.63 16.35 -17.55
N GLY A 1 7.70 4.55 -16.28
CA GLY A 1 6.98 5.47 -15.41
C GLY A 1 7.76 5.73 -14.12
N SER A 2 7.12 5.41 -13.01
CA SER A 2 7.75 5.61 -11.71
C SER A 2 7.13 4.65 -10.70
N SER A 3 7.73 3.47 -10.60
CA SER A 3 7.26 2.46 -9.66
C SER A 3 8.05 2.54 -8.36
N GLY A 4 9.36 2.34 -8.49
CA GLY A 4 10.23 2.38 -7.33
C GLY A 4 10.23 3.78 -6.69
N SER A 5 10.56 4.77 -7.51
CA SER A 5 10.59 6.14 -7.03
C SER A 5 9.39 6.41 -6.11
N SER A 6 8.22 6.05 -6.60
CA SER A 6 7.00 6.25 -5.84
C SER A 6 7.04 5.41 -4.56
N GLY A 7 7.42 4.15 -4.73
CA GLY A 7 7.51 3.24 -3.60
C GLY A 7 8.28 3.88 -2.44
N ALA A 8 9.22 4.74 -2.81
CA ALA A 8 10.04 5.42 -1.81
C ALA A 8 9.31 6.67 -1.32
N SER A 9 8.45 7.19 -2.19
CA SER A 9 7.69 8.39 -1.87
C SER A 9 6.49 8.02 -1.01
N LEU A 10 5.96 6.83 -1.26
CA LEU A 10 4.81 6.35 -0.51
C LEU A 10 5.08 6.50 0.99
N LEU A 11 6.36 6.47 1.34
CA LEU A 11 6.76 6.59 2.72
C LEU A 11 6.47 8.02 3.20
N ALA A 12 6.63 8.96 2.29
CA ALA A 12 6.39 10.36 2.60
C ALA A 12 4.93 10.70 2.30
N ARG A 13 4.43 10.15 1.21
CA ARG A 13 3.06 10.39 0.80
C ARG A 13 2.10 9.91 1.90
N TYR A 14 2.27 8.65 2.28
CA TYR A 14 1.43 8.06 3.30
C TYR A 14 2.23 7.78 4.58
N PRO A 15 1.50 7.71 5.72
CA PRO A 15 2.12 7.43 7.00
C PRO A 15 2.52 5.96 7.12
N PRO A 16 3.28 5.66 8.21
CA PRO A 16 3.73 4.30 8.46
C PRO A 16 2.58 3.43 8.97
N GLU A 17 1.61 4.09 9.59
CA GLU A 17 0.46 3.39 10.12
C GLU A 17 -0.53 3.06 9.01
N LYS A 18 -0.20 3.52 7.82
CA LYS A 18 -1.05 3.29 6.65
C LYS A 18 -0.19 2.79 5.49
N LEU A 19 1.02 2.37 5.83
CA LEU A 19 1.94 1.88 4.82
C LEU A 19 1.93 0.34 4.83
N PHE A 20 1.39 -0.22 3.76
CA PHE A 20 1.32 -1.68 3.64
C PHE A 20 1.90 -2.14 2.31
N GLN A 21 2.56 -3.29 2.36
CA GLN A 21 3.17 -3.85 1.17
C GLN A 21 2.38 -5.08 0.70
N ALA A 22 2.71 -5.53 -0.50
CA ALA A 22 2.04 -6.69 -1.08
C ALA A 22 2.71 -7.97 -0.55
N GLU A 23 1.97 -8.68 0.29
CA GLU A 23 2.48 -9.91 0.86
C GLU A 23 2.97 -10.85 -0.24
N ARG A 24 2.16 -10.95 -1.29
CA ARG A 24 2.50 -11.81 -2.41
C ARG A 24 2.02 -11.17 -3.72
N ASN A 25 2.35 -11.84 -4.81
CA ASN A 25 1.96 -11.36 -6.13
C ASN A 25 0.44 -11.39 -6.26
N PHE A 26 -0.16 -10.22 -6.10
CA PHE A 26 -1.60 -10.10 -6.19
C PHE A 26 -2.04 -9.92 -7.65
N ASN A 27 -3.14 -10.58 -8.00
CA ASN A 27 -3.67 -10.49 -9.34
C ASN A 27 -5.07 -9.87 -9.30
N ALA A 28 -5.25 -8.84 -10.11
CA ALA A 28 -6.54 -8.16 -10.17
C ALA A 28 -7.61 -9.14 -10.63
N ALA A 29 -8.64 -9.26 -9.80
CA ALA A 29 -9.75 -10.16 -10.11
C ALA A 29 -10.97 -9.33 -10.52
N GLN A 30 -11.20 -8.26 -9.77
CA GLN A 30 -12.34 -7.39 -10.04
C GLN A 30 -11.88 -6.16 -10.83
N ASP A 31 -12.81 -5.24 -11.02
CA ASP A 31 -12.52 -4.03 -11.76
C ASP A 31 -11.86 -3.01 -10.82
N LEU A 32 -12.06 -3.23 -9.54
CA LEU A 32 -11.50 -2.35 -8.53
C LEU A 32 -10.14 -2.90 -8.08
N ASP A 33 -9.85 -4.12 -8.51
CA ASP A 33 -8.61 -4.76 -8.16
C ASP A 33 -7.56 -4.45 -9.23
N VAL A 34 -6.34 -4.26 -8.79
CA VAL A 34 -5.23 -3.96 -9.69
C VAL A 34 -4.03 -4.84 -9.35
N SER A 35 -3.41 -5.38 -10.39
CA SER A 35 -2.26 -6.23 -10.21
C SER A 35 -1.21 -5.52 -9.35
N LEU A 36 -0.60 -6.30 -8.46
CA LEU A 36 0.43 -5.74 -7.58
C LEU A 36 1.56 -6.77 -7.43
N LEU A 37 2.74 -6.25 -7.16
CA LEU A 37 3.91 -7.10 -6.98
C LEU A 37 4.20 -7.28 -5.49
N GLU A 38 4.54 -8.50 -5.12
CA GLU A 38 4.83 -8.81 -3.74
C GLU A 38 5.81 -7.78 -3.16
N GLY A 39 6.52 -7.12 -4.06
CA GLY A 39 7.48 -6.11 -3.65
C GLY A 39 6.87 -4.71 -3.72
N ASP A 40 5.86 -4.56 -4.57
CA ASP A 40 5.18 -3.30 -4.74
C ASP A 40 4.69 -2.81 -3.37
N LEU A 41 4.85 -1.51 -3.15
CA LEU A 41 4.43 -0.90 -1.90
C LEU A 41 3.20 -0.02 -2.14
N VAL A 42 2.39 0.10 -1.10
CA VAL A 42 1.18 0.90 -1.20
C VAL A 42 0.85 1.47 0.19
N GLY A 43 0.01 2.50 0.19
CA GLY A 43 -0.39 3.13 1.43
C GLY A 43 -1.92 3.10 1.60
N VAL A 44 -2.36 2.27 2.52
CA VAL A 44 -3.78 2.13 2.78
C VAL A 44 -4.43 3.51 2.77
N ILE A 45 -5.51 3.62 2.01
CA ILE A 45 -6.23 4.88 1.89
C ILE A 45 -7.56 4.76 2.64
N LYS A 46 -8.38 3.82 2.21
CA LYS A 46 -9.67 3.60 2.83
C LYS A 46 -9.71 2.21 3.44
N LYS A 47 -10.18 2.15 4.68
CA LYS A 47 -10.27 0.88 5.39
C LYS A 47 -11.66 0.29 5.17
N LYS A 48 -12.25 0.63 4.04
CA LYS A 48 -13.58 0.14 3.72
C LYS A 48 -13.95 0.59 2.30
N ASP A 49 -14.72 -0.25 1.63
CA ASP A 49 -15.15 0.04 0.27
C ASP A 49 -16.38 0.95 0.31
N PRO A 50 -16.61 1.67 -0.82
CA PRO A 50 -17.74 2.58 -0.91
C PRO A 50 -19.04 1.80 -1.11
N MET A 51 -19.34 0.95 -0.13
CA MET A 51 -20.55 0.15 -0.19
C MET A 51 -20.85 -0.49 1.17
N GLY A 52 -19.79 -0.97 1.81
CA GLY A 52 -19.91 -1.60 3.10
C GLY A 52 -19.12 -2.91 3.15
N SER A 53 -17.82 -2.79 2.94
CA SER A 53 -16.94 -3.94 2.96
C SER A 53 -15.60 -3.58 3.59
N GLN A 54 -15.38 -4.11 4.78
CA GLN A 54 -14.16 -3.85 5.51
C GLN A 54 -13.09 -4.89 5.14
N ASN A 55 -13.57 -6.02 4.64
CA ASN A 55 -12.67 -7.09 4.25
C ASN A 55 -11.72 -6.59 3.16
N ARG A 56 -12.23 -5.67 2.34
CA ARG A 56 -11.44 -5.11 1.27
C ARG A 56 -11.09 -3.64 1.58
N TRP A 57 -9.81 -3.33 1.42
CA TRP A 57 -9.35 -1.98 1.68
C TRP A 57 -8.85 -1.38 0.36
N LEU A 58 -8.93 -0.06 0.27
CA LEU A 58 -8.50 0.63 -0.93
C LEU A 58 -7.07 1.16 -0.72
N ILE A 59 -6.23 0.91 -1.71
CA ILE A 59 -4.86 1.36 -1.65
C ILE A 59 -4.45 1.93 -3.01
N ASP A 60 -3.34 2.66 -3.00
CA ASP A 60 -2.83 3.27 -4.21
C ASP A 60 -1.45 2.71 -4.53
N ASN A 61 -1.28 2.29 -5.77
CA ASN A 61 -0.02 1.73 -6.21
C ASN A 61 0.80 2.81 -6.91
N GLY A 62 0.71 4.02 -6.37
CA GLY A 62 1.43 5.15 -6.92
C GLY A 62 1.15 5.30 -8.43
N VAL A 63 0.02 4.75 -8.84
CA VAL A 63 -0.38 4.80 -10.23
C VAL A 63 -1.90 4.99 -10.32
N THR A 64 -2.60 4.10 -9.63
CA THR A 64 -4.06 4.15 -9.62
C THR A 64 -4.60 3.69 -8.27
N LYS A 65 -5.91 3.53 -8.22
CA LYS A 65 -6.56 3.08 -7.00
C LYS A 65 -7.08 1.65 -7.19
N GLY A 66 -6.60 0.77 -6.34
CA GLY A 66 -7.00 -0.63 -6.40
C GLY A 66 -7.51 -1.12 -5.05
N PHE A 67 -8.35 -2.14 -5.10
CA PHE A 67 -8.92 -2.70 -3.89
C PHE A 67 -8.40 -4.13 -3.65
N VAL A 68 -7.80 -4.31 -2.48
CA VAL A 68 -7.26 -5.61 -2.12
C VAL A 68 -7.48 -5.85 -0.62
N TYR A 69 -7.56 -7.12 -0.27
CA TYR A 69 -7.77 -7.50 1.12
C TYR A 69 -6.48 -7.37 1.93
N SER A 70 -6.57 -6.60 3.01
CA SER A 70 -5.43 -6.38 3.87
C SER A 70 -4.62 -7.67 4.00
N SER A 71 -5.33 -8.79 3.91
CA SER A 71 -4.69 -10.09 4.02
C SER A 71 -3.51 -10.18 3.05
N PHE A 72 -3.79 -9.88 1.79
CA PHE A 72 -2.78 -9.92 0.76
C PHE A 72 -1.73 -8.82 0.98
N LEU A 73 -2.03 -7.95 1.94
CA LEU A 73 -1.14 -6.84 2.25
C LEU A 73 -0.50 -7.09 3.62
N LYS A 74 0.64 -6.45 3.82
CA LYS A 74 1.36 -6.58 5.08
C LYS A 74 1.71 -5.18 5.61
N PRO A 75 1.80 -5.10 6.97
CA PRO A 75 2.12 -3.84 7.61
C PRO A 75 3.61 -3.51 7.46
N TYR A 76 3.88 -2.61 6.52
CA TYR A 76 5.25 -2.19 6.26
C TYR A 76 5.97 -1.83 7.56
N ASN A 77 7.24 -1.46 7.41
CA ASN A 77 8.04 -1.09 8.57
C ASN A 77 9.28 -0.32 8.09
N PRO A 78 9.19 1.03 8.21
CA PRO A 78 10.28 1.90 7.80
C PRO A 78 11.44 1.85 8.81
N ARG A 79 11.25 1.01 9.83
CA ARG A 79 12.25 0.86 10.87
C ARG A 79 13.64 0.70 10.24
N ARG A 80 14.40 1.78 10.28
CA ARG A 80 15.75 1.78 9.72
C ARG A 80 16.77 1.47 10.82
N SER A 81 16.75 2.29 11.85
CA SER A 81 17.67 2.13 12.96
C SER A 81 17.81 0.64 13.29
N HIS A 82 16.68 0.02 13.59
CA HIS A 82 16.67 -1.39 13.93
C HIS A 82 16.26 -2.21 12.70
N SER A 83 17.11 -2.17 11.69
CA SER A 83 16.85 -2.90 10.45
C SER A 83 16.51 -4.35 10.77
N ASP A 84 17.44 -5.01 11.46
CA ASP A 84 17.24 -6.40 11.82
C ASP A 84 16.97 -7.23 10.56
N ALA A 85 18.03 -7.79 10.01
CA ALA A 85 17.91 -8.61 8.82
C ALA A 85 19.18 -9.44 8.64
N SER A 86 20.30 -8.74 8.51
CA SER A 86 21.58 -9.40 8.34
C SER A 86 21.56 -10.25 7.06
N SER A 87 22.21 -9.72 6.03
CA SER A 87 22.27 -10.41 4.76
C SER A 87 23.72 -10.47 4.26
N GLY A 88 24.10 -11.62 3.75
CA GLY A 88 25.45 -11.81 3.24
C GLY A 88 25.43 -12.14 1.74
N PRO A 89 26.17 -11.30 0.97
CA PRO A 89 26.25 -11.48 -0.48
C PRO A 89 27.15 -12.66 -0.83
N SER A 90 26.78 -13.35 -1.89
CA SER A 90 27.53 -14.50 -2.36
C SER A 90 27.74 -14.43 -3.87
N SER A 91 28.55 -15.35 -4.37
CA SER A 91 28.83 -15.40 -5.80
C SER A 91 28.22 -16.65 -6.40
N GLY A 92 28.63 -17.81 -5.87
CA GLY A 92 28.13 -19.07 -6.36
C GLY A 92 26.83 -19.46 -5.64
N GLY A 1 7.02 2.25 -16.25
CA GLY A 1 7.21 3.55 -15.65
C GLY A 1 8.21 3.48 -14.49
N SER A 2 7.77 3.98 -13.35
CA SER A 2 8.61 3.98 -12.15
C SER A 2 7.87 3.29 -11.00
N SER A 3 8.31 2.07 -10.71
CA SER A 3 7.71 1.30 -9.64
C SER A 3 8.51 1.48 -8.35
N GLY A 4 9.70 0.90 -8.34
CA GLY A 4 10.57 1.01 -7.18
C GLY A 4 10.78 2.47 -6.77
N SER A 5 11.10 3.29 -7.76
CA SER A 5 11.33 4.70 -7.52
C SER A 5 10.20 5.27 -6.67
N SER A 6 9.00 5.27 -7.26
CA SER A 6 7.83 5.79 -6.58
C SER A 6 7.55 4.95 -5.32
N GLY A 7 7.81 3.66 -5.44
CA GLY A 7 7.59 2.74 -4.33
C GLY A 7 8.07 3.35 -3.01
N ALA A 8 9.09 4.20 -3.13
CA ALA A 8 9.66 4.85 -1.96
C ALA A 8 8.82 6.09 -1.62
N SER A 9 8.42 6.79 -2.65
CA SER A 9 7.62 8.00 -2.48
C SER A 9 6.46 7.71 -1.53
N LEU A 10 5.91 6.51 -1.65
CA LEU A 10 4.80 6.10 -0.81
C LEU A 10 5.15 6.35 0.66
N LEU A 11 6.46 6.37 0.93
CA LEU A 11 6.94 6.61 2.27
C LEU A 11 6.90 8.10 2.58
N ALA A 12 7.02 8.89 1.53
CA ALA A 12 7.00 10.34 1.68
C ALA A 12 5.58 10.85 1.40
N ARG A 13 4.80 10.01 0.75
CA ARG A 13 3.43 10.37 0.42
C ARG A 13 2.48 9.89 1.51
N TYR A 14 2.53 8.60 1.77
CA TYR A 14 1.67 8.01 2.80
C TYR A 14 2.46 7.75 4.08
N PRO A 15 1.72 7.72 5.22
CA PRO A 15 2.33 7.48 6.52
C PRO A 15 2.70 6.01 6.69
N PRO A 16 3.44 5.73 7.79
CA PRO A 16 3.86 4.36 8.07
C PRO A 16 2.69 3.53 8.60
N GLU A 17 1.74 4.23 9.20
CA GLU A 17 0.57 3.56 9.75
C GLU A 17 -0.42 3.21 8.63
N LYS A 18 -0.07 3.64 7.43
CA LYS A 18 -0.91 3.38 6.27
C LYS A 18 -0.06 2.80 5.14
N LEU A 19 1.15 2.42 5.50
CA LEU A 19 2.07 1.85 4.53
C LEU A 19 2.04 0.32 4.63
N PHE A 20 1.49 -0.31 3.60
CA PHE A 20 1.40 -1.75 3.56
C PHE A 20 2.12 -2.32 2.34
N GLN A 21 2.74 -3.47 2.54
CA GLN A 21 3.46 -4.13 1.46
C GLN A 21 2.64 -5.29 0.90
N ALA A 22 2.93 -5.64 -0.34
CA ALA A 22 2.23 -6.73 -1.00
C ALA A 22 2.87 -8.06 -0.58
N GLU A 23 2.20 -8.74 0.34
CA GLU A 23 2.68 -10.01 0.83
C GLU A 23 3.09 -10.91 -0.34
N ARG A 24 2.17 -11.08 -1.27
CA ARG A 24 2.42 -11.91 -2.45
C ARG A 24 1.95 -11.18 -3.71
N ASN A 25 2.33 -11.75 -4.85
CA ASN A 25 1.95 -11.18 -6.13
C ASN A 25 0.43 -11.20 -6.26
N PHE A 26 -0.17 -10.07 -5.95
CA PHE A 26 -1.63 -9.95 -6.04
C PHE A 26 -2.08 -9.90 -7.49
N ASN A 27 -3.19 -10.58 -7.75
CA ASN A 27 -3.75 -10.63 -9.09
C ASN A 27 -5.13 -9.99 -9.09
N ALA A 28 -5.28 -8.95 -9.89
CA ALA A 28 -6.54 -8.24 -9.99
C ALA A 28 -7.66 -9.23 -10.30
N ALA A 29 -8.70 -9.18 -9.48
CA ALA A 29 -9.83 -10.07 -9.66
C ALA A 29 -11.02 -9.27 -10.21
N GLN A 30 -11.23 -8.11 -9.61
CA GLN A 30 -12.33 -7.25 -10.03
C GLN A 30 -11.82 -6.16 -10.96
N ASP A 31 -12.73 -5.28 -11.35
CA ASP A 31 -12.38 -4.18 -12.25
C ASP A 31 -11.77 -3.05 -11.44
N LEU A 32 -11.96 -3.12 -10.13
CA LEU A 32 -11.44 -2.10 -9.24
C LEU A 32 -10.06 -2.54 -8.73
N ASP A 33 -9.84 -3.85 -8.76
CA ASP A 33 -8.58 -4.41 -8.31
C ASP A 33 -7.47 -4.03 -9.30
N VAL A 34 -6.24 -4.21 -8.86
CA VAL A 34 -5.09 -3.91 -9.70
C VAL A 34 -3.93 -4.84 -9.33
N SER A 35 -3.28 -5.35 -10.36
CA SER A 35 -2.16 -6.25 -10.16
C SER A 35 -1.06 -5.56 -9.35
N LEU A 36 -0.47 -6.32 -8.44
CA LEU A 36 0.58 -5.78 -7.60
C LEU A 36 1.68 -6.85 -7.42
N LEU A 37 2.89 -6.37 -7.21
CA LEU A 37 4.02 -7.26 -7.03
C LEU A 37 4.30 -7.43 -5.54
N GLU A 38 4.66 -8.65 -5.16
CA GLU A 38 4.95 -8.95 -3.76
C GLU A 38 5.94 -7.91 -3.20
N GLY A 39 6.65 -7.26 -4.10
CA GLY A 39 7.62 -6.26 -3.72
C GLY A 39 7.01 -4.85 -3.76
N ASP A 40 5.98 -4.72 -4.59
CA ASP A 40 5.29 -3.46 -4.74
C ASP A 40 4.75 -3.00 -3.39
N LEU A 41 4.86 -1.71 -3.13
CA LEU A 41 4.38 -1.14 -1.88
C LEU A 41 3.14 -0.28 -2.16
N VAL A 42 2.20 -0.33 -1.23
CA VAL A 42 0.98 0.44 -1.35
C VAL A 42 0.74 1.23 -0.06
N GLY A 43 -0.06 2.27 -0.18
CA GLY A 43 -0.39 3.11 0.95
C GLY A 43 -1.90 3.16 1.19
N VAL A 44 -2.33 2.39 2.18
CA VAL A 44 -3.74 2.33 2.52
C VAL A 44 -4.33 3.74 2.46
N ILE A 45 -5.48 3.83 1.80
CA ILE A 45 -6.15 5.11 1.67
C ILE A 45 -7.43 5.10 2.49
N LYS A 46 -8.27 4.11 2.22
CA LYS A 46 -9.53 3.97 2.93
C LYS A 46 -9.62 2.56 3.53
N LYS A 47 -10.00 2.52 4.80
CA LYS A 47 -10.13 1.26 5.50
C LYS A 47 -11.57 0.76 5.39
N LYS A 48 -12.19 1.08 4.26
CA LYS A 48 -13.57 0.68 4.02
C LYS A 48 -13.98 1.11 2.61
N ASP A 49 -14.57 0.16 1.89
CA ASP A 49 -15.01 0.42 0.54
C ASP A 49 -16.48 0.85 0.56
N PRO A 50 -16.89 1.55 -0.54
CA PRO A 50 -18.26 2.03 -0.66
C PRO A 50 -19.21 0.87 -1.00
N MET A 51 -19.11 -0.19 -0.21
CA MET A 51 -19.95 -1.35 -0.41
C MET A 51 -20.57 -1.83 0.91
N GLY A 52 -19.73 -1.87 1.93
CA GLY A 52 -20.17 -2.31 3.24
C GLY A 52 -19.38 -3.52 3.72
N SER A 53 -18.06 -3.42 3.59
CA SER A 53 -17.18 -4.49 4.01
C SER A 53 -15.76 -3.97 4.21
N GLN A 54 -15.22 -4.26 5.39
CA GLN A 54 -13.88 -3.81 5.73
C GLN A 54 -12.84 -4.83 5.23
N ASN A 55 -13.35 -5.91 4.66
CA ASN A 55 -12.49 -6.96 4.14
C ASN A 55 -11.64 -6.39 2.99
N ARG A 56 -12.23 -5.46 2.27
CA ARG A 56 -11.56 -4.83 1.14
C ARG A 56 -11.25 -3.36 1.47
N TRP A 57 -10.01 -2.99 1.23
CA TRP A 57 -9.58 -1.62 1.49
C TRP A 57 -9.09 -1.03 0.17
N LEU A 58 -8.93 0.29 0.16
CA LEU A 58 -8.46 0.99 -1.02
C LEU A 58 -7.03 1.46 -0.80
N ILE A 59 -6.13 0.97 -1.64
CA ILE A 59 -4.73 1.33 -1.55
C ILE A 59 -4.31 2.03 -2.85
N ASP A 60 -3.15 2.67 -2.78
CA ASP A 60 -2.61 3.37 -3.93
C ASP A 60 -1.32 2.70 -4.38
N ASN A 61 -1.32 2.28 -5.65
CA ASN A 61 -0.15 1.63 -6.21
C ASN A 61 0.74 2.66 -6.90
N GLY A 62 0.80 3.83 -6.29
CA GLY A 62 1.60 4.92 -6.83
C GLY A 62 1.33 5.12 -8.31
N VAL A 63 0.12 4.75 -8.72
CA VAL A 63 -0.28 4.88 -10.12
C VAL A 63 -1.78 5.16 -10.18
N THR A 64 -2.54 4.33 -9.48
CA THR A 64 -3.98 4.47 -9.45
C THR A 64 -4.55 3.96 -8.12
N LYS A 65 -5.86 3.82 -8.09
CA LYS A 65 -6.54 3.34 -6.90
C LYS A 65 -7.08 1.93 -7.15
N GLY A 66 -6.61 1.00 -6.33
CA GLY A 66 -7.04 -0.39 -6.45
C GLY A 66 -7.54 -0.93 -5.11
N PHE A 67 -8.49 -1.84 -5.21
CA PHE A 67 -9.08 -2.44 -4.02
C PHE A 67 -8.56 -3.87 -3.82
N VAL A 68 -8.03 -4.11 -2.63
CA VAL A 68 -7.50 -5.42 -2.30
C VAL A 68 -7.82 -5.75 -0.84
N TYR A 69 -7.62 -7.01 -0.48
CA TYR A 69 -7.89 -7.45 0.87
C TYR A 69 -6.63 -7.36 1.73
N SER A 70 -6.80 -6.74 2.89
CA SER A 70 -5.70 -6.57 3.83
C SER A 70 -4.89 -7.87 3.92
N SER A 71 -5.58 -8.97 3.67
CA SER A 71 -4.95 -10.28 3.72
C SER A 71 -3.72 -10.31 2.80
N PHE A 72 -3.93 -9.85 1.58
CA PHE A 72 -2.86 -9.82 0.60
C PHE A 72 -1.85 -8.71 0.92
N LEU A 73 -2.23 -7.86 1.87
CA LEU A 73 -1.38 -6.76 2.27
C LEU A 73 -0.82 -7.06 3.67
N LYS A 74 0.21 -6.30 4.02
CA LYS A 74 0.85 -6.47 5.32
C LYS A 74 1.29 -5.09 5.85
N PRO A 75 1.19 -4.95 7.20
CA PRO A 75 1.57 -3.70 7.83
C PRO A 75 3.09 -3.55 7.89
N TYR A 76 3.60 -2.68 7.03
CA TYR A 76 5.03 -2.44 6.96
C TYR A 76 5.55 -1.88 8.29
N ASN A 77 6.85 -1.65 8.33
CA ASN A 77 7.49 -1.12 9.52
C ASN A 77 8.91 -0.68 9.18
N PRO A 78 9.04 0.64 8.88
CA PRO A 78 10.34 1.21 8.54
C PRO A 78 11.20 1.38 9.78
N ARG A 79 10.65 0.96 10.91
CA ARG A 79 11.36 1.05 12.18
C ARG A 79 12.83 0.63 12.00
N ARG A 80 13.70 1.30 12.74
CA ARG A 80 15.11 0.99 12.67
C ARG A 80 15.34 -0.52 12.77
N SER A 81 16.06 -1.04 11.80
CA SER A 81 16.36 -2.47 11.77
C SER A 81 17.18 -2.81 10.52
N HIS A 82 16.60 -2.49 9.37
CA HIS A 82 17.27 -2.76 8.10
C HIS A 82 16.53 -2.03 6.97
N SER A 83 17.32 -1.43 6.09
CA SER A 83 16.76 -0.70 4.96
C SER A 83 17.58 -0.98 3.71
N ASP A 84 16.86 -1.11 2.59
CA ASP A 84 17.52 -1.37 1.32
C ASP A 84 16.62 -0.89 0.18
N ALA A 85 17.25 -0.39 -0.87
CA ALA A 85 16.52 0.11 -2.02
C ALA A 85 17.20 -0.39 -3.30
N SER A 86 18.44 0.02 -3.48
CA SER A 86 19.20 -0.38 -4.65
C SER A 86 20.61 0.21 -4.59
N SER A 87 20.66 1.53 -4.50
CA SER A 87 21.93 2.22 -4.43
C SER A 87 22.76 1.93 -5.68
N GLY A 88 22.61 2.81 -6.66
CA GLY A 88 23.34 2.66 -7.91
C GLY A 88 23.21 3.91 -8.79
N PRO A 89 24.37 4.55 -9.05
CA PRO A 89 24.39 5.76 -9.86
C PRO A 89 24.21 5.42 -11.34
N SER A 90 23.51 6.32 -12.03
CA SER A 90 23.24 6.13 -13.44
C SER A 90 23.67 7.37 -14.22
N SER A 91 23.75 7.22 -15.54
CA SER A 91 24.14 8.32 -16.40
C SER A 91 23.77 7.99 -17.86
N GLY A 92 23.81 9.03 -18.68
CA GLY A 92 23.48 8.87 -20.09
C GLY A 92 24.50 9.60 -20.97
N GLY A 1 12.28 3.67 -12.78
CA GLY A 1 11.21 2.71 -12.90
C GLY A 1 9.85 3.36 -12.62
N SER A 2 9.11 2.74 -11.69
CA SER A 2 7.80 3.25 -11.33
C SER A 2 7.43 2.75 -9.93
N SER A 3 7.38 1.43 -9.80
CA SER A 3 7.04 0.81 -8.53
C SER A 3 7.97 1.34 -7.42
N GLY A 4 9.25 1.11 -7.62
CA GLY A 4 10.26 1.55 -6.67
C GLY A 4 10.12 3.05 -6.37
N SER A 5 10.21 3.83 -7.44
CA SER A 5 10.10 5.28 -7.31
C SER A 5 8.92 5.63 -6.41
N SER A 6 7.75 5.15 -6.80
CA SER A 6 6.54 5.41 -6.04
C SER A 6 6.73 4.96 -4.58
N GLY A 7 7.27 3.76 -4.43
CA GLY A 7 7.52 3.22 -3.10
C GLY A 7 8.19 4.25 -2.20
N ALA A 8 8.86 5.21 -2.83
CA ALA A 8 9.55 6.25 -2.09
C ALA A 8 8.55 7.37 -1.77
N SER A 9 7.66 7.61 -2.71
CA SER A 9 6.65 8.66 -2.54
C SER A 9 5.57 8.18 -1.57
N LEU A 10 5.13 6.96 -1.77
CA LEU A 10 4.10 6.37 -0.93
C LEU A 10 4.45 6.64 0.54
N LEU A 11 5.74 6.80 0.79
CA LEU A 11 6.22 7.06 2.14
C LEU A 11 5.85 8.49 2.53
N ALA A 12 6.05 9.40 1.60
CA ALA A 12 5.74 10.80 1.83
C ALA A 12 4.24 11.03 1.65
N ARG A 13 3.74 10.55 0.52
CA ARG A 13 2.34 10.70 0.19
C ARG A 13 1.48 10.16 1.34
N TYR A 14 1.71 8.90 1.68
CA TYR A 14 0.97 8.26 2.76
C TYR A 14 1.85 8.07 3.99
N PRO A 15 1.17 8.02 5.17
CA PRO A 15 1.88 7.85 6.43
C PRO A 15 2.35 6.40 6.60
N PRO A 16 3.15 6.18 7.67
CA PRO A 16 3.67 4.85 7.95
C PRO A 16 2.58 3.95 8.55
N GLU A 17 1.63 4.60 9.20
CA GLU A 17 0.52 3.88 9.81
C GLU A 17 -0.48 3.42 8.75
N LYS A 18 -0.20 3.83 7.51
CA LYS A 18 -1.07 3.47 6.40
C LYS A 18 -0.22 2.91 5.26
N LEU A 19 1.03 2.63 5.59
CA LEU A 19 1.96 2.08 4.61
C LEU A 19 1.93 0.55 4.70
N PHE A 20 1.50 -0.07 3.61
CA PHE A 20 1.43 -1.52 3.55
C PHE A 20 1.99 -2.04 2.22
N GLN A 21 2.65 -3.18 2.30
CA GLN A 21 3.23 -3.80 1.12
C GLN A 21 2.39 -5.00 0.67
N ALA A 22 2.72 -5.50 -0.50
CA ALA A 22 2.00 -6.65 -1.05
C ALA A 22 2.59 -7.93 -0.47
N GLU A 23 1.74 -8.66 0.25
CA GLU A 23 2.16 -9.90 0.86
C GLU A 23 2.62 -10.89 -0.21
N ARG A 24 1.86 -10.94 -1.30
CA ARG A 24 2.18 -11.83 -2.40
C ARG A 24 1.76 -11.20 -3.73
N ASN A 25 2.20 -11.83 -4.81
CA ASN A 25 1.87 -11.35 -6.15
C ASN A 25 0.36 -11.36 -6.34
N PHE A 26 -0.25 -10.20 -6.12
CA PHE A 26 -1.68 -10.08 -6.27
C PHE A 26 -2.07 -9.91 -7.74
N ASN A 27 -3.15 -10.58 -8.11
CA ASN A 27 -3.65 -10.52 -9.48
C ASN A 27 -5.04 -9.88 -9.49
N ALA A 28 -5.18 -8.86 -10.32
CA ALA A 28 -6.44 -8.15 -10.45
C ALA A 28 -7.54 -9.16 -10.81
N ALA A 29 -8.61 -9.15 -10.03
CA ALA A 29 -9.73 -10.03 -10.26
C ALA A 29 -10.90 -9.24 -10.81
N GLN A 30 -11.16 -8.10 -10.19
CA GLN A 30 -12.26 -7.24 -10.60
C GLN A 30 -11.72 -6.04 -11.39
N ASP A 31 -12.64 -5.18 -11.79
CA ASP A 31 -12.27 -4.00 -12.54
C ASP A 31 -11.71 -2.93 -11.59
N LEU A 32 -11.94 -3.17 -10.30
CA LEU A 32 -11.48 -2.24 -9.28
C LEU A 32 -10.11 -2.71 -8.77
N ASP A 33 -9.86 -4.00 -8.93
CA ASP A 33 -8.61 -4.58 -8.50
C ASP A 33 -7.50 -4.19 -9.47
N VAL A 34 -6.27 -4.23 -8.97
CA VAL A 34 -5.12 -3.88 -9.79
C VAL A 34 -3.94 -4.77 -9.40
N SER A 35 -3.35 -5.39 -10.41
CA SER A 35 -2.21 -6.26 -10.20
C SER A 35 -1.17 -5.56 -9.32
N LEU A 36 -0.50 -6.36 -8.50
CA LEU A 36 0.52 -5.83 -7.60
C LEU A 36 1.61 -6.88 -7.40
N LEU A 37 2.81 -6.40 -7.14
CA LEU A 37 3.95 -7.27 -6.92
C LEU A 37 4.19 -7.43 -5.41
N GLU A 38 4.51 -8.65 -5.02
CA GLU A 38 4.77 -8.95 -3.62
C GLU A 38 5.74 -7.92 -3.04
N GLY A 39 6.49 -7.28 -3.93
CA GLY A 39 7.45 -6.28 -3.52
C GLY A 39 6.87 -4.87 -3.62
N ASP A 40 5.91 -4.73 -4.52
CA ASP A 40 5.25 -3.44 -4.73
C ASP A 40 4.76 -2.92 -3.38
N LEU A 41 4.81 -1.59 -3.25
CA LEU A 41 4.37 -0.95 -2.02
C LEU A 41 3.05 -0.22 -2.28
N VAL A 42 2.28 -0.07 -1.21
CA VAL A 42 1.00 0.61 -1.30
C VAL A 42 0.72 1.35 0.00
N GLY A 43 -0.13 2.36 -0.11
CA GLY A 43 -0.49 3.17 1.05
C GLY A 43 -2.00 3.15 1.29
N VAL A 44 -2.39 2.38 2.29
CA VAL A 44 -3.80 2.27 2.63
C VAL A 44 -4.46 3.64 2.52
N ILE A 45 -5.58 3.66 1.79
CA ILE A 45 -6.32 4.90 1.59
C ILE A 45 -7.57 4.89 2.48
N LYS A 46 -8.38 3.86 2.29
CA LYS A 46 -9.61 3.74 3.07
C LYS A 46 -9.64 2.35 3.72
N LYS A 47 -10.18 2.31 4.92
CA LYS A 47 -10.29 1.05 5.65
C LYS A 47 -11.72 0.50 5.51
N LYS A 48 -12.35 0.90 4.42
CA LYS A 48 -13.72 0.46 4.16
C LYS A 48 -14.11 0.85 2.74
N ASP A 49 -14.58 -0.13 1.99
CA ASP A 49 -15.00 0.11 0.62
C ASP A 49 -16.34 0.83 0.61
N PRO A 50 -16.61 1.53 -0.52
CA PRO A 50 -17.85 2.28 -0.67
C PRO A 50 -19.03 1.34 -0.93
N MET A 51 -19.25 0.44 0.02
CA MET A 51 -20.34 -0.52 -0.10
C MET A 51 -20.74 -1.06 1.28
N GLY A 52 -19.78 -1.67 1.94
CA GLY A 52 -20.03 -2.24 3.27
C GLY A 52 -19.19 -3.49 3.48
N SER A 53 -17.89 -3.34 3.35
CA SER A 53 -16.97 -4.45 3.54
C SER A 53 -15.59 -3.93 3.95
N GLN A 54 -15.25 -4.22 5.20
CA GLN A 54 -13.96 -3.79 5.74
C GLN A 54 -12.87 -4.76 5.31
N ASN A 55 -13.29 -5.90 4.81
CA ASN A 55 -12.35 -6.92 4.36
C ASN A 55 -11.52 -6.37 3.20
N ARG A 56 -12.16 -5.50 2.43
CA ARG A 56 -11.50 -4.90 1.28
C ARG A 56 -11.18 -3.43 1.56
N TRP A 57 -9.91 -3.08 1.39
CA TRP A 57 -9.47 -1.72 1.61
C TRP A 57 -8.94 -1.16 0.29
N LEU A 58 -8.86 0.16 0.24
CA LEU A 58 -8.37 0.83 -0.96
C LEU A 58 -6.94 1.32 -0.73
N ILE A 59 -6.06 0.91 -1.62
CA ILE A 59 -4.67 1.31 -1.52
C ILE A 59 -4.23 1.96 -2.83
N ASP A 60 -3.09 2.63 -2.77
CA ASP A 60 -2.56 3.31 -3.94
C ASP A 60 -1.23 2.66 -4.34
N ASN A 61 -1.24 2.04 -5.51
CA ASN A 61 -0.05 1.38 -6.02
C ASN A 61 0.93 2.42 -6.55
N GLY A 62 0.50 3.68 -6.48
CA GLY A 62 1.33 4.79 -6.94
C GLY A 62 0.78 5.37 -8.24
N VAL A 63 0.23 4.49 -9.07
CA VAL A 63 -0.33 4.90 -10.34
C VAL A 63 -1.84 5.17 -10.16
N THR A 64 -2.50 4.21 -9.54
CA THR A 64 -3.93 4.33 -9.29
C THR A 64 -4.29 3.77 -7.92
N LYS A 65 -5.57 3.49 -7.74
CA LYS A 65 -6.05 2.95 -6.48
C LYS A 65 -6.76 1.63 -6.74
N GLY A 66 -6.25 0.59 -6.11
CA GLY A 66 -6.82 -0.75 -6.25
C GLY A 66 -7.35 -1.26 -4.92
N PHE A 67 -8.34 -2.14 -5.01
CA PHE A 67 -8.95 -2.72 -3.83
C PHE A 67 -8.42 -4.13 -3.58
N VAL A 68 -7.86 -4.33 -2.39
CA VAL A 68 -7.32 -5.62 -2.01
C VAL A 68 -7.57 -5.87 -0.52
N TYR A 69 -7.64 -7.14 -0.17
CA TYR A 69 -7.88 -7.51 1.21
C TYR A 69 -6.60 -7.35 2.04
N SER A 70 -6.73 -6.58 3.12
CA SER A 70 -5.61 -6.32 4.01
C SER A 70 -4.76 -7.60 4.16
N SER A 71 -5.45 -8.73 4.05
CA SER A 71 -4.78 -10.02 4.17
C SER A 71 -3.65 -10.12 3.14
N PHE A 72 -4.00 -9.82 1.90
CA PHE A 72 -3.03 -9.87 0.81
C PHE A 72 -1.98 -8.77 0.96
N LEU A 73 -2.21 -7.90 1.94
CA LEU A 73 -1.29 -6.80 2.20
C LEU A 73 -0.63 -7.02 3.55
N LYS A 74 0.44 -6.27 3.78
CA LYS A 74 1.18 -6.35 5.03
C LYS A 74 1.50 -4.95 5.53
N PRO A 75 1.62 -4.82 6.88
CA PRO A 75 1.93 -3.55 7.49
C PRO A 75 3.41 -3.18 7.30
N TYR A 76 3.62 -2.13 6.53
CA TYR A 76 4.98 -1.67 6.25
C TYR A 76 5.69 -1.28 7.54
N ASN A 77 6.93 -0.84 7.38
CA ASN A 77 7.73 -0.42 8.52
C ASN A 77 8.99 0.29 8.02
N PRO A 78 8.91 1.65 8.00
CA PRO A 78 10.03 2.46 7.55
C PRO A 78 11.13 2.50 8.61
N ARG A 79 10.89 1.78 9.70
CA ARG A 79 11.86 1.74 10.79
C ARG A 79 12.26 3.15 11.20
N ARG A 80 11.51 3.70 12.13
CA ARG A 80 11.77 5.05 12.62
C ARG A 80 11.37 5.17 14.09
N SER A 81 11.97 6.14 14.75
CA SER A 81 11.69 6.37 16.16
C SER A 81 10.33 7.06 16.31
N HIS A 82 9.34 6.27 16.72
CA HIS A 82 7.99 6.79 16.90
C HIS A 82 7.47 6.38 18.28
N SER A 83 7.35 5.08 18.46
CA SER A 83 6.86 4.55 19.73
C SER A 83 5.44 5.03 19.98
N ASP A 84 4.48 4.18 19.63
CA ASP A 84 3.08 4.52 19.82
C ASP A 84 2.30 3.24 20.14
N ALA A 85 1.54 3.31 21.22
CA ALA A 85 0.73 2.18 21.65
C ALA A 85 -0.58 2.67 22.25
N SER A 86 -1.47 1.73 22.52
CA SER A 86 -2.76 2.06 23.09
C SER A 86 -3.02 1.22 24.34
N SER A 87 -3.91 1.72 25.18
CA SER A 87 -4.26 1.01 26.41
C SER A 87 -5.75 1.17 26.70
N GLY A 88 -6.24 0.33 27.59
CA GLY A 88 -7.64 0.36 27.97
C GLY A 88 -7.81 0.18 29.47
N PRO A 89 -7.33 1.20 30.23
CA PRO A 89 -7.43 1.17 31.68
C PRO A 89 -8.86 1.45 32.14
N SER A 90 -9.03 1.43 33.46
CA SER A 90 -10.34 1.68 34.04
C SER A 90 -11.30 0.55 33.69
N SER A 91 -12.39 0.48 34.43
CA SER A 91 -13.39 -0.55 34.22
C SER A 91 -12.78 -1.93 34.48
N GLY A 92 -13.31 -2.60 35.48
CA GLY A 92 -12.83 -3.92 35.84
C GLY A 92 -13.94 -4.96 35.69
N GLY A 1 13.10 3.40 -12.29
CA GLY A 1 12.18 3.15 -13.39
C GLY A 1 10.92 4.01 -13.26
N SER A 2 9.91 3.40 -12.65
CA SER A 2 8.64 4.09 -12.45
C SER A 2 7.98 3.61 -11.15
N SER A 3 7.75 2.31 -11.09
CA SER A 3 7.13 1.71 -9.93
C SER A 3 8.09 1.76 -8.73
N GLY A 4 9.27 1.18 -8.95
CA GLY A 4 10.28 1.15 -7.91
C GLY A 4 10.39 2.51 -7.21
N SER A 5 10.89 3.48 -7.96
CA SER A 5 11.05 4.82 -7.43
C SER A 5 9.84 5.20 -6.57
N SER A 6 8.68 5.12 -7.20
CA SER A 6 7.43 5.44 -6.52
C SER A 6 7.36 4.70 -5.18
N GLY A 7 7.76 3.45 -5.21
CA GLY A 7 7.74 2.62 -4.02
C GLY A 7 8.49 3.30 -2.87
N ALA A 8 9.35 4.23 -3.24
CA ALA A 8 10.14 4.96 -2.26
C ALA A 8 9.40 6.25 -1.89
N SER A 9 8.57 6.72 -2.82
CA SER A 9 7.81 7.92 -2.60
C SER A 9 6.68 7.66 -1.60
N LEU A 10 6.07 6.49 -1.74
CA LEU A 10 4.98 6.11 -0.85
C LEU A 10 5.42 6.31 0.60
N LEU A 11 6.69 6.05 0.85
CA LEU A 11 7.25 6.20 2.17
C LEU A 11 7.05 7.64 2.65
N ALA A 12 6.94 8.54 1.68
CA ALA A 12 6.75 9.94 1.99
C ALA A 12 5.30 10.34 1.71
N ARG A 13 4.80 9.86 0.58
CA ARG A 13 3.43 10.16 0.19
C ARG A 13 2.47 9.75 1.30
N TYR A 14 2.54 8.48 1.68
CA TYR A 14 1.68 7.96 2.72
C TYR A 14 2.47 7.73 4.01
N PRO A 15 1.72 7.69 5.15
CA PRO A 15 2.34 7.47 6.44
C PRO A 15 2.75 6.01 6.62
N PRO A 16 3.52 5.74 7.71
CA PRO A 16 3.98 4.40 8.01
C PRO A 16 2.83 3.54 8.57
N GLU A 17 1.88 4.22 9.17
CA GLU A 17 0.74 3.54 9.76
C GLU A 17 -0.27 3.18 8.67
N LYS A 18 0.03 3.60 7.46
CA LYS A 18 -0.85 3.33 6.33
C LYS A 18 -0.01 2.75 5.18
N LEU A 19 1.24 2.44 5.49
CA LEU A 19 2.14 1.89 4.49
C LEU A 19 2.11 0.35 4.59
N PHE A 20 1.55 -0.26 3.57
CA PHE A 20 1.46 -1.72 3.53
C PHE A 20 2.17 -2.27 2.30
N GLN A 21 2.83 -3.41 2.51
CA GLN A 21 3.56 -4.05 1.43
C GLN A 21 2.78 -5.24 0.89
N ALA A 22 3.08 -5.61 -0.34
CA ALA A 22 2.41 -6.73 -0.98
C ALA A 22 3.07 -8.04 -0.53
N GLU A 23 2.32 -8.81 0.23
CA GLU A 23 2.82 -10.09 0.74
C GLU A 23 3.20 -11.00 -0.43
N ARG A 24 2.25 -11.16 -1.34
CA ARG A 24 2.47 -12.01 -2.50
C ARG A 24 1.94 -11.32 -3.77
N ASN A 25 2.28 -11.90 -4.90
CA ASN A 25 1.85 -11.35 -6.17
C ASN A 25 0.33 -11.37 -6.25
N PHE A 26 -0.25 -10.18 -6.23
CA PHE A 26 -1.69 -10.05 -6.30
C PHE A 26 -2.17 -9.92 -7.74
N ASN A 27 -3.27 -10.59 -8.04
CA ASN A 27 -3.84 -10.56 -9.38
C ASN A 27 -5.22 -9.92 -9.32
N ALA A 28 -5.32 -8.73 -9.91
CA ALA A 28 -6.58 -8.01 -9.93
C ALA A 28 -7.70 -8.95 -10.40
N ALA A 29 -8.68 -9.13 -9.53
CA ALA A 29 -9.81 -9.99 -9.85
C ALA A 29 -11.04 -9.14 -10.11
N GLN A 30 -11.20 -8.11 -9.29
CA GLN A 30 -12.33 -7.21 -9.43
C GLN A 30 -12.01 -6.09 -10.43
N ASP A 31 -12.90 -5.12 -10.49
CA ASP A 31 -12.73 -3.99 -11.39
C ASP A 31 -11.60 -3.10 -10.87
N LEU A 32 -11.85 -2.47 -9.73
CA LEU A 32 -10.87 -1.59 -9.13
C LEU A 32 -9.59 -2.38 -8.86
N ASP A 33 -9.77 -3.66 -8.58
CA ASP A 33 -8.64 -4.53 -8.29
C ASP A 33 -7.52 -4.24 -9.28
N VAL A 34 -6.31 -4.13 -8.75
CA VAL A 34 -5.15 -3.85 -9.57
C VAL A 34 -4.02 -4.80 -9.19
N SER A 35 -3.26 -5.21 -10.20
CA SER A 35 -2.15 -6.12 -9.99
C SER A 35 -1.09 -5.45 -9.11
N LEU A 36 -0.38 -6.28 -8.36
CA LEU A 36 0.67 -5.79 -7.48
C LEU A 36 1.76 -6.85 -7.34
N LEU A 37 2.97 -6.38 -7.07
CA LEU A 37 4.10 -7.28 -6.92
C LEU A 37 4.44 -7.41 -5.43
N GLU A 38 4.79 -8.63 -5.05
CA GLU A 38 5.13 -8.91 -3.67
C GLU A 38 6.13 -7.86 -3.14
N GLY A 39 6.81 -7.22 -4.09
CA GLY A 39 7.78 -6.20 -3.75
C GLY A 39 7.16 -4.81 -3.77
N ASP A 40 6.13 -4.68 -4.60
CA ASP A 40 5.43 -3.41 -4.72
C ASP A 40 4.91 -2.97 -3.36
N LEU A 41 4.89 -1.66 -3.17
CA LEU A 41 4.43 -1.10 -1.91
C LEU A 41 3.17 -0.25 -2.17
N VAL A 42 2.24 -0.32 -1.22
CA VAL A 42 1.00 0.43 -1.33
C VAL A 42 0.73 1.15 -0.02
N GLY A 43 -0.08 2.20 -0.11
CA GLY A 43 -0.43 2.98 1.07
C GLY A 43 -1.94 3.00 1.28
N VAL A 44 -2.38 2.25 2.27
CA VAL A 44 -3.80 2.18 2.59
C VAL A 44 -4.40 3.58 2.55
N ILE A 45 -5.48 3.72 1.79
CA ILE A 45 -6.16 4.99 1.67
C ILE A 45 -7.44 4.98 2.50
N LYS A 46 -8.26 3.97 2.24
CA LYS A 46 -9.52 3.83 2.96
C LYS A 46 -9.62 2.41 3.52
N LYS A 47 -10.31 2.30 4.65
CA LYS A 47 -10.49 1.01 5.30
C LYS A 47 -11.92 0.53 5.08
N LYS A 48 -12.55 1.07 4.04
CA LYS A 48 -13.91 0.71 3.72
C LYS A 48 -14.20 1.05 2.25
N ASP A 49 -14.97 0.19 1.62
CA ASP A 49 -15.32 0.38 0.22
C ASP A 49 -16.70 1.04 0.13
N PRO A 50 -17.00 1.58 -1.09
CA PRO A 50 -18.28 2.23 -1.31
C PRO A 50 -19.40 1.20 -1.46
N MET A 51 -19.63 0.47 -0.37
CA MET A 51 -20.66 -0.54 -0.37
C MET A 51 -20.89 -1.08 1.04
N GLY A 52 -19.84 -1.66 1.60
CA GLY A 52 -19.91 -2.22 2.94
C GLY A 52 -19.04 -3.48 3.06
N SER A 53 -17.74 -3.27 3.04
CA SER A 53 -16.80 -4.37 3.15
C SER A 53 -15.54 -3.91 3.89
N GLN A 54 -15.49 -4.26 5.16
CA GLN A 54 -14.35 -3.89 5.99
C GLN A 54 -13.17 -4.84 5.73
N ASN A 55 -13.46 -5.86 4.93
CA ASN A 55 -12.43 -6.84 4.60
C ASN A 55 -11.58 -6.31 3.44
N ARG A 56 -12.22 -5.51 2.60
CA ARG A 56 -11.55 -4.93 1.45
C ARG A 56 -11.19 -3.47 1.73
N TRP A 57 -9.93 -3.16 1.49
CA TRP A 57 -9.44 -1.80 1.72
C TRP A 57 -8.98 -1.24 0.37
N LEU A 58 -8.82 0.08 0.33
CA LEU A 58 -8.38 0.75 -0.88
C LEU A 58 -6.94 1.23 -0.69
N ILE A 59 -6.10 0.89 -1.66
CA ILE A 59 -4.70 1.27 -1.61
C ILE A 59 -4.31 1.90 -2.95
N ASP A 60 -3.16 2.57 -2.95
CA ASP A 60 -2.66 3.21 -4.15
C ASP A 60 -1.24 2.73 -4.42
N ASN A 61 -1.04 2.25 -5.64
CA ASN A 61 0.27 1.74 -6.04
C ASN A 61 1.05 2.88 -6.72
N GLY A 62 0.71 4.10 -6.34
CA GLY A 62 1.36 5.27 -6.90
C GLY A 62 1.10 5.37 -8.40
N VAL A 63 -0.08 4.91 -8.80
CA VAL A 63 -0.47 4.95 -10.21
C VAL A 63 -1.97 5.18 -10.30
N THR A 64 -2.72 4.28 -9.68
CA THR A 64 -4.17 4.39 -9.70
C THR A 64 -4.74 3.99 -8.34
N LYS A 65 -5.98 3.51 -8.37
CA LYS A 65 -6.65 3.09 -7.15
C LYS A 65 -7.21 1.68 -7.34
N GLY A 66 -6.94 0.83 -6.36
CA GLY A 66 -7.40 -0.55 -6.41
C GLY A 66 -7.83 -1.02 -5.02
N PHE A 67 -8.65 -2.07 -5.01
CA PHE A 67 -9.13 -2.64 -3.76
C PHE A 67 -8.65 -4.07 -3.59
N VAL A 68 -8.09 -4.34 -2.42
CA VAL A 68 -7.58 -5.67 -2.12
C VAL A 68 -7.82 -5.97 -0.63
N TYR A 69 -7.68 -7.24 -0.30
CA TYR A 69 -7.87 -7.68 1.08
C TYR A 69 -6.58 -7.52 1.89
N SER A 70 -6.72 -6.84 3.02
CA SER A 70 -5.57 -6.61 3.89
C SER A 70 -4.70 -7.87 3.95
N SER A 71 -5.35 -9.00 3.79
CA SER A 71 -4.66 -10.28 3.82
C SER A 71 -3.49 -10.26 2.82
N PHE A 72 -3.81 -9.91 1.58
CA PHE A 72 -2.81 -9.85 0.53
C PHE A 72 -1.79 -8.74 0.82
N LEU A 73 -2.10 -7.93 1.83
CA LEU A 73 -1.23 -6.84 2.20
C LEU A 73 -0.66 -7.11 3.60
N LYS A 74 0.35 -6.32 3.95
CA LYS A 74 0.99 -6.45 5.24
C LYS A 74 1.43 -5.07 5.74
N PRO A 75 1.36 -4.90 7.09
CA PRO A 75 1.75 -3.64 7.70
C PRO A 75 3.26 -3.49 7.73
N TYR A 76 3.76 -2.58 6.90
CA TYR A 76 5.19 -2.34 6.83
C TYR A 76 5.71 -1.76 8.14
N ASN A 77 7.02 -1.52 8.17
CA ASN A 77 7.66 -0.96 9.35
C ASN A 77 9.10 -0.59 9.01
N PRO A 78 9.29 0.71 8.66
CA PRO A 78 10.61 1.21 8.31
C PRO A 78 11.47 1.40 9.57
N ARG A 79 10.88 1.04 10.70
CA ARG A 79 11.59 1.16 11.97
C ARG A 79 12.02 2.61 12.20
N ARG A 80 11.15 3.36 12.87
CA ARG A 80 11.43 4.75 13.16
C ARG A 80 10.64 5.21 14.37
N SER A 81 11.37 5.53 15.43
CA SER A 81 10.75 5.99 16.67
C SER A 81 10.61 7.51 16.65
N HIS A 82 9.46 7.97 17.14
CA HIS A 82 9.19 9.40 17.19
C HIS A 82 8.52 9.75 18.52
N SER A 83 9.04 10.80 19.15
CA SER A 83 8.51 11.25 20.43
C SER A 83 7.10 11.82 20.23
N ASP A 84 6.16 11.23 20.95
CA ASP A 84 4.77 11.67 20.87
C ASP A 84 3.98 11.04 22.01
N ALA A 85 3.26 11.90 22.73
CA ALA A 85 2.46 11.44 23.85
C ALA A 85 1.28 12.40 24.05
N SER A 86 0.20 11.86 24.59
CA SER A 86 -0.99 12.66 24.85
C SER A 86 -1.26 12.72 26.35
N SER A 87 -1.11 11.58 26.99
CA SER A 87 -1.35 11.49 28.43
C SER A 87 -2.78 11.93 28.76
N GLY A 88 -3.05 11.99 30.06
CA GLY A 88 -4.37 12.39 30.51
C GLY A 88 -4.53 12.14 32.01
N PRO A 89 -5.45 12.93 32.63
CA PRO A 89 -5.70 12.79 34.06
C PRO A 89 -6.53 11.54 34.36
N SER A 90 -7.69 11.47 33.72
CA SER A 90 -8.59 10.34 33.91
C SER A 90 -9.17 10.36 35.32
N SER A 91 -10.27 9.63 35.48
CA SER A 91 -10.93 9.56 36.76
C SER A 91 -11.38 10.96 37.20
N GLY A 92 -12.25 10.98 38.21
CA GLY A 92 -12.75 12.24 38.73
C GLY A 92 -14.05 12.03 39.50
N GLY A 1 6.52 7.18 -13.46
CA GLY A 1 5.93 5.86 -13.39
C GLY A 1 6.97 4.81 -12.99
N SER A 2 6.91 4.40 -11.73
CA SER A 2 7.84 3.42 -11.21
C SER A 2 7.26 2.76 -9.96
N SER A 3 7.73 1.56 -9.68
CA SER A 3 7.27 0.81 -8.52
C SER A 3 8.21 1.08 -7.33
N GLY A 4 9.46 0.70 -7.52
CA GLY A 4 10.46 0.88 -6.48
C GLY A 4 10.55 2.34 -6.06
N SER A 5 10.84 3.19 -7.04
CA SER A 5 10.96 4.62 -6.78
C SER A 5 9.79 5.09 -5.90
N SER A 6 8.59 4.94 -6.43
CA SER A 6 7.39 5.34 -5.71
C SER A 6 7.47 4.85 -4.25
N GLY A 7 7.91 3.60 -4.11
CA GLY A 7 8.02 3.01 -2.80
C GLY A 7 8.74 3.95 -1.83
N ALA A 8 9.51 4.86 -2.40
CA ALA A 8 10.25 5.83 -1.61
C ALA A 8 9.35 7.00 -1.26
N SER A 9 8.55 7.40 -2.24
CA SER A 9 7.64 8.51 -2.06
C SER A 9 6.49 8.10 -1.13
N LEU A 10 5.94 6.91 -1.41
CA LEU A 10 4.85 6.39 -0.62
C LEU A 10 5.16 6.59 0.87
N LEU A 11 6.44 6.48 1.19
CA LEU A 11 6.89 6.64 2.56
C LEU A 11 6.59 8.07 3.03
N ALA A 12 6.84 9.01 2.13
CA ALA A 12 6.60 10.42 2.43
C ALA A 12 5.12 10.74 2.20
N ARG A 13 4.63 10.35 1.03
CA ARG A 13 3.25 10.59 0.68
C ARG A 13 2.32 10.04 1.77
N TYR A 14 2.48 8.75 2.03
CA TYR A 14 1.67 8.09 3.04
C TYR A 14 2.48 7.83 4.32
N PRO A 15 1.74 7.76 5.45
CA PRO A 15 2.37 7.53 6.74
C PRO A 15 2.80 6.07 6.89
N PRO A 16 3.57 5.79 7.98
CA PRO A 16 4.05 4.45 8.24
C PRO A 16 2.91 3.56 8.77
N GLU A 17 1.94 4.20 9.39
CA GLU A 17 0.81 3.49 9.93
C GLU A 17 -0.18 3.11 8.83
N LYS A 18 0.14 3.56 7.62
CA LYS A 18 -0.71 3.28 6.47
C LYS A 18 0.16 2.71 5.35
N LEU A 19 1.42 2.46 5.67
CA LEU A 19 2.35 1.91 4.70
C LEU A 19 2.27 0.38 4.73
N PHE A 20 1.74 -0.17 3.66
CA PHE A 20 1.59 -1.61 3.55
C PHE A 20 2.13 -2.12 2.21
N GLN A 21 2.76 -3.28 2.26
CA GLN A 21 3.32 -3.88 1.04
C GLN A 21 2.45 -5.06 0.61
N ALA A 22 2.75 -5.55 -0.59
CA ALA A 22 2.01 -6.68 -1.14
C ALA A 22 2.62 -7.98 -0.61
N GLU A 23 1.87 -8.63 0.25
CA GLU A 23 2.32 -9.88 0.84
C GLU A 23 2.83 -10.83 -0.25
N ARG A 24 2.06 -10.91 -1.32
CA ARG A 24 2.41 -11.77 -2.44
C ARG A 24 1.95 -11.14 -3.76
N ASN A 25 2.36 -11.78 -4.85
CA ASN A 25 1.98 -11.30 -6.17
C ASN A 25 0.46 -11.34 -6.31
N PHE A 26 -0.16 -10.21 -6.00
CA PHE A 26 -1.60 -10.11 -6.09
C PHE A 26 -2.06 -9.94 -7.55
N ASN A 27 -3.16 -10.59 -7.87
CA ASN A 27 -3.71 -10.53 -9.22
C ASN A 27 -5.09 -9.88 -9.18
N ALA A 28 -5.27 -8.87 -10.01
CA ALA A 28 -6.54 -8.18 -10.08
C ALA A 28 -7.67 -9.20 -10.25
N ALA A 29 -8.66 -9.07 -9.38
CA ALA A 29 -9.81 -9.96 -9.42
C ALA A 29 -11.02 -9.22 -9.97
N GLN A 30 -11.23 -8.02 -9.44
CA GLN A 30 -12.36 -7.19 -9.87
C GLN A 30 -11.84 -5.97 -10.62
N ASP A 31 -12.78 -5.10 -10.97
CA ASP A 31 -12.45 -3.88 -11.70
C ASP A 31 -11.85 -2.86 -10.73
N LEU A 32 -12.07 -3.12 -9.45
CA LEU A 32 -11.56 -2.23 -8.41
C LEU A 32 -10.18 -2.73 -7.95
N ASP A 33 -9.84 -3.93 -8.41
CA ASP A 33 -8.56 -4.52 -8.05
C ASP A 33 -7.54 -4.21 -9.14
N VAL A 34 -6.28 -4.18 -8.74
CA VAL A 34 -5.19 -3.90 -9.67
C VAL A 34 -4.00 -4.79 -9.33
N SER A 35 -3.42 -5.37 -10.38
CA SER A 35 -2.27 -6.24 -10.22
C SER A 35 -1.21 -5.54 -9.36
N LEU A 36 -0.65 -6.30 -8.42
CA LEU A 36 0.38 -5.77 -7.55
C LEU A 36 1.49 -6.81 -7.39
N LEU A 37 2.70 -6.31 -7.18
CA LEU A 37 3.85 -7.17 -7.00
C LEU A 37 4.13 -7.34 -5.51
N GLU A 38 4.44 -8.58 -5.13
CA GLU A 38 4.74 -8.88 -3.74
C GLU A 38 5.73 -7.86 -3.17
N GLY A 39 6.45 -7.22 -4.07
CA GLY A 39 7.42 -6.22 -3.67
C GLY A 39 6.83 -4.81 -3.75
N ASP A 40 5.84 -4.67 -4.62
CA ASP A 40 5.19 -3.38 -4.80
C ASP A 40 4.71 -2.87 -3.45
N LEU A 41 4.89 -1.57 -3.24
CA LEU A 41 4.49 -0.94 -2.00
C LEU A 41 3.24 -0.10 -2.24
N VAL A 42 2.45 0.06 -1.18
CA VAL A 42 1.22 0.83 -1.26
C VAL A 42 0.94 1.48 0.10
N GLY A 43 0.09 2.49 0.06
CA GLY A 43 -0.27 3.20 1.29
C GLY A 43 -1.78 3.16 1.51
N VAL A 44 -2.20 2.30 2.43
CA VAL A 44 -3.60 2.16 2.75
C VAL A 44 -4.28 3.53 2.69
N ILE A 45 -5.41 3.57 2.02
CA ILE A 45 -6.16 4.82 1.89
C ILE A 45 -7.51 4.68 2.60
N LYS A 46 -8.26 3.66 2.17
CA LYS A 46 -9.56 3.41 2.75
C LYS A 46 -9.58 2.00 3.36
N LYS A 47 -10.35 1.86 4.43
CA LYS A 47 -10.46 0.58 5.10
C LYS A 47 -11.82 -0.05 4.78
N LYS A 48 -12.42 0.43 3.71
CA LYS A 48 -13.71 -0.07 3.28
C LYS A 48 -13.95 0.35 1.82
N ASP A 49 -15.10 -0.06 1.30
CA ASP A 49 -15.47 0.26 -0.06
C ASP A 49 -16.77 1.09 -0.06
N PRO A 50 -17.05 1.69 -1.24
CA PRO A 50 -18.25 2.51 -1.38
C PRO A 50 -19.50 1.63 -1.48
N MET A 51 -19.74 0.86 -0.43
CA MET A 51 -20.89 -0.03 -0.39
C MET A 51 -21.08 -0.61 1.01
N GLY A 52 -19.98 -1.09 1.58
CA GLY A 52 -20.02 -1.67 2.91
C GLY A 52 -19.23 -2.99 2.94
N SER A 53 -17.93 -2.86 2.74
CA SER A 53 -17.05 -4.02 2.75
C SER A 53 -15.71 -3.67 3.41
N GLN A 54 -15.67 -3.89 4.72
CA GLN A 54 -14.47 -3.60 5.49
C GLN A 54 -13.42 -4.68 5.24
N ASN A 55 -13.88 -5.82 4.77
CA ASN A 55 -12.99 -6.94 4.48
C ASN A 55 -11.94 -6.50 3.45
N ARG A 56 -12.39 -5.66 2.53
CA ARG A 56 -11.51 -5.16 1.48
C ARG A 56 -11.14 -3.70 1.75
N TRP A 57 -9.86 -3.40 1.55
CA TRP A 57 -9.37 -2.05 1.77
C TRP A 57 -8.91 -1.49 0.42
N LEU A 58 -8.80 -0.17 0.36
CA LEU A 58 -8.38 0.49 -0.85
C LEU A 58 -6.95 1.04 -0.66
N ILE A 59 -6.12 0.76 -1.64
CA ILE A 59 -4.73 1.22 -1.60
C ILE A 59 -4.37 1.87 -2.93
N ASP A 60 -3.32 2.67 -2.89
CA ASP A 60 -2.85 3.36 -4.09
C ASP A 60 -1.44 2.88 -4.44
N ASN A 61 -1.29 2.41 -5.67
CA ASN A 61 0.00 1.92 -6.13
C ASN A 61 0.75 3.07 -6.82
N GLY A 62 0.66 4.24 -6.22
CA GLY A 62 1.32 5.41 -6.77
C GLY A 62 1.04 5.55 -8.27
N VAL A 63 -0.07 4.96 -8.69
CA VAL A 63 -0.46 5.01 -10.09
C VAL A 63 -1.98 5.14 -10.18
N THR A 64 -2.67 4.26 -9.46
CA THR A 64 -4.13 4.28 -9.46
C THR A 64 -4.65 3.80 -8.10
N LYS A 65 -5.91 3.41 -8.10
CA LYS A 65 -6.55 2.93 -6.88
C LYS A 65 -7.02 1.49 -7.08
N GLY A 66 -6.49 0.61 -6.24
CA GLY A 66 -6.83 -0.79 -6.30
C GLY A 66 -7.33 -1.31 -4.95
N PHE A 67 -8.31 -2.20 -5.01
CA PHE A 67 -8.87 -2.77 -3.80
C PHE A 67 -8.35 -4.19 -3.57
N VAL A 68 -7.73 -4.38 -2.41
CA VAL A 68 -7.19 -5.68 -2.06
C VAL A 68 -7.42 -5.94 -0.57
N TYR A 69 -7.42 -7.22 -0.22
CA TYR A 69 -7.64 -7.61 1.16
C TYR A 69 -6.36 -7.44 1.98
N SER A 70 -6.49 -6.71 3.09
CA SER A 70 -5.36 -6.46 3.96
C SER A 70 -4.52 -7.73 4.10
N SER A 71 -5.19 -8.87 3.97
CA SER A 71 -4.52 -10.15 4.08
C SER A 71 -3.38 -10.23 3.06
N PHE A 72 -3.70 -9.85 1.84
CA PHE A 72 -2.72 -9.88 0.76
C PHE A 72 -1.68 -8.77 0.95
N LEU A 73 -1.91 -7.95 1.96
CA LEU A 73 -1.00 -6.85 2.25
C LEU A 73 -0.28 -7.12 3.56
N LYS A 74 0.78 -6.36 3.79
CA LYS A 74 1.56 -6.52 5.00
C LYS A 74 1.89 -5.14 5.57
N PRO A 75 2.01 -5.09 6.93
CA PRO A 75 2.31 -3.83 7.60
C PRO A 75 3.79 -3.46 7.43
N TYR A 76 4.03 -2.55 6.50
CA TYR A 76 5.38 -2.11 6.23
C TYR A 76 6.11 -1.73 7.53
N ASN A 77 7.35 -1.30 7.37
CA ASN A 77 8.16 -0.91 8.51
C ASN A 77 9.39 -0.13 8.03
N PRO A 78 9.24 1.22 8.01
CA PRO A 78 10.32 2.08 7.57
C PRO A 78 11.42 2.17 8.64
N ARG A 79 11.22 1.44 9.71
CA ARG A 79 12.17 1.43 10.81
C ARG A 79 13.36 0.53 10.46
N ARG A 80 14.25 1.05 9.63
CA ARG A 80 15.42 0.31 9.23
C ARG A 80 16.49 1.26 8.67
N SER A 81 16.78 2.29 9.45
CA SER A 81 17.78 3.28 9.05
C SER A 81 17.89 4.36 10.12
N HIS A 82 18.59 4.02 11.19
CA HIS A 82 18.79 4.96 12.28
C HIS A 82 17.43 5.50 12.74
N SER A 83 17.48 6.29 13.80
CA SER A 83 16.26 6.88 14.35
C SER A 83 16.33 8.40 14.24
N ASP A 84 15.58 8.92 13.27
CA ASP A 84 15.53 10.35 13.05
C ASP A 84 14.59 10.65 11.88
N ALA A 85 14.14 11.90 11.84
CA ALA A 85 13.23 12.33 10.79
C ALA A 85 13.67 13.70 10.27
N SER A 86 12.96 14.17 9.26
CA SER A 86 13.26 15.45 8.65
C SER A 86 12.09 16.42 8.88
N SER A 87 10.94 16.02 8.36
CA SER A 87 9.74 16.84 8.49
C SER A 87 8.56 16.16 7.78
N GLY A 88 7.38 16.73 7.98
CA GLY A 88 6.18 16.20 7.38
C GLY A 88 5.50 17.25 6.50
N PRO A 89 4.45 16.80 5.76
CA PRO A 89 3.70 17.68 4.89
C PRO A 89 2.78 18.59 5.70
N SER A 90 2.85 19.88 5.41
CA SER A 90 2.03 20.86 6.09
C SER A 90 2.08 22.20 5.37
N SER A 91 1.00 22.96 5.51
CA SER A 91 0.92 24.26 4.87
C SER A 91 -0.27 25.04 5.43
N GLY A 92 -1.45 24.48 5.24
CA GLY A 92 -2.67 25.11 5.72
C GLY A 92 -3.83 24.87 4.75
N GLY A 1 6.95 7.37 -14.71
CA GLY A 1 6.39 6.18 -14.08
C GLY A 1 7.40 5.53 -13.14
N SER A 2 7.39 5.99 -11.91
CA SER A 2 8.29 5.46 -10.90
C SER A 2 7.69 4.22 -10.24
N SER A 3 8.42 3.14 -10.30
CA SER A 3 7.96 1.88 -9.72
C SER A 3 8.49 1.75 -8.29
N GLY A 4 9.80 1.60 -8.19
CA GLY A 4 10.44 1.46 -6.90
C GLY A 4 10.42 2.78 -6.13
N SER A 5 10.88 3.83 -6.80
CA SER A 5 10.92 5.15 -6.21
C SER A 5 9.62 5.42 -5.43
N SER A 6 8.52 4.95 -5.99
CA SER A 6 7.22 5.13 -5.37
C SER A 6 7.17 4.34 -4.06
N GLY A 7 7.69 3.12 -4.11
CA GLY A 7 7.70 2.25 -2.95
C GLY A 7 8.41 2.93 -1.77
N ALA A 8 9.31 3.84 -2.11
CA ALA A 8 10.06 4.57 -1.10
C ALA A 8 9.32 5.86 -0.75
N SER A 9 8.79 6.49 -1.78
CA SER A 9 8.05 7.74 -1.59
C SER A 9 6.75 7.47 -0.82
N LEU A 10 6.15 6.32 -1.12
CA LEU A 10 4.91 5.95 -0.47
C LEU A 10 5.05 6.16 1.04
N LEU A 11 6.25 5.93 1.53
CA LEU A 11 6.53 6.10 2.95
C LEU A 11 6.20 7.53 3.36
N ALA A 12 6.54 8.47 2.49
CA ALA A 12 6.28 9.87 2.75
C ALA A 12 4.89 10.23 2.25
N ARG A 13 4.58 9.74 1.07
CA ARG A 13 3.28 10.00 0.46
C ARG A 13 2.16 9.59 1.42
N TYR A 14 2.37 8.47 2.09
CA TYR A 14 1.40 7.95 3.04
C TYR A 14 2.04 7.71 4.41
N PRO A 15 1.16 7.66 5.44
CA PRO A 15 1.63 7.44 6.80
C PRO A 15 2.02 5.98 7.02
N PRO A 16 2.69 5.72 8.18
CA PRO A 16 3.12 4.39 8.51
C PRO A 16 1.94 3.52 8.96
N GLU A 17 0.90 4.18 9.41
CA GLU A 17 -0.29 3.50 9.88
C GLU A 17 -1.14 3.05 8.68
N LYS A 18 -0.69 3.43 7.50
CA LYS A 18 -1.40 3.07 6.28
C LYS A 18 -0.40 2.51 5.25
N LEU A 19 0.81 2.26 5.74
CA LEU A 19 1.87 1.73 4.89
C LEU A 19 1.78 0.20 4.87
N PHE A 20 1.38 -0.33 3.74
CA PHE A 20 1.26 -1.77 3.59
C PHE A 20 1.98 -2.26 2.33
N GLN A 21 2.62 -3.42 2.46
CA GLN A 21 3.35 -4.00 1.35
C GLN A 21 2.55 -5.16 0.74
N ALA A 22 2.96 -5.55 -0.45
CA ALA A 22 2.30 -6.65 -1.15
C ALA A 22 2.89 -7.98 -0.67
N GLU A 23 2.10 -8.70 0.11
CA GLU A 23 2.53 -9.98 0.63
C GLU A 23 2.97 -10.90 -0.51
N ARG A 24 2.09 -11.01 -1.50
CA ARG A 24 2.37 -11.86 -2.65
C ARG A 24 1.91 -11.17 -3.93
N ASN A 25 2.28 -11.77 -5.06
CA ASN A 25 1.92 -11.22 -6.36
C ASN A 25 0.39 -11.22 -6.48
N PHE A 26 -0.19 -10.08 -6.13
CA PHE A 26 -1.64 -9.94 -6.20
C PHE A 26 -2.11 -9.85 -7.65
N ASN A 27 -3.17 -10.58 -7.95
CA ASN A 27 -3.73 -10.59 -9.29
C ASN A 27 -5.11 -9.94 -9.27
N ALA A 28 -5.24 -8.88 -10.06
CA ALA A 28 -6.50 -8.16 -10.14
C ALA A 28 -7.62 -9.14 -10.52
N ALA A 29 -8.65 -9.14 -9.70
CA ALA A 29 -9.79 -10.01 -9.93
C ALA A 29 -10.98 -9.18 -10.41
N GLN A 30 -11.17 -8.04 -9.77
CA GLN A 30 -12.25 -7.14 -10.12
C GLN A 30 -11.71 -5.90 -10.83
N ASP A 31 -12.62 -4.98 -11.11
CA ASP A 31 -12.25 -3.74 -11.78
C ASP A 31 -11.64 -2.77 -10.76
N LEU A 32 -12.02 -2.96 -9.51
CA LEU A 32 -11.53 -2.12 -8.44
C LEU A 32 -10.17 -2.65 -7.97
N ASP A 33 -9.83 -3.84 -8.46
CA ASP A 33 -8.57 -4.45 -8.10
C ASP A 33 -7.52 -4.13 -9.17
N VAL A 34 -6.27 -4.15 -8.75
CA VAL A 34 -5.17 -3.86 -9.65
C VAL A 34 -3.96 -4.74 -9.30
N SER A 35 -3.32 -5.27 -10.32
CA SER A 35 -2.16 -6.12 -10.12
C SER A 35 -1.13 -5.40 -9.24
N LEU A 36 -0.39 -6.20 -8.50
CA LEU A 36 0.64 -5.66 -7.62
C LEU A 36 1.78 -6.67 -7.47
N LEU A 37 2.96 -6.14 -7.20
CA LEU A 37 4.14 -6.99 -7.04
C LEU A 37 4.40 -7.19 -5.55
N GLU A 38 4.70 -8.44 -5.20
CA GLU A 38 4.98 -8.78 -3.82
C GLU A 38 6.05 -7.85 -3.25
N GLY A 39 6.81 -7.25 -4.15
CA GLY A 39 7.87 -6.34 -3.76
C GLY A 39 7.39 -4.88 -3.80
N ASP A 40 6.25 -4.69 -4.45
CA ASP A 40 5.68 -3.36 -4.57
C ASP A 40 5.01 -2.98 -3.25
N LEU A 41 5.07 -1.69 -2.95
CA LEU A 41 4.47 -1.18 -1.72
C LEU A 41 3.32 -0.24 -2.07
N VAL A 42 2.37 -0.14 -1.16
CA VAL A 42 1.22 0.72 -1.35
C VAL A 42 0.81 1.34 -0.02
N GLY A 43 0.01 2.39 -0.11
CA GLY A 43 -0.46 3.09 1.08
C GLY A 43 -1.99 3.08 1.16
N VAL A 44 -2.50 2.12 1.92
CA VAL A 44 -3.94 1.99 2.09
C VAL A 44 -4.54 3.37 2.37
N ILE A 45 -5.63 3.65 1.67
CA ILE A 45 -6.31 4.93 1.83
C ILE A 45 -7.59 4.72 2.65
N LYS A 46 -8.45 3.84 2.13
CA LYS A 46 -9.70 3.55 2.80
C LYS A 46 -9.64 2.14 3.38
N LYS A 47 -10.34 1.96 4.49
CA LYS A 47 -10.38 0.67 5.16
C LYS A 47 -11.75 0.02 4.93
N LYS A 48 -12.43 0.50 3.90
CA LYS A 48 -13.75 -0.02 3.56
C LYS A 48 -14.15 0.49 2.19
N ASP A 49 -14.90 -0.34 1.46
CA ASP A 49 -15.36 0.02 0.14
C ASP A 49 -16.65 0.83 0.26
N PRO A 50 -16.97 1.58 -0.83
CA PRO A 50 -18.17 2.40 -0.87
C PRO A 50 -19.42 1.54 -1.03
N MET A 51 -19.69 0.74 -0.02
CA MET A 51 -20.86 -0.13 -0.03
C MET A 51 -21.13 -0.71 1.35
N GLY A 52 -20.12 -1.37 1.90
CA GLY A 52 -20.24 -1.97 3.22
C GLY A 52 -19.40 -3.25 3.32
N SER A 53 -18.09 -3.07 3.19
CA SER A 53 -17.18 -4.19 3.27
C SER A 53 -15.80 -3.72 3.74
N GLN A 54 -15.59 -3.80 5.04
CA GLN A 54 -14.32 -3.39 5.63
C GLN A 54 -13.27 -4.48 5.44
N ASN A 55 -13.69 -5.57 4.81
CA ASN A 55 -12.79 -6.69 4.57
C ASN A 55 -11.78 -6.30 3.50
N ARG A 56 -12.16 -5.32 2.69
CA ARG A 56 -11.29 -4.85 1.63
C ARG A 56 -10.95 -3.37 1.84
N TRP A 57 -9.68 -3.05 1.64
CA TRP A 57 -9.21 -1.69 1.81
C TRP A 57 -8.73 -1.19 0.45
N LEU A 58 -8.91 0.11 0.23
CA LEU A 58 -8.50 0.72 -1.01
C LEU A 58 -7.07 1.26 -0.87
N ILE A 59 -6.22 0.87 -1.81
CA ILE A 59 -4.84 1.30 -1.80
C ILE A 59 -4.48 1.89 -3.17
N ASP A 60 -3.34 2.57 -3.21
CA ASP A 60 -2.87 3.17 -4.44
C ASP A 60 -1.48 2.64 -4.76
N ASN A 61 -1.35 2.11 -5.97
CA ASN A 61 -0.08 1.57 -6.43
C ASN A 61 0.74 2.68 -7.08
N GLY A 62 0.74 3.83 -6.44
CA GLY A 62 1.48 4.98 -6.95
C GLY A 62 1.20 5.19 -8.44
N VAL A 63 0.05 4.70 -8.87
CA VAL A 63 -0.35 4.82 -10.26
C VAL A 63 -1.86 5.02 -10.35
N THR A 64 -2.57 4.16 -9.63
CA THR A 64 -4.02 4.24 -9.62
C THR A 64 -4.56 3.81 -8.26
N LYS A 65 -5.85 3.47 -8.24
CA LYS A 65 -6.50 3.05 -7.01
C LYS A 65 -6.99 1.61 -7.18
N GLY A 66 -6.48 0.74 -6.30
CA GLY A 66 -6.86 -0.65 -6.34
C GLY A 66 -7.33 -1.14 -4.97
N PHE A 67 -8.30 -2.05 -4.99
CA PHE A 67 -8.85 -2.59 -3.76
C PHE A 67 -8.30 -4.00 -3.50
N VAL A 68 -7.73 -4.17 -2.31
CA VAL A 68 -7.17 -5.44 -1.91
C VAL A 68 -7.45 -5.68 -0.44
N TYR A 69 -7.44 -6.96 -0.06
CA TYR A 69 -7.69 -7.34 1.31
C TYR A 69 -6.42 -7.25 2.15
N SER A 70 -6.54 -6.61 3.31
CA SER A 70 -5.40 -6.45 4.20
C SER A 70 -4.62 -7.76 4.29
N SER A 71 -5.33 -8.86 4.07
CA SER A 71 -4.71 -10.17 4.12
C SER A 71 -3.54 -10.23 3.15
N PHE A 72 -3.82 -9.94 1.89
CA PHE A 72 -2.80 -9.96 0.87
C PHE A 72 -1.78 -8.84 1.09
N LEU A 73 -2.08 -7.98 2.04
CA LEU A 73 -1.21 -6.87 2.37
C LEU A 73 -0.54 -7.13 3.73
N LYS A 74 0.58 -6.45 3.94
CA LYS A 74 1.32 -6.60 5.17
C LYS A 74 1.75 -5.21 5.67
N PRO A 75 1.73 -5.07 7.02
CA PRO A 75 2.11 -3.81 7.65
C PRO A 75 3.63 -3.62 7.61
N TYR A 76 4.06 -2.68 6.79
CA TYR A 76 5.47 -2.38 6.65
C TYR A 76 6.04 -1.80 7.95
N ASN A 77 7.32 -1.48 7.91
CA ASN A 77 7.99 -0.92 9.06
C ASN A 77 9.35 -0.36 8.64
N PRO A 78 9.34 0.95 8.26
CA PRO A 78 10.57 1.61 7.84
C PRO A 78 11.47 1.91 9.03
N ARG A 79 11.01 1.50 10.20
CA ARG A 79 11.76 1.73 11.43
C ARG A 79 13.08 0.97 11.38
N ARG A 80 13.19 0.08 10.40
CA ARG A 80 14.40 -0.71 10.25
C ARG A 80 14.64 -1.57 11.48
N SER A 81 15.16 -2.77 11.26
CA SER A 81 15.44 -3.69 12.34
C SER A 81 15.99 -5.00 11.78
N HIS A 82 17.13 -5.40 12.33
CA HIS A 82 17.76 -6.64 11.90
C HIS A 82 16.73 -7.77 11.85
N SER A 83 16.60 -8.35 10.67
CA SER A 83 15.64 -9.44 10.47
C SER A 83 16.06 -10.29 9.28
N ASP A 84 15.95 -11.60 9.45
CA ASP A 84 16.30 -12.53 8.39
C ASP A 84 15.90 -13.95 8.81
N ALA A 85 15.08 -14.56 7.98
CA ALA A 85 14.61 -15.91 8.25
C ALA A 85 14.71 -16.75 6.97
N SER A 86 15.79 -17.49 6.87
CA SER A 86 16.02 -18.32 5.70
C SER A 86 16.66 -19.65 6.13
N SER A 87 15.80 -20.60 6.47
CA SER A 87 16.26 -21.91 6.90
C SER A 87 15.07 -22.86 7.07
N GLY A 88 15.21 -24.03 6.46
CA GLY A 88 14.15 -25.03 6.53
C GLY A 88 14.73 -26.43 6.43
N PRO A 89 15.43 -26.85 7.52
CA PRO A 89 16.04 -28.17 7.56
C PRO A 89 14.99 -29.25 7.79
N SER A 90 15.22 -30.40 7.18
CA SER A 90 14.30 -31.52 7.31
C SER A 90 14.97 -32.66 8.09
N SER A 91 14.34 -32.98 9.22
CA SER A 91 14.86 -34.05 10.06
C SER A 91 14.32 -35.40 9.61
N GLY A 92 15.15 -36.41 9.73
CA GLY A 92 14.76 -37.76 9.33
C GLY A 92 14.28 -38.56 10.54
N GLY A 1 9.16 9.69 -13.78
CA GLY A 1 9.14 8.95 -12.54
C GLY A 1 9.07 7.44 -12.81
N SER A 2 9.21 6.68 -11.73
CA SER A 2 9.15 5.22 -11.83
C SER A 2 8.50 4.64 -10.58
N SER A 3 8.02 3.41 -10.71
CA SER A 3 7.38 2.73 -9.60
C SER A 3 8.28 2.76 -8.37
N GLY A 4 9.49 2.24 -8.54
CA GLY A 4 10.45 2.20 -7.46
C GLY A 4 10.48 3.54 -6.70
N SER A 5 10.90 4.58 -7.41
CA SER A 5 10.97 5.90 -6.82
C SER A 5 9.68 6.20 -6.05
N SER A 6 8.57 5.89 -6.69
CA SER A 6 7.27 6.13 -6.08
C SER A 6 7.14 5.31 -4.79
N GLY A 7 7.40 4.02 -4.92
CA GLY A 7 7.33 3.12 -3.78
C GLY A 7 8.05 3.72 -2.56
N ALA A 8 9.16 4.38 -2.84
CA ALA A 8 9.94 5.00 -1.80
C ALA A 8 9.26 6.29 -1.34
N SER A 9 8.56 6.91 -2.27
CA SER A 9 7.86 8.16 -1.98
C SER A 9 6.64 7.87 -1.12
N LEU A 10 6.02 6.73 -1.38
CA LEU A 10 4.83 6.33 -0.63
C LEU A 10 5.11 6.46 0.87
N LEU A 11 6.38 6.33 1.22
CA LEU A 11 6.79 6.45 2.60
C LEU A 11 6.62 7.90 3.07
N ALA A 12 6.93 8.81 2.16
CA ALA A 12 6.82 10.23 2.46
C ALA A 12 5.37 10.68 2.22
N ARG A 13 4.78 10.16 1.16
CA ARG A 13 3.41 10.50 0.82
C ARG A 13 2.45 10.00 1.90
N TYR A 14 2.52 8.71 2.16
CA TYR A 14 1.67 8.10 3.17
C TYR A 14 2.44 7.84 4.46
N PRO A 15 1.69 7.77 5.59
CA PRO A 15 2.29 7.53 6.89
C PRO A 15 2.71 6.06 7.02
N PRO A 16 3.47 5.79 8.12
CA PRO A 16 3.94 4.43 8.38
C PRO A 16 2.81 3.55 8.91
N GLU A 17 1.80 4.21 9.48
CA GLU A 17 0.66 3.50 10.03
C GLU A 17 -0.33 3.14 8.92
N LYS A 18 0.00 3.58 7.71
CA LYS A 18 -0.84 3.32 6.55
C LYS A 18 0.02 2.75 5.43
N LEU A 19 1.27 2.48 5.76
CA LEU A 19 2.20 1.93 4.78
C LEU A 19 2.10 0.40 4.80
N PHE A 20 1.55 -0.13 3.71
CA PHE A 20 1.40 -1.57 3.59
C PHE A 20 1.97 -2.07 2.25
N GLN A 21 2.66 -3.19 2.33
CA GLN A 21 3.27 -3.78 1.15
C GLN A 21 2.46 -5.01 0.70
N ALA A 22 2.78 -5.48 -0.50
CA ALA A 22 2.11 -6.63 -1.05
C ALA A 22 2.76 -7.91 -0.51
N GLU A 23 1.95 -8.71 0.17
CA GLU A 23 2.43 -9.96 0.75
C GLU A 23 2.87 -10.91 -0.36
N ARG A 24 2.03 -11.01 -1.38
CA ARG A 24 2.31 -11.88 -2.51
C ARG A 24 1.86 -11.22 -3.82
N ASN A 25 2.25 -11.85 -4.92
CA ASN A 25 1.89 -11.35 -6.24
C ASN A 25 0.37 -11.34 -6.37
N PHE A 26 -0.23 -10.21 -6.04
CA PHE A 26 -1.67 -10.05 -6.12
C PHE A 26 -2.12 -9.95 -7.58
N ASN A 27 -3.22 -10.62 -7.87
CA ASN A 27 -3.77 -10.62 -9.22
C ASN A 27 -5.14 -9.95 -9.21
N ALA A 28 -5.32 -8.98 -10.10
CA ALA A 28 -6.57 -8.26 -10.19
C ALA A 28 -7.71 -9.26 -10.45
N ALA A 29 -8.71 -9.20 -9.58
CA ALA A 29 -9.85 -10.10 -9.70
C ALA A 29 -11.06 -9.30 -10.19
N GLN A 30 -11.18 -8.08 -9.68
CA GLN A 30 -12.28 -7.21 -10.06
C GLN A 30 -11.75 -5.99 -10.81
N ASP A 31 -12.66 -5.07 -11.10
CA ASP A 31 -12.31 -3.85 -11.81
C ASP A 31 -11.71 -2.85 -10.83
N LEU A 32 -12.01 -3.07 -9.55
CA LEU A 32 -11.52 -2.19 -8.51
C LEU A 32 -10.15 -2.69 -8.04
N ASP A 33 -9.79 -3.88 -8.49
CA ASP A 33 -8.52 -4.47 -8.13
C ASP A 33 -7.47 -4.12 -9.19
N VAL A 34 -6.21 -4.25 -8.80
CA VAL A 34 -5.12 -3.96 -9.71
C VAL A 34 -3.92 -4.83 -9.35
N SER A 35 -3.30 -5.40 -10.37
CA SER A 35 -2.14 -6.25 -10.18
C SER A 35 -1.10 -5.54 -9.31
N LEU A 36 -0.45 -6.31 -8.46
CA LEU A 36 0.57 -5.76 -7.58
C LEU A 36 1.68 -6.79 -7.40
N LEU A 37 2.88 -6.28 -7.14
CA LEU A 37 4.03 -7.15 -6.95
C LEU A 37 4.30 -7.30 -5.45
N GLU A 38 4.63 -8.52 -5.06
CA GLU A 38 4.91 -8.82 -3.67
C GLU A 38 5.89 -7.79 -3.09
N GLY A 39 6.61 -7.14 -3.99
CA GLY A 39 7.58 -6.13 -3.59
C GLY A 39 6.97 -4.73 -3.68
N ASP A 40 5.96 -4.60 -4.54
CA ASP A 40 5.30 -3.32 -4.73
C ASP A 40 4.82 -2.80 -3.37
N LEU A 41 4.98 -1.50 -3.18
CA LEU A 41 4.57 -0.87 -1.94
C LEU A 41 3.32 -0.02 -2.20
N VAL A 42 2.54 0.15 -1.14
CA VAL A 42 1.32 0.93 -1.23
C VAL A 42 0.99 1.51 0.15
N GLY A 43 0.11 2.50 0.13
CA GLY A 43 -0.30 3.15 1.37
C GLY A 43 -1.82 3.09 1.55
N VAL A 44 -2.23 2.26 2.49
CA VAL A 44 -3.66 2.10 2.77
C VAL A 44 -4.35 3.46 2.69
N ILE A 45 -5.46 3.48 1.96
CA ILE A 45 -6.22 4.71 1.80
C ILE A 45 -7.60 4.53 2.44
N LYS A 46 -8.31 3.52 1.96
CA LYS A 46 -9.64 3.24 2.48
C LYS A 46 -9.63 1.89 3.20
N LYS A 47 -10.13 1.89 4.42
CA LYS A 47 -10.18 0.69 5.21
C LYS A 47 -11.52 -0.01 4.99
N LYS A 48 -12.14 0.31 3.86
CA LYS A 48 -13.42 -0.27 3.52
C LYS A 48 -13.83 0.19 2.12
N ASP A 49 -14.76 -0.54 1.54
CA ASP A 49 -15.25 -0.22 0.21
C ASP A 49 -16.45 0.71 0.32
N PRO A 50 -16.72 1.44 -0.80
CA PRO A 50 -17.84 2.37 -0.83
C PRO A 50 -19.17 1.63 -0.96
N MET A 51 -19.46 0.83 0.06
CA MET A 51 -20.70 0.07 0.07
C MET A 51 -20.98 -0.47 1.47
N GLY A 52 -19.93 -0.95 2.12
CA GLY A 52 -20.06 -1.49 3.47
C GLY A 52 -19.01 -2.58 3.71
N SER A 53 -18.49 -3.12 2.63
CA SER A 53 -17.48 -4.16 2.71
C SER A 53 -16.17 -3.58 3.27
N GLN A 54 -15.86 -3.99 4.48
CA GLN A 54 -14.65 -3.53 5.14
C GLN A 54 -13.51 -4.53 4.93
N ASN A 55 -13.90 -5.77 4.70
CA ASN A 55 -12.93 -6.83 4.49
C ASN A 55 -11.93 -6.40 3.42
N ARG A 56 -12.43 -5.61 2.48
CA ARG A 56 -11.59 -5.12 1.41
C ARG A 56 -11.22 -3.65 1.64
N TRP A 57 -9.94 -3.37 1.49
CA TRP A 57 -9.44 -2.01 1.69
C TRP A 57 -8.97 -1.48 0.33
N LEU A 58 -8.88 -0.17 0.24
CA LEU A 58 -8.44 0.48 -0.98
C LEU A 58 -7.02 1.03 -0.79
N ILE A 59 -6.17 0.71 -1.74
CA ILE A 59 -4.78 1.17 -1.69
C ILE A 59 -4.40 1.78 -3.04
N ASP A 60 -3.34 2.57 -3.01
CA ASP A 60 -2.85 3.22 -4.22
C ASP A 60 -1.45 2.71 -4.56
N ASN A 61 -1.29 2.30 -5.80
CA ASN A 61 -0.01 1.78 -6.26
C ASN A 61 0.81 2.92 -6.89
N GLY A 62 0.62 4.11 -6.32
CA GLY A 62 1.32 5.29 -6.81
C GLY A 62 1.04 5.52 -8.30
N VAL A 63 -0.05 4.91 -8.76
CA VAL A 63 -0.44 5.05 -10.15
C VAL A 63 -1.97 5.19 -10.23
N THR A 64 -2.65 4.23 -9.62
CA THR A 64 -4.10 4.25 -9.62
C THR A 64 -4.64 3.76 -8.28
N LYS A 65 -5.94 3.53 -8.23
CA LYS A 65 -6.59 3.06 -7.01
C LYS A 65 -7.04 1.61 -7.20
N GLY A 66 -6.51 0.76 -6.34
CA GLY A 66 -6.85 -0.66 -6.39
C GLY A 66 -7.31 -1.17 -5.02
N PHE A 67 -8.26 -2.09 -5.07
CA PHE A 67 -8.79 -2.66 -3.84
C PHE A 67 -8.22 -4.06 -3.59
N VAL A 68 -7.67 -4.23 -2.41
CA VAL A 68 -7.09 -5.51 -2.04
C VAL A 68 -7.38 -5.78 -0.56
N TYR A 69 -7.46 -7.07 -0.23
CA TYR A 69 -7.73 -7.48 1.14
C TYR A 69 -6.48 -7.35 2.01
N SER A 70 -6.63 -6.63 3.11
CA SER A 70 -5.52 -6.42 4.03
C SER A 70 -4.70 -7.71 4.15
N SER A 71 -5.39 -8.83 4.01
CA SER A 71 -4.74 -10.13 4.10
C SER A 71 -3.56 -10.19 3.12
N PHE A 72 -3.86 -9.92 1.86
CA PHE A 72 -2.85 -9.94 0.82
C PHE A 72 -1.84 -8.82 1.02
N LEU A 73 -2.15 -7.94 1.96
CA LEU A 73 -1.28 -6.81 2.26
C LEU A 73 -0.58 -7.06 3.60
N LYS A 74 0.52 -6.34 3.78
CA LYS A 74 1.29 -6.46 5.01
C LYS A 74 1.70 -5.07 5.49
N PRO A 75 1.84 -4.94 6.83
CA PRO A 75 2.23 -3.68 7.44
C PRO A 75 3.72 -3.41 7.22
N TYR A 76 4.00 -2.48 6.32
CA TYR A 76 5.38 -2.12 6.03
C TYR A 76 6.04 -1.44 7.23
N ASN A 77 7.33 -1.16 7.07
CA ASN A 77 8.08 -0.52 8.13
C ASN A 77 9.20 0.32 7.50
N PRO A 78 8.97 1.66 7.50
CA PRO A 78 9.95 2.59 6.94
C PRO A 78 11.14 2.76 7.88
N ARG A 79 11.11 2.00 8.96
CA ARG A 79 12.18 2.06 9.95
C ARG A 79 12.92 0.72 10.02
N ARG A 80 13.98 0.63 9.24
CA ARG A 80 14.77 -0.59 9.20
C ARG A 80 16.09 -0.34 8.46
N SER A 81 16.59 0.88 8.61
CA SER A 81 17.84 1.26 7.97
C SER A 81 18.43 2.49 8.64
N HIS A 82 19.63 2.84 8.24
CA HIS A 82 20.31 4.00 8.80
C HIS A 82 19.80 5.28 8.10
N SER A 83 19.41 6.23 8.92
CA SER A 83 18.90 7.49 8.40
C SER A 83 19.84 8.03 7.32
N ASP A 84 19.33 8.99 6.55
CA ASP A 84 20.10 9.58 5.49
C ASP A 84 20.46 8.51 4.46
N ALA A 85 20.04 8.76 3.22
CA ALA A 85 20.31 7.83 2.14
C ALA A 85 20.45 8.61 0.83
N SER A 86 20.83 7.87 -0.21
CA SER A 86 21.01 8.48 -1.52
C SER A 86 19.66 8.81 -2.13
N SER A 87 19.66 9.84 -2.98
CA SER A 87 18.43 10.26 -3.64
C SER A 87 18.77 11.27 -4.75
N GLY A 88 19.40 12.35 -4.34
CA GLY A 88 19.77 13.40 -5.28
C GLY A 88 20.25 12.80 -6.61
N PRO A 89 21.39 12.06 -6.53
CA PRO A 89 21.95 11.43 -7.71
C PRO A 89 21.13 10.20 -8.12
N SER A 90 21.14 9.93 -9.41
CA SER A 90 20.41 8.78 -9.94
C SER A 90 21.27 8.05 -10.98
N SER A 91 21.41 6.75 -10.77
CA SER A 91 22.19 5.94 -11.67
C SER A 91 23.67 6.28 -11.55
N GLY A 92 23.99 7.52 -11.90
CA GLY A 92 25.37 8.00 -11.83
C GLY A 92 25.81 8.18 -10.38
#